data_6QGS
#
_entry.id   6QGS
#
_cell.length_a   81.660
_cell.length_b   81.660
_cell.length_c   441.946
_cell.angle_alpha   90.00
_cell.angle_beta   90.00
_cell.angle_gamma   90.00
#
_symmetry.space_group_name_H-M   'P 41 21 2'
#
loop_
_entity.id
_entity.type
_entity.pdbx_description
1 polymer 'Acyl-protein thioesterase 1'
2 non-polymer 'PALMITIC ACID'
3 non-polymer 'CHLORIDE ION'
4 water water
#
_entity_poly.entity_id   1
_entity_poly.type   'polypeptide(L)'
_entity_poly.pdbx_seq_one_letter_code
;GSRMCGNNMSTPLPAIVPAARKATAAVIFLHGLGDTGHGWAEAFAGIRSSHIKYICPHAPVRPVTLNMNVAMPSWFDIIG
LSPDSQEDESGIKQAAENIKALIDQEVKNGIPSNRIILGGFSQGGALSLYTALTTQQKLAGVTALSCWLPLRASFPQGPI
GGANRDISILQCHGDCDPLVPLMFGSLTVEKLKTLVNPANVTFKTYEGMMHSSCQQEMMDVKQFIDKLLPPID
;
_entity_poly.pdbx_strand_id   B,D,A,C,E,F
#
loop_
_chem_comp.id
_chem_comp.type
_chem_comp.name
_chem_comp.formula
CL non-polymer 'CHLORIDE ION' 'Cl -1'
PLM non-polymer 'PALMITIC ACID' 'C16 H32 O2'
#
# COMPACT_ATOMS: atom_id res chain seq x y z
N ASN A 8 -19.14 28.00 6.92
CA ASN A 8 -17.84 27.56 6.42
C ASN A 8 -17.54 28.12 5.03
N MET A 9 -16.36 27.79 4.51
CA MET A 9 -15.87 28.43 3.29
C MET A 9 -16.58 27.89 2.05
N SER A 10 -16.59 28.71 1.01
CA SER A 10 -17.26 28.38 -0.24
C SER A 10 -16.30 27.65 -1.19
N THR A 11 -16.86 27.19 -2.31
CA THR A 11 -16.09 26.44 -3.31
C THR A 11 -15.40 27.41 -4.25
N PRO A 12 -14.08 27.54 -4.23
CA PRO A 12 -13.41 28.44 -5.17
C PRO A 12 -13.47 27.91 -6.58
N LEU A 13 -13.39 28.83 -7.54
CA LEU A 13 -13.45 28.45 -8.94
C LEU A 13 -12.20 27.66 -9.33
N PRO A 14 -12.34 26.67 -10.21
CA PRO A 14 -11.17 25.85 -10.57
C PRO A 14 -10.10 26.68 -11.25
N ALA A 15 -8.85 26.25 -11.09
CA ALA A 15 -7.77 26.83 -11.87
C ALA A 15 -7.87 26.34 -13.32
N ILE A 16 -7.76 27.27 -14.26
CA ILE A 16 -8.01 26.99 -15.66
C ILE A 16 -6.74 27.21 -16.47
N VAL A 17 -6.48 26.30 -17.40
CA VAL A 17 -5.53 26.56 -18.48
C VAL A 17 -6.35 26.68 -19.75
N PRO A 18 -6.71 27.89 -20.18
CA PRO A 18 -7.65 28.02 -21.30
C PRO A 18 -7.02 27.58 -22.61
N ALA A 19 -7.89 27.14 -23.53
CA ALA A 19 -7.46 26.74 -24.85
C ALA A 19 -7.13 27.96 -25.69
N ALA A 20 -6.08 27.84 -26.51
CA ALA A 20 -5.76 28.90 -27.46
C ALA A 20 -6.82 28.99 -28.54
N ARG A 21 -7.04 27.91 -29.27
CA ARG A 21 -8.10 27.85 -30.27
C ARG A 21 -9.39 27.36 -29.61
N LYS A 22 -10.43 27.18 -30.43
CA LYS A 22 -11.70 26.69 -29.94
C LYS A 22 -11.53 25.39 -29.19
N ALA A 23 -11.96 25.37 -27.93
CA ALA A 23 -11.81 24.19 -27.09
C ALA A 23 -12.73 23.09 -27.61
N THR A 24 -12.14 22.03 -28.16
CA THR A 24 -12.89 20.85 -28.58
C THR A 24 -12.66 19.66 -27.67
N ALA A 25 -11.73 19.77 -26.71
CA ALA A 25 -11.49 18.71 -25.74
C ALA A 25 -11.13 19.34 -24.41
N ALA A 26 -11.20 18.53 -23.35
CA ALA A 26 -10.93 19.05 -22.01
C ALA A 26 -10.26 17.98 -21.18
N VAL A 27 -9.39 18.43 -20.26
CA VAL A 27 -8.76 17.58 -19.26
C VAL A 27 -9.15 18.09 -17.88
N ILE A 28 -9.65 17.20 -17.04
CA ILE A 28 -10.02 17.51 -15.66
C ILE A 28 -9.07 16.74 -14.76
N PHE A 29 -8.22 17.47 -14.04
CA PHE A 29 -7.17 16.87 -13.22
C PHE A 29 -7.38 17.20 -11.75
N LEU A 30 -7.40 16.16 -10.91
CA LEU A 30 -7.64 16.31 -9.48
C LEU A 30 -6.32 16.24 -8.72
N HIS A 31 -6.04 17.25 -7.91
CA HIS A 31 -4.80 17.33 -7.18
C HIS A 31 -4.80 16.36 -6.00
N GLY A 32 -3.67 16.28 -5.31
CA GLY A 32 -3.48 15.36 -4.21
C GLY A 32 -3.71 16.01 -2.85
N LEU A 33 -3.40 15.24 -1.81
CA LEU A 33 -3.65 15.66 -0.44
C LEU A 33 -2.92 16.95 -0.11
N GLY A 34 -3.61 17.84 0.60
CA GLY A 34 -3.05 19.08 1.08
C GLY A 34 -2.81 20.16 0.05
N ASP A 35 -3.16 19.92 -1.21
CA ASP A 35 -2.81 20.81 -2.30
C ASP A 35 -4.03 21.62 -2.76
N THR A 36 -3.81 22.45 -3.77
CA THR A 36 -4.87 23.08 -4.54
C THR A 36 -4.68 22.68 -6.01
N GLY A 37 -5.49 23.26 -6.88
CA GLY A 37 -5.33 23.00 -8.29
C GLY A 37 -4.27 23.83 -8.99
N HIS A 38 -3.69 24.80 -8.27
CA HIS A 38 -2.85 25.80 -8.93
C HIS A 38 -1.53 25.21 -9.42
N GLY A 39 -0.93 24.31 -8.63
CA GLY A 39 0.34 23.74 -9.04
C GLY A 39 0.22 22.85 -10.26
N TRP A 40 -0.81 22.00 -10.29
CA TRP A 40 -1.01 21.13 -11.45
C TRP A 40 -1.52 21.92 -12.65
N ALA A 41 -2.18 23.05 -12.42
CA ALA A 41 -2.58 23.91 -13.52
C ALA A 41 -1.36 24.42 -14.27
N GLU A 42 -0.34 24.88 -13.55
CA GLU A 42 0.87 25.35 -14.20
C GLU A 42 1.70 24.20 -14.76
N ALA A 43 1.51 22.98 -14.25
CA ALA A 43 2.16 21.83 -14.85
C ALA A 43 1.53 21.46 -16.19
N PHE A 44 0.20 21.37 -16.22
CA PHE A 44 -0.48 21.00 -17.45
C PHE A 44 -0.38 22.09 -18.51
N ALA A 45 -0.22 23.35 -18.09
CA ALA A 45 0.01 24.42 -19.05
C ALA A 45 1.31 24.23 -19.81
N GLY A 46 2.29 23.56 -19.18
CA GLY A 46 3.58 23.34 -19.81
C GLY A 46 3.58 22.28 -20.91
N ILE A 47 2.48 21.55 -21.07
CA ILE A 47 2.38 20.52 -22.11
C ILE A 47 1.07 20.70 -22.87
N ARG A 48 0.56 21.92 -22.89
CA ARG A 48 -0.79 22.16 -23.39
C ARG A 48 -0.84 22.09 -24.91
N SER A 49 -2.03 21.79 -25.42
CA SER A 49 -2.32 21.77 -26.84
C SER A 49 -3.40 22.80 -27.16
N SER A 50 -3.40 23.25 -28.42
CA SER A 50 -4.18 24.44 -28.80
C SER A 50 -5.66 24.27 -28.50
N HIS A 51 -6.21 23.07 -28.73
CA HIS A 51 -7.65 22.85 -28.71
C HIS A 51 -8.14 22.25 -27.41
N ILE A 52 -7.30 22.21 -26.36
CA ILE A 52 -7.65 21.52 -25.12
C ILE A 52 -7.78 22.53 -23.99
N LYS A 53 -8.84 22.38 -23.21
CA LYS A 53 -9.08 23.14 -22.00
C LYS A 53 -8.70 22.27 -20.81
N TYR A 54 -7.93 22.83 -19.87
CA TYR A 54 -7.45 22.07 -18.72
C TYR A 54 -8.04 22.64 -17.45
N ILE A 55 -8.86 21.84 -16.76
CA ILE A 55 -9.52 22.25 -15.52
C ILE A 55 -8.90 21.48 -14.36
N CYS A 56 -8.59 22.19 -13.28
CA CYS A 56 -8.03 21.60 -12.07
C CYS A 56 -8.83 22.10 -10.87
N PRO A 57 -9.91 21.42 -10.50
CA PRO A 57 -10.73 21.87 -9.38
C PRO A 57 -10.00 21.74 -8.06
N HIS A 58 -10.47 22.50 -7.07
CA HIS A 58 -9.86 22.55 -5.75
C HIS A 58 -10.62 21.66 -4.78
N ALA A 59 -9.90 21.01 -3.93
CA ALA A 59 -10.59 20.20 -2.94
C ALA A 59 -10.93 21.04 -1.71
N PRO A 60 -12.05 20.76 -1.05
CA PRO A 60 -12.39 21.50 0.16
C PRO A 60 -11.44 21.14 1.30
N VAL A 61 -11.21 22.13 2.16
CA VAL A 61 -10.44 21.86 3.38
C VAL A 61 -11.32 21.11 4.37
N ARG A 62 -10.82 19.99 4.87
CA ARG A 62 -11.61 19.15 5.76
C ARG A 62 -10.66 18.35 6.65
N PRO A 63 -11.12 17.94 7.83
CA PRO A 63 -10.26 17.14 8.71
C PRO A 63 -9.93 15.78 8.12
N VAL A 64 -8.70 15.33 8.36
CA VAL A 64 -8.19 14.07 7.81
C VAL A 64 -7.89 13.13 8.97
N THR A 65 -8.60 12.00 9.01
CA THR A 65 -8.45 11.04 10.10
C THR A 65 -7.03 10.53 10.23
N LEU A 66 -6.31 10.38 9.11
CA LEU A 66 -4.96 9.84 9.16
C LEU A 66 -4.04 10.71 10.01
N ASN A 67 -4.20 12.03 9.93
CA ASN A 67 -3.33 12.94 10.65
C ASN A 67 -4.07 13.66 11.77
N MET A 68 -4.74 12.90 12.63
CA MET A 68 -5.40 13.44 13.82
C MET A 68 -6.44 14.50 13.48
N ASN A 69 -7.17 14.27 12.40
CA ASN A 69 -8.25 15.17 11.96
C ASN A 69 -7.79 16.60 11.74
N VAL A 70 -6.49 16.80 11.48
CA VAL A 70 -6.00 18.12 11.12
C VAL A 70 -6.54 18.49 9.75
N ALA A 71 -7.17 19.66 9.67
CA ALA A 71 -7.86 20.04 8.45
C ALA A 71 -6.88 20.44 7.35
N MET A 72 -7.18 20.02 6.13
CA MET A 72 -6.40 20.37 4.95
C MET A 72 -7.20 19.94 3.72
N PRO A 73 -6.86 20.46 2.54
CA PRO A 73 -7.55 20.03 1.33
C PRO A 73 -7.53 18.51 1.15
N SER A 74 -8.71 17.91 1.03
CA SER A 74 -8.84 16.47 0.88
C SER A 74 -10.14 16.16 0.15
N TRP A 75 -10.04 15.34 -0.90
CA TRP A 75 -11.23 14.96 -1.64
C TRP A 75 -12.16 14.07 -0.83
N PHE A 76 -11.62 13.36 0.15
CA PHE A 76 -12.37 12.47 1.02
C PHE A 76 -11.44 12.10 2.18
N ASP A 77 -12.01 11.46 3.20
CA ASP A 77 -11.22 11.12 4.36
C ASP A 77 -10.21 10.01 4.04
N ILE A 78 -9.03 10.11 4.63
CA ILE A 78 -8.00 9.10 4.55
C ILE A 78 -7.81 8.51 5.94
N ILE A 79 -7.98 7.20 6.07
CA ILE A 79 -7.94 6.56 7.38
C ILE A 79 -6.66 5.76 7.53
N GLY A 80 -6.13 5.25 6.41
CA GLY A 80 -4.91 4.48 6.45
C GLY A 80 -4.17 4.55 5.13
N LEU A 81 -2.92 4.09 5.16
CA LEU A 81 -2.03 4.13 4.00
C LEU A 81 -1.75 2.75 3.43
N SER A 82 -2.58 1.76 3.73
CA SER A 82 -2.34 0.39 3.31
C SER A 82 -3.50 -0.14 2.49
N PRO A 83 -3.26 -1.13 1.62
CA PRO A 83 -4.38 -1.73 0.87
C PRO A 83 -5.42 -2.40 1.75
N ASP A 84 -5.08 -2.77 2.97
CA ASP A 84 -6.03 -3.36 3.91
C ASP A 84 -6.73 -2.33 4.78
N SER A 85 -6.41 -1.05 4.60
CA SER A 85 -6.94 0.00 5.45
C SER A 85 -8.42 0.23 5.18
N GLN A 86 -9.12 0.77 6.18
CA GLN A 86 -10.49 1.20 5.99
C GLN A 86 -10.52 2.37 5.00
N GLU A 87 -11.62 2.45 4.25
CA GLU A 87 -11.80 3.52 3.28
C GLU A 87 -13.07 4.30 3.60
N ASP A 88 -13.09 5.57 3.16
CA ASP A 88 -14.24 6.44 3.34
C ASP A 88 -15.21 6.19 2.19
N GLU A 89 -16.03 5.16 2.35
CA GLU A 89 -16.95 4.76 1.29
C GLU A 89 -17.96 5.87 1.01
N SER A 90 -18.57 6.43 2.06
CA SER A 90 -19.52 7.52 1.87
C SER A 90 -18.89 8.71 1.17
N GLY A 91 -17.68 9.10 1.60
CA GLY A 91 -17.07 10.30 1.05
C GLY A 91 -16.58 10.11 -0.37
N ILE A 92 -16.04 8.94 -0.69
CA ILE A 92 -15.58 8.67 -2.05
C ILE A 92 -16.76 8.73 -3.02
N LYS A 93 -17.87 8.09 -2.66
CA LYS A 93 -19.06 8.14 -3.49
C LYS A 93 -19.58 9.56 -3.63
N GLN A 94 -19.62 10.30 -2.51
CA GLN A 94 -20.12 11.68 -2.55
C GLN A 94 -19.21 12.56 -3.39
N ALA A 95 -17.90 12.44 -3.22
CA ALA A 95 -16.97 13.21 -4.05
C ALA A 95 -17.05 12.78 -5.51
N ALA A 96 -17.36 11.51 -5.77
CA ALA A 96 -17.51 11.06 -7.15
C ALA A 96 -18.64 11.79 -7.86
N GLU A 97 -19.72 12.08 -7.13
CA GLU A 97 -20.83 12.81 -7.73
C GLU A 97 -20.47 14.26 -8.04
N ASN A 98 -19.63 14.88 -7.20
CA ASN A 98 -19.16 16.22 -7.51
C ASN A 98 -18.36 16.25 -8.81
N ILE A 99 -17.47 15.27 -8.98
CA ILE A 99 -16.69 15.19 -10.22
C ILE A 99 -17.60 14.95 -11.42
N LYS A 100 -18.57 14.05 -11.27
CA LYS A 100 -19.57 13.86 -12.32
C LYS A 100 -20.28 15.16 -12.64
N ALA A 101 -20.62 15.95 -11.62
CA ALA A 101 -21.27 17.23 -11.84
C ALA A 101 -20.35 18.22 -12.53
N LEU A 102 -19.03 18.08 -12.34
CA LEU A 102 -18.10 18.96 -13.02
C LEU A 102 -17.90 18.57 -14.48
N ILE A 103 -17.96 17.27 -14.78
CA ILE A 103 -17.91 16.83 -16.17
C ILE A 103 -19.14 17.33 -16.92
N ASP A 104 -20.29 17.33 -16.24
CA ASP A 104 -21.53 17.79 -16.88
C ASP A 104 -21.53 19.30 -17.11
N GLN A 105 -20.74 20.07 -16.36
CA GLN A 105 -20.70 21.49 -16.59
C GLN A 105 -19.89 21.84 -17.84
N GLU A 106 -19.04 20.93 -18.32
CA GLU A 106 -18.28 21.18 -19.53
C GLU A 106 -18.98 20.65 -20.79
N VAL A 107 -19.90 19.68 -20.65
CA VAL A 107 -20.61 19.20 -21.82
C VAL A 107 -21.67 20.18 -22.29
N LYS A 108 -22.08 21.11 -21.44
CA LYS A 108 -22.98 22.19 -21.84
C LYS A 108 -22.23 23.44 -22.26
N ASN A 109 -20.90 23.43 -22.15
CA ASN A 109 -20.03 24.40 -22.80
C ASN A 109 -19.68 23.99 -24.23
N GLY A 110 -20.27 22.91 -24.73
CA GLY A 110 -20.01 22.46 -26.07
C GLY A 110 -18.92 21.43 -26.21
N ILE A 111 -18.60 20.70 -25.14
CA ILE A 111 -17.56 19.68 -25.16
C ILE A 111 -18.16 18.37 -24.67
N PRO A 112 -18.51 17.46 -25.59
CA PRO A 112 -19.10 16.18 -25.17
C PRO A 112 -18.14 15.38 -24.28
N SER A 113 -18.74 14.56 -23.42
CA SER A 113 -17.96 13.82 -22.42
C SER A 113 -16.93 12.91 -23.07
N ASN A 114 -17.23 12.37 -24.25
CA ASN A 114 -16.29 11.48 -24.93
C ASN A 114 -15.06 12.20 -25.45
N ARG A 115 -14.95 13.51 -25.22
CA ARG A 115 -13.76 14.29 -25.54
C ARG A 115 -13.16 14.89 -24.28
N ILE A 116 -13.24 14.16 -23.17
CA ILE A 116 -12.80 14.63 -21.86
C ILE A 116 -11.97 13.54 -21.21
N ILE A 117 -10.79 13.89 -20.72
CA ILE A 117 -9.93 12.98 -19.98
C ILE A 117 -10.00 13.37 -18.51
N LEU A 118 -10.22 12.39 -17.65
CA LEU A 118 -10.34 12.59 -16.21
C LEU A 118 -9.12 11.99 -15.54
N GLY A 119 -8.33 12.84 -14.88
CA GLY A 119 -7.07 12.41 -14.28
C GLY A 119 -6.88 13.00 -12.89
N GLY A 120 -5.77 12.60 -12.28
CA GLY A 120 -5.48 13.09 -10.94
C GLY A 120 -4.21 12.47 -10.39
N PHE A 121 -3.74 13.06 -9.30
CA PHE A 121 -2.52 12.64 -8.60
C PHE A 121 -2.88 12.16 -7.21
N SER A 122 -2.37 10.99 -6.83
CA SER A 122 -2.56 10.41 -5.49
C SER A 122 -4.05 10.26 -5.24
N GLN A 123 -4.58 10.72 -4.09
CA GLN A 123 -6.01 10.59 -3.83
C GLN A 123 -6.83 11.29 -4.92
N GLY A 124 -6.26 12.28 -5.59
CA GLY A 124 -6.92 12.83 -6.77
C GLY A 124 -7.04 11.82 -7.88
N GLY A 125 -5.97 11.05 -8.12
CA GLY A 125 -6.03 10.00 -9.12
C GLY A 125 -6.98 8.88 -8.73
N ALA A 126 -7.00 8.55 -7.44
CA ALA A 126 -7.89 7.49 -6.96
C ALA A 126 -9.35 7.85 -7.22
N LEU A 127 -9.71 9.12 -7.01
CA LEU A 127 -11.07 9.56 -7.29
C LEU A 127 -11.36 9.50 -8.78
N SER A 128 -10.37 9.78 -9.62
CA SER A 128 -10.56 9.70 -11.06
C SER A 128 -10.90 8.28 -11.49
N LEU A 129 -10.16 7.30 -10.98
CA LEU A 129 -10.40 5.91 -11.35
C LEU A 129 -11.79 5.46 -10.91
N TYR A 130 -12.16 5.77 -9.66
CA TYR A 130 -13.48 5.35 -9.18
C TYR A 130 -14.59 6.04 -9.96
N THR A 131 -14.44 7.34 -10.23
CA THR A 131 -15.48 8.06 -10.96
C THR A 131 -15.62 7.54 -12.38
N ALA A 132 -14.49 7.31 -13.06
CA ALA A 132 -14.54 6.83 -14.43
C ALA A 132 -15.19 5.46 -14.53
N LEU A 133 -14.86 4.57 -13.59
CA LEU A 133 -15.35 3.19 -13.62
C LEU A 133 -16.76 3.05 -13.07
N THR A 134 -17.38 4.12 -12.60
CA THR A 134 -18.75 4.04 -12.08
C THR A 134 -19.73 4.95 -12.80
N THR A 135 -19.30 6.09 -13.31
CA THR A 135 -20.19 6.96 -14.06
C THR A 135 -20.61 6.29 -15.36
N GLN A 136 -21.74 6.73 -15.89
CA GLN A 136 -22.22 6.28 -17.19
C GLN A 136 -22.00 7.30 -18.29
N GLN A 137 -21.28 8.38 -17.99
CA GLN A 137 -20.81 9.29 -19.03
C GLN A 137 -19.57 8.70 -19.69
N LYS A 138 -19.66 8.43 -20.99
CA LYS A 138 -18.52 7.90 -21.73
C LYS A 138 -17.41 8.94 -21.76
N LEU A 139 -16.22 8.56 -21.31
CA LEU A 139 -15.08 9.46 -21.27
C LEU A 139 -13.99 8.97 -22.23
N ALA A 140 -13.00 9.82 -22.42
CA ALA A 140 -11.93 9.55 -23.38
C ALA A 140 -10.76 8.80 -22.79
N GLY A 141 -10.50 8.95 -21.50
CA GLY A 141 -9.36 8.29 -20.89
C GLY A 141 -9.16 8.77 -19.47
N VAL A 142 -8.21 8.12 -18.80
CA VAL A 142 -7.87 8.42 -17.43
C VAL A 142 -6.35 8.46 -17.30
N THR A 143 -5.82 9.56 -16.74
CA THR A 143 -4.42 9.67 -16.38
C THR A 143 -4.35 9.56 -14.86
N ALA A 144 -3.91 8.40 -14.37
CA ALA A 144 -3.88 8.10 -12.94
C ALA A 144 -2.43 8.11 -12.48
N LEU A 145 -2.05 9.12 -11.70
CA LEU A 145 -0.66 9.35 -11.32
C LEU A 145 -0.45 9.02 -9.85
N SER A 146 0.42 8.05 -9.58
CA SER A 146 0.84 7.68 -8.23
C SER A 146 -0.36 7.48 -7.30
N CYS A 147 -1.35 6.75 -7.80
CA CYS A 147 -2.61 6.62 -7.09
C CYS A 147 -2.94 5.17 -6.77
N TRP A 148 -4.22 4.89 -6.54
CA TRP A 148 -4.71 3.55 -6.31
C TRP A 148 -6.18 3.49 -6.69
N LEU A 149 -6.76 2.30 -6.61
CA LEU A 149 -8.19 2.15 -6.88
C LEU A 149 -8.93 2.03 -5.56
N PRO A 150 -9.76 3.01 -5.19
CA PRO A 150 -10.51 2.89 -3.94
C PRO A 150 -11.71 1.97 -4.09
N LEU A 151 -12.10 1.37 -2.97
CA LEU A 151 -13.28 0.50 -2.88
C LEU A 151 -13.21 -0.65 -3.89
N ARG A 152 -12.01 -1.16 -4.14
CA ARG A 152 -11.85 -2.21 -5.15
C ARG A 152 -12.69 -3.44 -4.84
N ALA A 153 -12.94 -3.71 -3.56
CA ALA A 153 -13.74 -4.87 -3.19
C ALA A 153 -15.19 -4.74 -3.61
N SER A 154 -15.66 -3.53 -3.91
CA SER A 154 -17.04 -3.30 -4.29
C SER A 154 -17.30 -3.50 -5.78
N PHE A 155 -16.26 -3.81 -6.55
CA PHE A 155 -16.45 -4.09 -7.97
C PHE A 155 -16.62 -5.59 -8.18
N PRO A 156 -17.67 -6.02 -8.90
CA PRO A 156 -17.79 -7.43 -9.25
C PRO A 156 -16.59 -7.89 -10.07
N GLN A 157 -16.46 -9.21 -10.21
CA GLN A 157 -15.20 -9.79 -10.68
C GLN A 157 -15.06 -9.83 -12.18
N GLY A 158 -16.12 -9.58 -12.95
CA GLY A 158 -16.01 -9.59 -14.40
C GLY A 158 -15.70 -8.21 -14.94
N PRO A 159 -15.86 -8.03 -16.25
CA PRO A 159 -15.82 -6.67 -16.81
C PRO A 159 -16.94 -5.84 -16.22
N ILE A 160 -16.72 -4.52 -16.15
CA ILE A 160 -17.75 -3.65 -15.58
C ILE A 160 -18.89 -3.48 -16.57
N GLY A 161 -18.60 -3.46 -17.87
CA GLY A 161 -19.61 -3.23 -18.88
C GLY A 161 -20.22 -1.84 -18.79
N GLY A 162 -21.05 -1.49 -19.76
CA GLY A 162 -21.66 -0.19 -19.81
C GLY A 162 -20.96 0.76 -20.74
N ALA A 163 -21.18 2.06 -20.49
CA ALA A 163 -20.67 3.09 -21.38
C ALA A 163 -19.14 3.13 -21.39
N ASN A 164 -18.51 2.79 -20.28
CA ASN A 164 -17.06 2.92 -20.14
C ASN A 164 -16.46 1.53 -19.94
N ARG A 165 -16.45 0.73 -21.00
CA ARG A 165 -15.88 -0.62 -20.95
C ARG A 165 -14.48 -0.70 -21.55
N ASP A 166 -14.18 0.15 -22.54
CA ASP A 166 -12.89 0.11 -23.23
C ASP A 166 -12.15 1.44 -23.09
N ILE A 167 -12.29 2.10 -21.95
CA ILE A 167 -11.60 3.37 -21.73
C ILE A 167 -10.10 3.13 -21.65
N SER A 168 -9.33 4.11 -22.14
CA SER A 168 -7.89 4.06 -22.02
C SER A 168 -7.46 4.59 -20.66
N ILE A 169 -6.50 3.92 -20.05
CA ILE A 169 -5.98 4.32 -18.75
C ILE A 169 -4.47 4.33 -18.82
N LEU A 170 -3.87 5.45 -18.41
CA LEU A 170 -2.43 5.58 -18.26
C LEU A 170 -2.14 5.75 -16.77
N GLN A 171 -1.53 4.74 -16.16
CA GLN A 171 -1.15 4.78 -14.76
C GLN A 171 0.35 4.94 -14.65
N CYS A 172 0.78 5.93 -13.86
CA CYS A 172 2.17 6.24 -13.64
C CYS A 172 2.50 6.17 -12.16
N HIS A 173 3.72 5.78 -11.84
CA HIS A 173 4.12 5.58 -10.45
C HIS A 173 5.64 5.57 -10.37
N GLY A 174 6.16 6.03 -9.24
CA GLY A 174 7.58 5.97 -8.95
C GLY A 174 7.89 4.79 -8.04
N ASP A 175 9.10 4.25 -8.19
CA ASP A 175 9.47 3.04 -7.45
C ASP A 175 10.12 3.35 -6.11
N CYS A 176 10.20 4.62 -5.72
CA CYS A 176 10.71 5.02 -4.42
C CYS A 176 9.68 5.80 -3.62
N ASP A 177 8.43 5.83 -4.07
CA ASP A 177 7.32 6.52 -3.42
C ASP A 177 7.15 6.01 -2.00
N PRO A 178 7.38 6.86 -0.99
CA PRO A 178 7.22 6.43 0.40
C PRO A 178 5.82 6.59 0.96
N LEU A 179 4.92 7.28 0.26
CA LEU A 179 3.56 7.53 0.75
C LEU A 179 2.53 6.61 0.12
N VAL A 180 2.48 6.55 -1.21
CA VAL A 180 1.66 5.58 -1.91
C VAL A 180 2.61 4.62 -2.62
N PRO A 181 2.94 3.49 -2.03
CA PRO A 181 4.03 2.65 -2.56
C PRO A 181 3.68 2.06 -3.92
N LEU A 182 4.74 1.68 -4.64
CA LEU A 182 4.57 1.07 -5.96
C LEU A 182 3.64 -0.13 -5.91
N MET A 183 3.74 -0.93 -4.85
CA MET A 183 2.91 -2.14 -4.74
C MET A 183 1.43 -1.79 -4.81
N PHE A 184 1.02 -0.67 -4.21
CA PHE A 184 -0.38 -0.29 -4.27
C PHE A 184 -0.80 0.09 -5.68
N GLY A 185 0.11 0.66 -6.47
CA GLY A 185 -0.20 0.94 -7.86
C GLY A 185 -0.27 -0.32 -8.70
N SER A 186 0.61 -1.29 -8.44
CA SER A 186 0.59 -2.54 -9.18
C SER A 186 -0.67 -3.35 -8.86
N LEU A 187 -1.05 -3.40 -7.57
CA LEU A 187 -2.30 -4.04 -7.20
C LEU A 187 -3.47 -3.39 -7.93
N THR A 188 -3.40 -2.07 -8.13
CA THR A 188 -4.48 -1.34 -8.77
C THR A 188 -4.59 -1.70 -10.25
N VAL A 189 -3.48 -1.62 -10.98
CA VAL A 189 -3.52 -1.85 -12.42
C VAL A 189 -3.84 -3.31 -12.74
N GLU A 190 -3.50 -4.22 -11.83
CA GLU A 190 -3.85 -5.62 -12.06
C GLU A 190 -5.36 -5.83 -11.91
N LYS A 191 -5.99 -5.13 -10.96
CA LYS A 191 -7.44 -5.18 -10.85
C LYS A 191 -8.10 -4.42 -12.00
N LEU A 192 -7.47 -3.36 -12.49
CA LEU A 192 -8.01 -2.63 -13.63
C LEU A 192 -8.03 -3.49 -14.88
N LYS A 193 -7.02 -4.36 -15.05
CA LYS A 193 -6.94 -5.18 -16.25
C LYS A 193 -8.08 -6.19 -16.35
N THR A 194 -8.75 -6.49 -15.24
CA THR A 194 -9.89 -7.40 -15.25
C THR A 194 -11.23 -6.68 -15.33
N LEU A 195 -11.26 -5.37 -15.15
CA LEU A 195 -12.48 -4.59 -15.21
C LEU A 195 -12.72 -3.98 -16.59
N VAL A 196 -11.66 -3.52 -17.25
CA VAL A 196 -11.73 -2.97 -18.59
C VAL A 196 -10.75 -3.71 -19.47
N ASN A 197 -10.95 -3.59 -20.78
CA ASN A 197 -10.09 -4.22 -21.80
C ASN A 197 -8.64 -3.89 -21.51
N PRO A 198 -7.83 -4.90 -21.15
CA PRO A 198 -6.43 -4.62 -20.76
C PRO A 198 -5.56 -4.08 -21.89
N ALA A 199 -6.01 -4.16 -23.14
CA ALA A 199 -5.20 -3.67 -24.25
C ALA A 199 -5.04 -2.16 -24.23
N ASN A 200 -5.95 -1.44 -23.58
CA ASN A 200 -5.91 0.01 -23.51
C ASN A 200 -5.41 0.51 -22.15
N VAL A 201 -4.73 -0.35 -21.39
CA VAL A 201 -4.23 0.00 -20.06
C VAL A 201 -2.70 -0.06 -20.10
N THR A 202 -2.07 1.07 -19.79
CA THR A 202 -0.61 1.19 -19.83
C THR A 202 -0.10 1.62 -18.47
N PHE A 203 0.86 0.87 -17.95
CA PHE A 203 1.48 1.15 -16.66
C PHE A 203 2.93 1.56 -16.88
N LYS A 204 3.32 2.71 -16.31
CA LYS A 204 4.66 3.24 -16.49
C LYS A 204 5.31 3.50 -15.14
N THR A 205 6.52 2.98 -14.97
CA THR A 205 7.28 3.07 -13.73
C THR A 205 8.44 4.03 -13.93
N TYR A 206 8.65 4.93 -12.97
CA TYR A 206 9.70 5.93 -13.05
C TYR A 206 10.72 5.66 -11.96
N GLU A 207 11.91 5.22 -12.37
CA GLU A 207 12.95 4.86 -11.42
C GLU A 207 13.53 6.12 -10.78
N GLY A 208 13.64 6.11 -9.46
CA GLY A 208 14.19 7.23 -8.72
C GLY A 208 13.19 8.29 -8.33
N MET A 209 11.98 8.25 -8.87
CA MET A 209 10.94 9.20 -8.49
C MET A 209 10.26 8.74 -7.20
N MET A 210 9.86 9.70 -6.39
CA MET A 210 9.13 9.40 -5.16
C MET A 210 7.67 9.82 -5.32
N HIS A 211 7.07 10.40 -4.28
CA HIS A 211 5.67 10.82 -4.38
C HIS A 211 5.59 12.23 -4.96
N SER A 212 5.95 12.32 -6.24
CA SER A 212 5.93 13.59 -6.95
C SER A 212 5.80 13.28 -8.46
N SER A 213 6.16 14.24 -9.29
CA SER A 213 6.12 14.07 -10.74
C SER A 213 7.51 14.28 -11.32
N CYS A 214 7.76 13.67 -12.47
CA CYS A 214 9.01 13.86 -13.19
C CYS A 214 8.71 14.51 -14.53
N GLN A 215 9.77 14.96 -15.20
CA GLN A 215 9.59 15.54 -16.52
C GLN A 215 9.19 14.47 -17.53
N GLN A 216 9.80 13.29 -17.42
CA GLN A 216 9.46 12.19 -18.32
C GLN A 216 8.00 11.77 -18.17
N GLU A 217 7.44 11.88 -16.97
CA GLU A 217 6.05 11.52 -16.76
C GLU A 217 5.12 12.48 -17.49
N MET A 218 5.35 13.78 -17.34
CA MET A 218 4.56 14.76 -18.08
C MET A 218 4.63 14.52 -19.58
N MET A 219 5.81 14.18 -20.08
CA MET A 219 5.95 13.85 -21.49
C MET A 219 5.07 12.66 -21.86
N ASP A 220 5.03 11.63 -21.01
CA ASP A 220 4.17 10.48 -21.28
C ASP A 220 2.70 10.84 -21.11
N VAL A 221 2.37 11.73 -20.18
CA VAL A 221 1.00 12.18 -20.04
C VAL A 221 0.58 12.98 -21.28
N LYS A 222 1.49 13.80 -21.82
CA LYS A 222 1.17 14.57 -23.01
C LYS A 222 0.94 13.67 -24.22
N GLN A 223 1.84 12.70 -24.43
CA GLN A 223 1.67 11.76 -25.53
C GLN A 223 0.36 11.00 -25.41
N PHE A 224 -0.08 10.73 -24.18
CA PHE A 224 -1.33 10.01 -23.96
C PHE A 224 -2.53 10.88 -24.29
N ILE A 225 -2.50 12.15 -23.86
CA ILE A 225 -3.61 13.06 -24.13
C ILE A 225 -3.68 13.40 -25.62
N ASP A 226 -2.53 13.65 -26.24
CA ASP A 226 -2.51 13.96 -27.67
C ASP A 226 -3.09 12.82 -28.50
N LYS A 227 -2.73 11.58 -28.18
CA LYS A 227 -3.22 10.43 -28.93
C LYS A 227 -4.74 10.32 -28.84
N LEU A 228 -5.31 10.58 -27.66
CA LEU A 228 -6.72 10.33 -27.42
C LEU A 228 -7.60 11.52 -27.73
N LEU A 229 -7.05 12.72 -27.80
CA LEU A 229 -7.81 13.95 -28.08
C LEU A 229 -7.13 14.73 -29.20
N PRO A 230 -7.11 14.18 -30.41
CA PRO A 230 -6.43 14.87 -31.52
C PRO A 230 -7.27 16.04 -32.01
N PRO A 231 -6.68 16.93 -32.82
CA PRO A 231 -7.42 18.10 -33.30
C PRO A 231 -8.60 17.71 -34.19
N ILE A 232 -9.46 18.70 -34.42
CA ILE A 232 -10.67 18.57 -35.24
C ILE A 232 -11.52 17.40 -34.77
N PRO B 12 -13.03 30.28 27.56
CA PRO B 12 -14.03 29.24 27.25
C PRO B 12 -14.53 29.32 25.81
N LEU B 13 -15.52 28.51 25.47
CA LEU B 13 -16.00 28.37 24.10
C LEU B 13 -17.32 29.08 23.92
N PRO B 14 -17.48 29.89 22.87
CA PRO B 14 -18.71 30.67 22.70
C PRO B 14 -19.94 29.78 22.53
N ALA B 15 -21.08 30.31 22.96
CA ALA B 15 -22.36 29.67 22.70
C ALA B 15 -22.76 29.93 21.26
N ILE B 16 -23.12 28.87 20.53
CA ILE B 16 -23.37 28.94 19.11
C ILE B 16 -24.80 28.51 18.82
N VAL B 17 -25.48 29.26 17.95
CA VAL B 17 -26.68 28.76 17.28
C VAL B 17 -26.28 28.53 15.83
N PRO B 18 -26.05 27.28 15.42
CA PRO B 18 -25.50 27.03 14.08
C PRO B 18 -26.55 27.26 13.00
N ALA B 19 -26.06 27.29 11.76
CA ALA B 19 -26.97 27.34 10.62
C ALA B 19 -27.76 26.05 10.53
N ALA B 20 -29.07 26.15 10.32
CA ALA B 20 -29.97 25.02 10.41
C ALA B 20 -30.37 24.53 9.03
N ARG B 21 -30.53 23.21 8.92
CA ARG B 21 -31.09 22.61 7.72
C ARG B 21 -32.03 21.48 8.14
N LYS B 22 -32.82 21.01 7.18
CA LYS B 22 -33.76 19.93 7.44
C LYS B 22 -33.04 18.58 7.41
N ALA B 23 -33.24 17.78 8.45
CA ALA B 23 -32.65 16.45 8.49
C ALA B 23 -33.51 15.49 7.68
N THR B 24 -32.85 14.62 6.92
CA THR B 24 -33.53 13.59 6.15
C THR B 24 -33.37 12.20 6.76
N ALA B 25 -32.59 12.07 7.82
CA ALA B 25 -32.39 10.80 8.50
C ALA B 25 -32.03 11.08 9.95
N ALA B 26 -32.16 10.06 10.79
CA ALA B 26 -31.91 10.22 12.21
C ALA B 26 -31.23 8.98 12.78
N VAL B 27 -30.50 9.18 13.88
CA VAL B 27 -29.93 8.11 14.69
C VAL B 27 -30.27 8.39 16.13
N ILE B 28 -30.81 7.37 16.81
CA ILE B 28 -31.17 7.47 18.23
C ILE B 28 -30.30 6.49 19.00
N PHE B 29 -29.39 7.01 19.81
CA PHE B 29 -28.44 6.20 20.55
C PHE B 29 -28.72 6.29 22.04
N LEU B 30 -28.68 5.13 22.71
CA LEU B 30 -29.04 5.03 24.12
C LEU B 30 -27.79 4.72 24.93
N HIS B 31 -27.48 5.56 25.91
CA HIS B 31 -26.26 5.42 26.67
C HIS B 31 -26.37 4.23 27.64
N GLY B 32 -25.22 3.88 28.23
CA GLY B 32 -25.15 2.81 29.20
C GLY B 32 -25.42 3.29 30.61
N LEU B 33 -25.13 2.40 31.57
CA LEU B 33 -25.43 2.67 32.98
C LEU B 33 -24.69 3.91 33.47
N GLY B 34 -25.39 4.75 34.23
CA GLY B 34 -24.80 5.87 34.92
C GLY B 34 -24.46 7.07 34.06
N ASP B 35 -24.57 6.96 32.74
CA ASP B 35 -24.17 8.04 31.84
C ASP B 35 -25.37 8.94 31.54
N THR B 36 -25.09 10.00 30.78
CA THR B 36 -26.11 10.80 30.10
C THR B 36 -25.85 10.71 28.59
N GLY B 37 -26.74 11.31 27.82
CA GLY B 37 -26.55 11.32 26.39
C GLY B 37 -25.51 12.29 25.88
N HIS B 38 -24.91 13.09 26.77
CA HIS B 38 -24.02 14.16 26.33
C HIS B 38 -22.69 13.61 25.82
N GLY B 39 -22.14 12.61 26.51
CA GLY B 39 -20.88 12.03 26.06
C GLY B 39 -21.00 11.36 24.70
N TRP B 40 -22.06 10.57 24.50
CA TRP B 40 -22.25 9.90 23.22
C TRP B 40 -22.64 10.89 22.12
N ALA B 41 -23.32 11.98 22.47
CA ALA B 41 -23.61 13.01 21.48
C ALA B 41 -22.33 13.67 20.98
N GLU B 42 -21.38 13.96 21.88
CA GLU B 42 -20.09 14.49 21.46
C GLU B 42 -19.36 13.48 20.58
N ALA B 43 -19.51 12.19 20.88
CA ALA B 43 -18.88 11.16 20.06
C ALA B 43 -19.47 11.14 18.66
N PHE B 44 -20.79 11.23 18.54
CA PHE B 44 -21.42 11.17 17.23
C PHE B 44 -21.19 12.45 16.43
N ALA B 45 -20.91 13.57 17.10
CA ALA B 45 -20.55 14.78 16.38
C ALA B 45 -19.22 14.63 15.66
N GLY B 46 -18.30 13.82 16.20
CA GLY B 46 -17.02 13.60 15.57
C GLY B 46 -17.09 12.73 14.32
N ILE B 47 -18.17 11.97 14.16
CA ILE B 47 -18.41 11.18 12.95
C ILE B 47 -19.67 11.66 12.23
N ARG B 48 -20.05 12.91 12.44
CA ARG B 48 -21.31 13.46 11.95
C ARG B 48 -21.41 13.37 10.43
N SER B 49 -22.63 13.11 9.95
CA SER B 49 -23.00 13.31 8.55
C SER B 49 -24.04 14.41 8.49
N SER B 50 -23.83 15.38 7.60
CA SER B 50 -24.53 16.66 7.70
C SER B 50 -26.03 16.57 7.45
N HIS B 51 -26.53 15.47 6.89
CA HIS B 51 -27.97 15.33 6.68
C HIS B 51 -28.66 14.51 7.76
N ILE B 52 -27.92 14.03 8.76
CA ILE B 52 -28.44 13.11 9.76
C ILE B 52 -28.53 13.84 11.10
N LYS B 53 -29.65 13.65 11.79
CA LYS B 53 -29.88 14.18 13.13
C LYS B 53 -29.62 13.07 14.13
N TYR B 54 -28.74 13.34 15.10
CA TYR B 54 -28.35 12.35 16.10
C TYR B 54 -28.96 12.73 17.44
N ILE B 55 -29.77 11.84 18.00
CA ILE B 55 -30.53 12.09 19.22
C ILE B 55 -30.03 11.15 20.31
N CYS B 56 -29.64 11.73 21.45
CA CYS B 56 -29.13 10.96 22.58
C CYS B 56 -29.97 11.26 23.81
N PRO B 57 -31.07 10.53 24.02
CA PRO B 57 -31.91 10.78 25.19
C PRO B 57 -31.21 10.43 26.49
N HIS B 58 -31.74 10.98 27.59
CA HIS B 58 -31.20 10.78 28.92
C HIS B 58 -32.10 9.83 29.70
N ALA B 59 -31.50 8.76 30.24
CA ALA B 59 -32.26 7.80 31.03
C ALA B 59 -32.61 8.39 32.40
N PRO B 60 -33.69 7.92 33.02
CA PRO B 60 -34.06 8.43 34.34
C PRO B 60 -33.11 7.94 35.42
N VAL B 61 -33.07 8.68 36.52
CA VAL B 61 -32.28 8.31 37.69
C VAL B 61 -33.13 7.39 38.56
N ARG B 62 -32.67 6.16 38.75
CA ARG B 62 -33.39 5.16 39.52
C ARG B 62 -32.40 4.29 40.27
N PRO B 63 -32.83 3.69 41.39
CA PRO B 63 -31.92 2.82 42.14
C PRO B 63 -31.64 1.53 41.39
N VAL B 64 -30.39 1.07 41.47
CA VAL B 64 -29.91 -0.08 40.71
C VAL B 64 -29.60 -1.21 41.68
N THR B 65 -30.35 -2.31 41.55
CA THR B 65 -30.24 -3.42 42.50
C THR B 65 -28.83 -3.99 42.53
N LEU B 66 -28.15 -4.03 41.37
CA LEU B 66 -26.85 -4.66 41.29
C LEU B 66 -25.81 -3.98 42.19
N ASN B 67 -25.97 -2.68 42.45
CA ASN B 67 -24.98 -1.90 43.17
C ASN B 67 -25.66 -1.21 44.36
N MET B 68 -25.96 -1.98 45.40
CA MET B 68 -26.41 -1.45 46.69
C MET B 68 -27.61 -0.52 46.53
N ASN B 69 -28.39 -0.73 45.46
CA ASN B 69 -29.57 0.07 45.17
C ASN B 69 -29.26 1.56 45.12
N VAL B 70 -28.03 1.89 44.73
CA VAL B 70 -27.63 3.28 44.56
C VAL B 70 -28.36 3.86 43.36
N ALA B 71 -28.77 5.12 43.46
CA ALA B 71 -29.47 5.79 42.38
C ALA B 71 -28.48 6.22 41.30
N MET B 72 -28.67 5.71 40.09
CA MET B 72 -27.87 6.06 38.91
C MET B 72 -28.81 6.19 37.72
N PRO B 73 -28.43 6.97 36.72
CA PRO B 73 -29.16 6.94 35.45
C PRO B 73 -29.15 5.52 34.88
N SER B 74 -30.35 5.00 34.60
CA SER B 74 -30.48 3.61 34.18
C SER B 74 -31.79 3.45 33.43
N TRP B 75 -31.73 2.82 32.26
CA TRP B 75 -32.93 2.57 31.48
C TRP B 75 -33.87 1.61 32.22
N PHE B 76 -33.33 0.51 32.73
CA PHE B 76 -34.07 -0.45 33.52
C PHE B 76 -33.20 -0.93 34.66
N ASP B 77 -33.76 -1.75 35.54
CA ASP B 77 -33.01 -2.26 36.68
C ASP B 77 -32.09 -3.39 36.26
N ILE B 78 -30.97 -3.52 36.97
CA ILE B 78 -30.04 -4.62 36.80
C ILE B 78 -29.89 -5.32 38.15
N ILE B 79 -29.93 -6.65 38.13
CA ILE B 79 -29.86 -7.46 39.34
C ILE B 79 -28.51 -8.17 39.44
N GLY B 80 -28.11 -8.88 38.38
CA GLY B 80 -26.84 -9.58 38.37
C GLY B 80 -26.17 -9.49 37.01
N LEU B 81 -24.94 -10.00 36.96
CA LEU B 81 -24.16 -10.03 35.74
C LEU B 81 -24.22 -11.36 35.02
N SER B 82 -24.74 -12.39 35.66
CA SER B 82 -24.82 -13.71 35.07
C SER B 82 -26.11 -13.86 34.25
N PRO B 83 -26.06 -14.65 33.18
CA PRO B 83 -27.31 -14.95 32.45
C PRO B 83 -28.34 -15.65 33.30
N ASP B 84 -27.92 -16.24 34.43
CA ASP B 84 -28.87 -16.82 35.38
C ASP B 84 -29.74 -15.77 36.03
N SER B 85 -29.26 -14.52 36.11
CA SER B 85 -29.98 -13.47 36.79
C SER B 85 -31.32 -13.21 36.11
N GLN B 86 -32.30 -12.76 36.90
CA GLN B 86 -33.61 -12.42 36.39
C GLN B 86 -33.59 -10.98 35.89
N GLU B 87 -33.75 -10.81 34.58
CA GLU B 87 -33.75 -9.49 33.99
C GLU B 87 -35.09 -8.79 34.23
N ASP B 88 -35.04 -7.47 34.31
CA ASP B 88 -36.22 -6.65 34.57
C ASP B 88 -37.10 -6.64 33.33
N GLU B 89 -38.18 -7.44 33.33
CA GLU B 89 -39.08 -7.43 32.19
C GLU B 89 -40.06 -6.27 32.25
N SER B 90 -40.52 -5.91 33.45
CA SER B 90 -41.45 -4.80 33.59
C SER B 90 -40.81 -3.49 33.14
N GLY B 91 -39.51 -3.32 33.42
CA GLY B 91 -38.81 -2.11 33.06
C GLY B 91 -38.35 -2.07 31.61
N ILE B 92 -37.89 -3.21 31.09
CA ILE B 92 -37.45 -3.25 29.71
C ILE B 92 -38.61 -3.03 28.75
N LYS B 93 -39.74 -3.68 29.02
CA LYS B 93 -40.91 -3.51 28.15
C LYS B 93 -41.47 -2.10 28.25
N GLN B 94 -41.32 -1.45 29.41
CA GLN B 94 -41.79 -0.08 29.56
C GLN B 94 -40.85 0.91 28.88
N ALA B 95 -39.54 0.72 29.04
CA ALA B 95 -38.58 1.63 28.43
C ALA B 95 -38.61 1.51 26.90
N ALA B 96 -38.74 0.28 26.39
CA ALA B 96 -38.84 0.09 24.95
C ALA B 96 -40.07 0.78 24.37
N GLU B 97 -41.14 0.89 25.18
CA GLU B 97 -42.29 1.66 24.73
C GLU B 97 -41.98 3.15 24.66
N ASN B 98 -41.11 3.64 25.55
CA ASN B 98 -40.71 5.04 25.47
C ASN B 98 -39.79 5.30 24.30
N ILE B 99 -38.92 4.33 23.97
CA ILE B 99 -38.07 4.48 22.80
C ILE B 99 -38.92 4.52 21.53
N LYS B 100 -39.98 3.71 21.49
CA LYS B 100 -40.92 3.78 20.37
C LYS B 100 -41.56 5.16 20.27
N ALA B 101 -41.81 5.80 21.42
CA ALA B 101 -42.35 7.16 21.39
C ALA B 101 -41.31 8.17 20.92
N LEU B 102 -40.03 7.91 21.18
CA LEU B 102 -38.98 8.74 20.61
C LEU B 102 -38.95 8.61 19.10
N ILE B 103 -39.05 7.37 18.59
CA ILE B 103 -39.05 7.14 17.16
C ILE B 103 -40.28 7.78 16.52
N ASP B 104 -41.43 7.66 17.17
CA ASP B 104 -42.66 8.20 16.59
C ASP B 104 -42.62 9.72 16.49
N GLN B 105 -42.06 10.39 17.50
CA GLN B 105 -42.01 11.84 17.47
C GLN B 105 -41.19 12.35 16.29
N GLU B 106 -40.11 11.65 15.95
CA GLU B 106 -39.32 12.03 14.80
C GLU B 106 -39.99 11.69 13.49
N VAL B 107 -40.91 10.72 13.48
CA VAL B 107 -41.66 10.41 12.26
C VAL B 107 -42.72 11.47 12.01
N LYS B 108 -43.48 11.84 13.05
CA LYS B 108 -44.46 12.90 12.91
C LYS B 108 -43.81 14.22 12.54
N ASN B 109 -42.54 14.40 12.88
CA ASN B 109 -41.80 15.61 12.56
C ASN B 109 -41.19 15.57 11.16
N GLY B 110 -41.25 14.46 10.46
CA GLY B 110 -40.87 14.45 9.06
C GLY B 110 -39.93 13.36 8.57
N ILE B 111 -39.20 12.72 9.47
CA ILE B 111 -38.22 11.71 9.12
C ILE B 111 -38.92 10.35 9.10
N PRO B 112 -39.05 9.70 7.96
CA PRO B 112 -39.63 8.35 7.94
C PRO B 112 -38.79 7.38 8.74
N SER B 113 -39.46 6.43 9.40
CA SER B 113 -38.78 5.50 10.29
C SER B 113 -37.74 4.66 9.56
N ASN B 114 -37.96 4.36 8.28
CA ASN B 114 -36.96 3.61 7.54
C ASN B 114 -35.72 4.44 7.22
N ARG B 115 -35.68 5.70 7.64
CA ARG B 115 -34.47 6.50 7.62
C ARG B 115 -33.93 6.77 9.02
N ILE B 116 -34.34 5.96 10.00
CA ILE B 116 -33.90 6.10 11.38
C ILE B 116 -33.14 4.85 11.79
N ILE B 117 -32.04 5.05 12.52
CA ILE B 117 -31.23 3.97 13.06
C ILE B 117 -31.33 4.03 14.58
N LEU B 118 -31.60 2.90 15.20
CA LEU B 118 -31.62 2.80 16.65
C LEU B 118 -30.32 2.17 17.13
N GLY B 119 -29.84 2.62 18.29
CA GLY B 119 -28.55 2.15 18.75
C GLY B 119 -28.35 2.42 20.21
N GLY B 120 -27.28 1.88 20.75
CA GLY B 120 -26.99 2.07 22.16
C GLY B 120 -25.74 1.33 22.57
N PHE B 121 -25.29 1.68 23.78
CA PHE B 121 -24.10 1.11 24.39
C PHE B 121 -24.50 0.39 25.67
N SER B 122 -24.05 -0.86 25.82
CA SER B 122 -24.28 -1.68 27.01
C SER B 122 -25.77 -1.84 27.21
N GLN B 123 -26.36 -1.39 28.32
CA GLN B 123 -27.80 -1.58 28.53
C GLN B 123 -28.61 -0.80 27.50
N GLY B 124 -28.12 0.36 27.06
CA GLY B 124 -28.79 1.08 26.00
C GLY B 124 -28.81 0.28 24.71
N GLY B 125 -27.71 -0.40 24.40
CA GLY B 125 -27.69 -1.28 23.25
C GLY B 125 -28.62 -2.47 23.43
N ALA B 126 -28.72 -2.97 24.66
CA ALA B 126 -29.68 -4.04 24.94
C ALA B 126 -31.10 -3.58 24.66
N LEU B 127 -31.47 -2.40 25.19
CA LEU B 127 -32.79 -1.85 24.92
C LEU B 127 -32.99 -1.60 23.43
N SER B 128 -31.92 -1.28 22.70
CA SER B 128 -32.05 -1.05 21.27
C SER B 128 -32.39 -2.34 20.53
N LEU B 129 -31.69 -3.43 20.86
CA LEU B 129 -31.96 -4.70 20.20
C LEU B 129 -33.38 -5.17 20.50
N TYR B 130 -33.82 -5.02 21.75
CA TYR B 130 -35.19 -5.41 22.09
C TYR B 130 -36.21 -4.58 21.32
N THR B 131 -36.09 -3.26 21.41
CA THR B 131 -37.06 -2.38 20.76
C THR B 131 -37.15 -2.63 19.27
N ALA B 132 -36.01 -2.84 18.61
CA ALA B 132 -36.01 -3.02 17.17
C ALA B 132 -36.70 -4.32 16.77
N LEU B 133 -36.55 -5.36 17.58
CA LEU B 133 -37.11 -6.67 17.26
C LEU B 133 -38.55 -6.84 17.71
N THR B 134 -39.11 -5.88 18.44
CA THR B 134 -40.48 -5.99 18.94
C THR B 134 -41.41 -4.89 18.43
N THR B 135 -40.92 -3.95 17.64
CA THR B 135 -41.75 -2.87 17.13
C THR B 135 -42.13 -3.13 15.69
N GLN B 136 -43.26 -2.55 15.28
CA GLN B 136 -43.69 -2.59 13.89
C GLN B 136 -43.27 -1.35 13.11
N GLN B 137 -42.62 -0.39 13.77
CA GLN B 137 -41.94 0.69 13.08
C GLN B 137 -40.75 0.11 12.32
N LYS B 138 -40.82 0.11 10.99
CA LYS B 138 -39.72 -0.40 10.20
C LYS B 138 -38.56 0.58 10.24
N LEU B 139 -37.38 0.09 10.61
CA LEU B 139 -36.21 0.92 10.84
C LEU B 139 -35.11 0.59 9.82
N ALA B 140 -34.11 1.46 9.78
CA ALA B 140 -33.02 1.32 8.81
C ALA B 140 -31.91 0.41 9.30
N GLY B 141 -31.70 0.32 10.60
CA GLY B 141 -30.62 -0.50 11.12
C GLY B 141 -30.48 -0.31 12.62
N VAL B 142 -29.50 -1.02 13.17
CA VAL B 142 -29.20 -0.98 14.60
C VAL B 142 -27.70 -1.06 14.78
N THR B 143 -27.15 -0.20 15.65
CA THR B 143 -25.77 -0.29 16.10
C THR B 143 -25.79 -0.55 17.60
N ALA B 144 -25.46 -1.78 17.98
CA ALA B 144 -25.54 -2.23 19.37
C ALA B 144 -24.13 -2.50 19.87
N LEU B 145 -23.64 -1.66 20.77
CA LEU B 145 -22.25 -1.68 21.20
C LEU B 145 -22.14 -2.28 22.61
N SER B 146 -21.30 -3.30 22.75
CA SER B 146 -20.93 -3.88 24.04
C SER B 146 -22.16 -4.30 24.84
N CYS B 147 -23.08 -5.00 24.17
CA CYS B 147 -24.39 -5.23 24.74
C CYS B 147 -24.73 -6.72 24.69
N TRP B 148 -26.00 -7.03 24.90
CA TRP B 148 -26.56 -8.37 24.87
C TRP B 148 -28.04 -8.22 24.55
N LEU B 149 -28.68 -9.34 24.17
CA LEU B 149 -30.11 -9.32 23.93
C LEU B 149 -30.84 -9.56 25.25
N PRO B 150 -31.55 -8.58 25.79
CA PRO B 150 -32.27 -8.81 27.05
C PRO B 150 -33.54 -9.60 26.83
N LEU B 151 -33.93 -10.32 27.88
CA LEU B 151 -35.15 -11.14 27.88
C LEU B 151 -35.19 -12.05 26.65
N ARG B 152 -34.06 -12.70 26.38
CA ARG B 152 -33.95 -13.59 25.23
C ARG B 152 -34.96 -14.73 25.30
N ALA B 153 -35.33 -15.15 26.51
CA ALA B 153 -36.29 -16.24 26.64
C ALA B 153 -37.70 -15.83 26.24
N SER B 154 -37.97 -14.54 26.10
CA SER B 154 -39.31 -14.14 25.61
C SER B 154 -39.37 -14.22 24.10
N PHE B 155 -38.39 -14.85 23.44
CA PHE B 155 -38.39 -14.84 21.96
C PHE B 155 -38.73 -16.25 21.45
N PRO B 156 -39.50 -16.39 20.34
CA PRO B 156 -39.91 -17.71 19.80
C PRO B 156 -38.74 -18.37 19.06
N GLN B 157 -39.02 -19.38 18.22
CA GLN B 157 -37.96 -20.16 17.53
C GLN B 157 -37.49 -19.48 16.22
N GLY B 158 -38.34 -19.44 15.20
CA GLY B 158 -37.96 -18.93 13.86
C GLY B 158 -37.90 -17.42 13.72
N PRO B 159 -37.71 -16.89 12.48
CA PRO B 159 -37.61 -15.44 12.21
C PRO B 159 -38.76 -14.63 12.82
N ILE B 160 -38.46 -13.41 13.29
CA ILE B 160 -39.49 -12.62 13.95
C ILE B 160 -40.66 -12.36 13.02
N GLY B 161 -40.40 -12.21 11.72
CA GLY B 161 -41.42 -11.79 10.79
C GLY B 161 -41.81 -10.34 11.01
N GLY B 162 -42.71 -9.87 10.15
CA GLY B 162 -43.21 -8.51 10.29
C GLY B 162 -42.30 -7.49 9.60
N ALA B 163 -42.24 -6.30 10.21
CA ALA B 163 -41.59 -5.17 9.55
C ALA B 163 -40.08 -5.35 9.47
N ASN B 164 -39.43 -5.55 10.63
CA ASN B 164 -37.97 -5.52 10.72
C ASN B 164 -37.33 -6.88 10.46
N ARG B 165 -37.96 -7.73 9.65
CA ARG B 165 -37.42 -9.06 9.38
C ARG B 165 -36.09 -9.00 8.64
N ASP B 166 -35.81 -7.91 7.93
CA ASP B 166 -34.58 -7.77 7.15
C ASP B 166 -33.70 -6.63 7.64
N ILE B 167 -33.85 -6.22 8.90
CA ILE B 167 -33.10 -5.09 9.43
C ILE B 167 -31.61 -5.44 9.46
N SER B 168 -30.78 -4.48 9.08
CA SER B 168 -29.33 -4.63 9.20
C SER B 168 -28.91 -4.34 10.62
N ILE B 169 -27.91 -5.07 11.11
CA ILE B 169 -27.47 -4.96 12.49
C ILE B 169 -25.95 -4.99 12.54
N LEU B 170 -25.37 -4.09 13.34
CA LEU B 170 -23.94 -4.08 13.62
C LEU B 170 -23.75 -4.16 15.13
N GLN B 171 -23.09 -5.23 15.57
CA GLN B 171 -22.77 -5.44 16.98
C GLN B 171 -21.26 -5.38 17.17
N CYS B 172 -20.82 -4.54 18.10
CA CYS B 172 -19.41 -4.35 18.38
C CYS B 172 -19.13 -4.74 19.83
N HIS B 173 -17.96 -5.32 20.07
CA HIS B 173 -17.60 -5.78 21.41
C HIS B 173 -16.09 -5.79 21.57
N GLY B 174 -15.62 -5.46 22.77
CA GLY B 174 -14.23 -5.63 23.11
C GLY B 174 -14.01 -6.98 23.78
N ASP B 175 -12.91 -7.63 23.41
CA ASP B 175 -12.64 -8.99 23.89
C ASP B 175 -12.04 -9.01 25.29
N CYS B 176 -11.95 -7.86 25.97
CA CYS B 176 -11.50 -7.78 27.35
C CYS B 176 -12.55 -7.10 28.22
N ASP B 177 -13.83 -7.29 27.90
CA ASP B 177 -14.89 -6.64 28.65
C ASP B 177 -15.19 -7.41 29.92
N PRO B 178 -14.89 -6.85 31.09
CA PRO B 178 -15.14 -7.54 32.35
C PRO B 178 -16.54 -7.33 32.92
N LEU B 179 -17.39 -6.59 32.22
CA LEU B 179 -18.75 -6.32 32.64
C LEU B 179 -19.77 -7.03 31.76
N VAL B 180 -19.60 -6.97 30.44
CA VAL B 180 -20.40 -7.73 29.50
C VAL B 180 -19.43 -8.62 28.72
N PRO B 181 -19.19 -9.85 29.15
CA PRO B 181 -18.20 -10.70 28.48
C PRO B 181 -18.45 -10.80 26.98
N LEU B 182 -17.35 -10.84 26.22
CA LEU B 182 -17.44 -10.92 24.76
C LEU B 182 -18.26 -12.13 24.33
N MET B 183 -18.20 -13.23 25.07
CA MET B 183 -19.01 -14.40 24.77
C MET B 183 -20.49 -14.03 24.66
N PHE B 184 -20.98 -13.22 25.59
CA PHE B 184 -22.39 -12.82 25.57
C PHE B 184 -22.71 -12.02 24.32
N GLY B 185 -21.78 -11.17 23.89
CA GLY B 185 -21.96 -10.50 22.60
C GLY B 185 -21.97 -11.48 21.46
N SER B 186 -21.06 -12.46 21.49
CA SER B 186 -21.00 -13.45 20.41
C SER B 186 -22.24 -14.34 20.39
N LEU B 187 -22.76 -14.69 21.56
CA LEU B 187 -23.95 -15.54 21.60
C LEU B 187 -25.20 -14.75 21.21
N THR B 188 -25.19 -13.43 21.43
CA THR B 188 -26.32 -12.60 21.01
C THR B 188 -26.39 -12.49 19.50
N VAL B 189 -25.23 -12.30 18.84
CA VAL B 189 -25.21 -12.27 17.38
C VAL B 189 -25.67 -13.61 16.81
N GLU B 190 -25.20 -14.71 17.41
CA GLU B 190 -25.61 -16.04 16.95
C GLU B 190 -27.13 -16.20 16.99
N LYS B 191 -27.76 -15.64 18.02
CA LYS B 191 -29.21 -15.68 18.10
C LYS B 191 -29.84 -14.71 17.10
N LEU B 192 -29.29 -13.50 16.99
CA LEU B 192 -29.81 -12.52 16.04
C LEU B 192 -29.75 -13.05 14.62
N LYS B 193 -28.78 -13.91 14.31
CA LYS B 193 -28.66 -14.49 12.97
C LYS B 193 -29.80 -15.46 12.68
N THR B 194 -30.66 -15.71 13.66
CA THR B 194 -31.82 -16.58 13.48
C THR B 194 -33.15 -15.87 13.63
N LEU B 195 -33.19 -14.66 14.18
CA LEU B 195 -34.43 -13.89 14.23
C LEU B 195 -34.59 -12.99 13.01
N VAL B 196 -33.50 -12.60 12.37
CA VAL B 196 -33.51 -11.81 11.15
C VAL B 196 -32.56 -12.45 10.14
N ASN B 197 -32.55 -11.89 8.94
CA ASN B 197 -31.70 -12.37 7.86
C ASN B 197 -30.24 -12.34 8.29
N PRO B 198 -29.54 -13.49 8.32
CA PRO B 198 -28.13 -13.49 8.75
C PRO B 198 -27.20 -12.73 7.82
N ALA B 199 -27.64 -12.36 6.61
CA ALA B 199 -26.76 -11.68 5.67
C ALA B 199 -26.62 -10.19 5.96
N ASN B 200 -27.43 -9.63 6.85
CA ASN B 200 -27.31 -8.22 7.21
C ASN B 200 -26.78 -8.01 8.61
N VAL B 201 -26.39 -9.08 9.32
CA VAL B 201 -25.83 -8.98 10.65
C VAL B 201 -24.32 -9.18 10.55
N THR B 202 -23.56 -8.23 11.11
CA THR B 202 -22.11 -8.32 11.17
C THR B 202 -21.66 -8.09 12.60
N PHE B 203 -20.57 -8.76 12.99
CA PHE B 203 -20.06 -8.73 14.35
C PHE B 203 -18.61 -8.33 14.33
N LYS B 204 -18.29 -7.18 14.92
CA LYS B 204 -16.94 -6.65 14.97
C LYS B 204 -16.40 -6.75 16.39
N THR B 205 -15.16 -7.21 16.50
CA THR B 205 -14.47 -7.34 17.78
C THR B 205 -13.25 -6.45 17.77
N TYR B 206 -12.88 -5.92 18.94
CA TYR B 206 -11.82 -4.94 19.06
C TYR B 206 -10.83 -5.41 20.12
N GLU B 207 -9.65 -5.83 19.67
CA GLU B 207 -8.70 -6.51 20.53
C GLU B 207 -8.09 -5.55 21.55
N GLY B 208 -8.19 -5.91 22.83
CA GLY B 208 -7.68 -5.08 23.90
C GLY B 208 -8.70 -4.13 24.48
N MET B 209 -9.85 -3.97 23.85
CA MET B 209 -10.86 -3.05 24.35
C MET B 209 -11.68 -3.70 25.45
N MET B 210 -11.99 -2.91 26.48
CA MET B 210 -12.80 -3.39 27.59
C MET B 210 -14.21 -2.83 27.46
N HIS B 211 -14.86 -2.53 28.60
CA HIS B 211 -16.19 -1.92 28.58
C HIS B 211 -16.04 -0.43 28.24
N SER B 212 -15.66 -0.17 26.99
CA SER B 212 -15.36 1.18 26.54
C SER B 212 -15.67 1.28 25.05
N SER B 213 -15.14 2.30 24.40
CA SER B 213 -15.19 2.43 22.96
C SER B 213 -13.79 2.76 22.45
N CYS B 214 -13.62 2.74 21.13
CA CYS B 214 -12.33 3.05 20.54
C CYS B 214 -12.56 3.77 19.22
N GLN B 215 -11.49 4.38 18.71
CA GLN B 215 -11.60 5.16 17.48
C GLN B 215 -11.94 4.27 16.29
N GLN B 216 -11.34 3.07 16.23
CA GLN B 216 -11.65 2.16 15.12
C GLN B 216 -13.09 1.68 15.19
N GLU B 217 -13.65 1.53 16.40
CA GLU B 217 -15.05 1.17 16.52
C GLU B 217 -15.94 2.27 15.96
N MET B 218 -15.70 3.52 16.37
CA MET B 218 -16.48 4.65 15.87
C MET B 218 -16.38 4.77 14.35
N MET B 219 -15.19 4.48 13.81
CA MET B 219 -15.06 4.50 12.34
C MET B 219 -15.96 3.44 11.72
N ASP B 220 -16.06 2.27 12.34
CA ASP B 220 -16.91 1.21 11.79
C ASP B 220 -18.39 1.58 11.90
N VAL B 221 -18.81 2.18 13.02
CA VAL B 221 -20.20 2.56 13.14
C VAL B 221 -20.55 3.69 12.19
N LYS B 222 -19.57 4.53 11.83
CA LYS B 222 -19.84 5.61 10.88
C LYS B 222 -20.14 5.07 9.49
N GLN B 223 -19.24 4.26 8.94
CA GLN B 223 -19.46 3.70 7.61
C GLN B 223 -20.71 2.85 7.57
N PHE B 224 -21.06 2.22 8.69
CA PHE B 224 -22.34 1.51 8.78
C PHE B 224 -23.51 2.47 8.65
N ILE B 225 -23.45 3.61 9.35
CA ILE B 225 -24.55 4.58 9.33
C ILE B 225 -24.70 5.21 7.95
N ASP B 226 -23.58 5.65 7.37
CA ASP B 226 -23.64 6.34 6.09
C ASP B 226 -24.08 5.41 4.97
N LYS B 227 -23.84 4.12 5.11
CA LYS B 227 -24.26 3.16 4.10
C LYS B 227 -25.77 2.98 4.10
N LEU B 228 -26.38 2.93 5.28
CA LEU B 228 -27.82 2.72 5.37
C LEU B 228 -28.62 4.01 5.20
N LEU B 229 -28.00 5.16 5.49
CA LEU B 229 -28.67 6.46 5.41
C LEU B 229 -27.89 7.42 4.52
N PRO B 230 -27.77 7.11 3.23
CA PRO B 230 -27.00 7.96 2.33
C PRO B 230 -27.73 9.26 2.04
N PRO B 231 -27.06 10.24 1.43
CA PRO B 231 -27.70 11.57 1.26
C PRO B 231 -28.93 11.52 0.36
N ILE B 232 -29.82 12.48 0.59
CA ILE B 232 -31.06 12.65 -0.16
C ILE B 232 -31.84 11.35 -0.25
N PRO C 12 3.44 34.10 13.40
CA PRO C 12 2.33 33.87 14.33
C PRO C 12 2.80 33.55 15.74
N LEU C 13 2.19 34.20 16.73
CA LEU C 13 2.61 34.04 18.12
C LEU C 13 2.08 32.73 18.69
N PRO C 14 2.84 32.10 19.60
CA PRO C 14 2.42 30.82 20.16
C PRO C 14 1.06 30.90 20.83
N ALA C 15 0.31 29.81 20.73
CA ALA C 15 -0.91 29.67 21.52
C ALA C 15 -0.54 29.36 22.96
N ILE C 16 -1.20 30.03 23.91
CA ILE C 16 -0.79 30.00 25.30
C ILE C 16 -2.01 29.72 26.18
N VAL C 17 -1.88 28.77 27.08
CA VAL C 17 -2.81 28.61 28.20
C VAL C 17 -2.09 29.14 29.44
N PRO C 18 -2.40 30.34 29.90
CA PRO C 18 -1.65 30.93 31.01
C PRO C 18 -2.10 30.36 32.35
N ALA C 19 -1.27 30.60 33.35
CA ALA C 19 -1.60 30.17 34.71
C ALA C 19 -2.81 30.94 35.22
N ALA C 20 -3.55 30.29 36.14
CA ALA C 20 -4.66 30.98 36.79
C ALA C 20 -4.19 32.26 37.45
N ARG C 21 -3.01 32.24 38.07
CA ARG C 21 -2.40 33.49 38.51
C ARG C 21 -0.89 33.45 38.29
N LYS C 22 -0.12 33.03 39.29
CA LYS C 22 1.34 33.08 39.20
C LYS C 22 1.86 31.77 38.65
N ALA C 23 2.57 31.83 37.53
CA ALA C 23 3.20 30.65 36.97
C ALA C 23 4.48 30.35 37.72
N THR C 24 4.63 29.09 38.11
CA THR C 24 5.88 28.59 38.66
C THR C 24 6.41 27.40 37.87
N ALA C 25 5.71 27.01 36.80
CA ALA C 25 6.11 25.92 35.93
C ALA C 25 5.63 26.23 34.53
N ALA C 26 6.15 25.49 33.55
CA ALA C 26 5.77 25.71 32.17
C ALA C 26 5.82 24.39 31.41
N VAL C 27 4.87 24.21 30.49
CA VAL C 27 4.82 23.06 29.61
C VAL C 27 4.92 23.56 28.17
N ILE C 28 5.95 23.12 27.47
CA ILE C 28 6.12 23.45 26.05
C ILE C 28 5.77 22.21 25.25
N PHE C 29 4.77 22.33 24.38
CA PHE C 29 4.28 21.22 23.57
C PHE C 29 4.33 21.59 22.10
N LEU C 30 4.83 20.68 21.28
CA LEU C 30 5.02 20.90 19.85
C LEU C 30 4.06 20.02 19.06
N HIS C 31 3.26 20.65 18.20
CA HIS C 31 2.22 19.94 17.47
C HIS C 31 2.83 19.05 16.39
N GLY C 32 1.96 18.29 15.72
CA GLY C 32 2.38 17.39 14.67
C GLY C 32 2.30 18.02 13.29
N LEU C 33 2.49 17.16 12.28
CA LEU C 33 2.57 17.62 10.90
C LEU C 33 1.31 18.35 10.48
N GLY C 34 1.48 19.51 9.84
CA GLY C 34 0.39 20.26 9.25
C GLY C 34 -0.56 20.93 10.22
N ASP C 35 -0.32 20.84 11.52
CA ASP C 35 -1.22 21.39 12.51
C ASP C 35 -0.76 22.77 12.97
N THR C 36 -1.44 23.31 13.98
CA THR C 36 -1.02 24.49 14.70
C THR C 36 -1.05 24.17 16.19
N GLY C 37 -0.53 25.10 16.99
CA GLY C 37 -0.58 24.91 18.42
C GLY C 37 -1.94 25.06 19.04
N HIS C 38 -2.90 25.63 18.31
CA HIS C 38 -4.21 25.94 18.88
C HIS C 38 -4.93 24.68 19.35
N GLY C 39 -4.90 23.62 18.54
CA GLY C 39 -5.61 22.41 18.90
C GLY C 39 -5.11 21.79 20.20
N TRP C 40 -3.80 21.61 20.29
CA TRP C 40 -3.21 21.07 21.52
C TRP C 40 -3.34 22.04 22.68
N ALA C 41 -3.37 23.35 22.40
CA ALA C 41 -3.58 24.32 23.47
C ALA C 41 -4.92 24.08 24.16
N GLU C 42 -5.98 23.87 23.37
CA GLU C 42 -7.28 23.57 23.96
C GLU C 42 -7.26 22.26 24.72
N ALA C 43 -6.47 21.28 24.26
CA ALA C 43 -6.36 20.02 24.97
C ALA C 43 -5.77 20.22 26.36
N PHE C 44 -4.67 20.99 26.44
CA PHE C 44 -4.03 21.23 27.74
C PHE C 44 -4.84 22.17 28.61
N ALA C 45 -5.73 22.97 28.03
CA ALA C 45 -6.62 23.80 28.83
C ALA C 45 -7.60 22.94 29.63
N GLY C 46 -7.91 21.75 29.15
CA GLY C 46 -8.81 20.84 29.83
C GLY C 46 -8.19 19.99 30.91
N ILE C 47 -6.88 20.08 31.11
CA ILE C 47 -6.20 19.34 32.18
C ILE C 47 -5.25 20.26 32.91
N ARG C 48 -5.52 21.57 32.86
CA ARG C 48 -4.55 22.55 33.32
C ARG C 48 -4.44 22.55 34.85
N SER C 49 -3.33 23.13 35.32
CA SER C 49 -3.09 23.39 36.73
C SER C 49 -2.93 24.88 36.94
N SER C 50 -3.32 25.37 38.12
CA SER C 50 -3.42 26.79 38.37
C SER C 50 -2.07 27.51 38.25
N HIS C 51 -0.96 26.81 38.45
CA HIS C 51 0.36 27.45 38.48
C HIS C 51 1.20 27.14 37.25
N ILE C 52 0.64 26.48 36.24
CA ILE C 52 1.39 26.04 35.07
C ILE C 52 0.94 26.83 33.85
N LYS C 53 1.91 27.34 33.10
CA LYS C 53 1.68 27.96 31.81
C LYS C 53 1.98 26.95 30.72
N TYR C 54 1.09 26.86 29.73
CA TYR C 54 1.25 25.93 28.61
C TYR C 54 1.48 26.72 27.33
N ILE C 55 2.53 26.38 26.60
CA ILE C 55 2.92 27.09 25.39
C ILE C 55 2.89 26.12 24.23
N CYS C 56 2.16 26.48 23.18
CA CYS C 56 2.07 25.67 21.97
C CYS C 56 2.52 26.52 20.79
N PRO C 57 3.81 26.50 20.46
CA PRO C 57 4.30 27.28 19.32
C PRO C 57 3.83 26.68 18.00
N HIS C 58 3.92 27.49 16.96
CA HIS C 58 3.46 27.13 15.63
C HIS C 58 4.67 26.87 14.73
N ALA C 59 4.69 25.71 14.09
CA ALA C 59 5.75 25.40 13.14
C ALA C 59 5.54 26.23 11.87
N PRO C 60 6.62 26.61 11.20
CA PRO C 60 6.47 27.38 9.95
C PRO C 60 5.93 26.51 8.83
N VAL C 61 5.18 27.15 7.94
CA VAL C 61 4.75 26.49 6.71
C VAL C 61 5.97 26.28 5.82
N ARG C 62 6.17 25.05 5.38
CA ARG C 62 7.31 24.72 4.54
C ARG C 62 6.91 23.58 3.61
N PRO C 63 7.57 23.44 2.47
CA PRO C 63 7.31 22.28 1.61
C PRO C 63 7.77 21.01 2.30
N VAL C 64 6.98 19.95 2.14
CA VAL C 64 7.23 18.65 2.77
C VAL C 64 7.51 17.65 1.66
N THR C 65 8.75 17.14 1.62
CA THR C 65 9.18 16.27 0.53
C THR C 65 8.31 15.02 0.44
N LEU C 66 7.79 14.53 1.56
CA LEU C 66 7.01 13.30 1.56
C LEU C 66 5.82 13.39 0.62
N ASN C 67 5.21 14.56 0.52
CA ASN C 67 3.96 14.73 -0.23
C ASN C 67 4.12 15.85 -1.25
N MET C 68 4.70 15.53 -2.42
CA MET C 68 4.70 16.40 -3.58
C MET C 68 5.39 17.75 -3.32
N ASN C 69 6.06 17.89 -2.17
CA ASN C 69 6.61 19.17 -1.70
C ASN C 69 5.50 20.20 -1.50
N VAL C 70 4.29 19.73 -1.21
CA VAL C 70 3.20 20.64 -0.86
C VAL C 70 3.54 21.34 0.46
N ALA C 71 3.27 22.64 0.52
CA ALA C 71 3.62 23.44 1.68
C ALA C 71 2.56 23.30 2.77
N MET C 72 3.01 23.04 4.00
CA MET C 72 2.15 22.96 5.16
C MET C 72 3.02 23.09 6.40
N PRO C 73 2.43 23.33 7.57
CA PRO C 73 3.25 23.43 8.79
C PRO C 73 4.03 22.16 9.05
N SER C 74 5.32 22.33 9.35
CA SER C 74 6.20 21.21 9.68
C SER C 74 7.43 21.76 10.39
N TRP C 75 7.82 21.11 11.48
CA TRP C 75 9.02 21.54 12.20
C TRP C 75 10.28 21.26 11.40
N PHE C 76 10.25 20.24 10.55
CA PHE C 76 11.38 19.89 9.69
C PHE C 76 10.85 19.02 8.57
N ASP C 77 11.72 18.71 7.61
CA ASP C 77 11.29 17.96 6.44
C ASP C 77 11.07 16.48 6.78
N ILE C 78 10.05 15.89 6.18
CA ILE C 78 9.75 14.47 6.32
C ILE C 78 9.97 13.81 4.97
N ILE C 79 10.91 12.87 4.91
CA ILE C 79 11.33 12.28 3.64
C ILE C 79 10.74 10.90 3.49
N GLY C 80 10.60 10.16 4.60
CA GLY C 80 10.07 8.81 4.55
C GLY C 80 9.35 8.44 5.83
N LEU C 81 8.64 7.32 5.76
CA LEU C 81 7.88 6.79 6.88
C LEU C 81 8.44 5.49 7.43
N SER C 82 9.44 4.92 6.80
CA SER C 82 10.08 3.67 7.17
C SER C 82 11.22 3.91 8.16
N PRO C 83 11.66 2.89 8.89
CA PRO C 83 12.81 3.09 9.78
C PRO C 83 14.13 3.26 9.03
N ASP C 84 14.26 2.69 7.83
CA ASP C 84 15.44 2.90 7.01
C ASP C 84 15.34 4.18 6.18
N SER C 85 14.33 5.01 6.42
CA SER C 85 14.15 6.22 5.64
C SER C 85 15.21 7.26 5.99
N GLN C 86 15.61 8.03 4.98
CA GLN C 86 16.46 9.17 5.24
C GLN C 86 15.68 10.21 6.04
N GLU C 87 16.37 10.84 6.99
CA GLU C 87 15.78 11.88 7.80
C GLU C 87 16.48 13.20 7.54
N ASP C 88 15.75 14.30 7.73
CA ASP C 88 16.31 15.63 7.53
C ASP C 88 17.30 15.95 8.64
N GLU C 89 18.57 15.61 8.43
CA GLU C 89 19.57 15.77 9.49
C GLU C 89 19.72 17.24 9.88
N SER C 90 19.96 18.11 8.90
CA SER C 90 20.19 19.52 9.22
C SER C 90 18.91 20.21 9.67
N GLY C 91 17.76 19.77 9.17
CA GLY C 91 16.51 20.37 9.61
C GLY C 91 16.16 20.03 11.05
N ILE C 92 16.38 18.77 11.44
CA ILE C 92 16.13 18.37 12.81
C ILE C 92 17.05 19.12 13.77
N LYS C 93 18.35 19.18 13.42
CA LYS C 93 19.31 19.87 14.28
C LYS C 93 18.97 21.36 14.40
N GLN C 94 18.54 21.97 13.30
CA GLN C 94 18.19 23.39 13.34
C GLN C 94 16.92 23.62 14.15
N ALA C 95 15.93 22.74 14.00
CA ALA C 95 14.70 22.87 14.78
C ALA C 95 14.98 22.71 16.27
N ALA C 96 15.94 21.84 16.64
CA ALA C 96 16.30 21.68 18.03
C ALA C 96 16.87 22.98 18.60
N GLU C 97 17.74 23.65 17.83
CA GLU C 97 18.28 24.93 18.28
C GLU C 97 17.17 25.94 18.51
N ASN C 98 16.17 25.96 17.63
CA ASN C 98 15.05 26.89 17.81
C ASN C 98 14.26 26.55 19.06
N ILE C 99 14.08 25.25 19.36
CA ILE C 99 13.40 24.86 20.59
C ILE C 99 14.24 25.23 21.80
N LYS C 100 15.56 25.08 21.69
CA LYS C 100 16.44 25.50 22.78
C LYS C 100 16.32 27.00 23.04
N ALA C 101 16.20 27.79 21.97
CA ALA C 101 15.98 29.22 22.15
C ALA C 101 14.62 29.51 22.77
N LEU C 102 13.63 28.66 22.47
CA LEU C 102 12.32 28.81 23.10
C LEU C 102 12.39 28.52 24.60
N ILE C 103 13.11 27.46 24.98
CA ILE C 103 13.28 27.14 26.39
C ILE C 103 14.01 28.26 27.11
N ASP C 104 15.03 28.84 26.45
CA ASP C 104 15.77 29.94 27.05
C ASP C 104 14.89 31.16 27.29
N GLN C 105 13.86 31.34 26.45
CA GLN C 105 12.97 32.49 26.64
C GLN C 105 12.15 32.34 27.91
N GLU C 106 11.65 31.12 28.18
CA GLU C 106 10.91 30.90 29.41
C GLU C 106 11.77 31.12 30.64
N VAL C 107 13.06 30.77 30.56
CA VAL C 107 13.97 31.08 31.65
C VAL C 107 14.09 32.59 31.83
N LYS C 108 14.21 33.32 30.72
CA LYS C 108 14.26 34.78 30.79
C LYS C 108 12.95 35.35 31.34
N ASN C 109 11.82 34.73 31.01
CA ASN C 109 10.54 35.24 31.47
C ASN C 109 10.38 35.08 32.97
N GLY C 110 11.05 34.09 33.57
CA GLY C 110 10.99 33.91 35.01
C GLY C 110 10.91 32.47 35.48
N ILE C 111 10.66 31.55 34.56
CA ILE C 111 10.50 30.13 34.89
C ILE C 111 11.84 29.45 34.66
N PRO C 112 12.53 28.99 35.70
CA PRO C 112 13.77 28.24 35.49
C PRO C 112 13.53 26.94 34.73
N SER C 113 14.55 26.50 33.99
CA SER C 113 14.37 25.41 33.05
C SER C 113 14.01 24.10 33.74
N ASN C 114 14.50 23.89 34.97
CA ASN C 114 14.19 22.64 35.67
C ASN C 114 12.76 22.58 36.17
N ARG C 115 11.93 23.58 35.85
CA ARG C 115 10.50 23.53 36.10
C ARG C 115 9.72 23.58 34.79
N ILE C 116 10.29 22.99 33.74
CA ILE C 116 9.67 22.99 32.41
C ILE C 116 9.59 21.56 31.89
N ILE C 117 8.45 21.20 31.33
CA ILE C 117 8.25 19.92 30.66
C ILE C 117 8.18 20.19 29.16
N LEU C 118 9.10 19.59 28.41
CA LEU C 118 9.06 19.64 26.96
C LEU C 118 8.24 18.46 26.43
N GLY C 119 7.40 18.71 25.42
CA GLY C 119 6.55 17.67 24.90
C GLY C 119 6.21 17.89 23.45
N GLY C 120 5.52 16.91 22.88
CA GLY C 120 5.10 17.02 21.48
C GLY C 120 4.30 15.82 21.05
N PHE C 121 3.75 15.93 19.85
CA PHE C 121 2.98 14.87 19.22
C PHE C 121 3.61 14.58 17.86
N SER C 122 3.77 13.28 17.54
CA SER C 122 4.32 12.86 16.27
C SER C 122 5.66 13.54 16.00
N GLN C 123 5.76 14.31 14.91
CA GLN C 123 7.01 15.00 14.63
C GLN C 123 7.34 16.01 15.72
N GLY C 124 6.33 16.54 16.41
CA GLY C 124 6.60 17.38 17.55
C GLY C 124 7.18 16.61 18.72
N GLY C 125 6.69 15.39 18.94
CA GLY C 125 7.28 14.56 19.97
C GLY C 125 8.69 14.13 19.64
N ALA C 126 8.92 13.74 18.38
CA ALA C 126 10.27 13.38 17.95
C ALA C 126 11.24 14.53 18.19
N LEU C 127 10.87 15.74 17.78
CA LEU C 127 11.71 16.89 18.03
C LEU C 127 11.91 17.13 19.52
N SER C 128 10.92 16.78 20.34
CA SER C 128 11.05 16.99 21.78
C SER C 128 12.07 16.05 22.38
N LEU C 129 11.97 14.75 22.08
CA LEU C 129 12.95 13.78 22.57
C LEU C 129 14.36 14.18 22.15
N TYR C 130 14.54 14.52 20.88
CA TYR C 130 15.87 14.87 20.40
C TYR C 130 16.43 16.09 21.11
N THR C 131 15.59 17.10 21.33
CA THR C 131 16.05 18.31 22.00
C THR C 131 16.43 18.03 23.44
N ALA C 132 15.61 17.27 24.15
CA ALA C 132 15.88 16.98 25.56
C ALA C 132 17.19 16.22 25.72
N LEU C 133 17.50 15.31 24.79
CA LEU C 133 18.68 14.47 24.90
C LEU C 133 19.94 15.15 24.38
N THR C 134 19.86 16.36 23.82
CA THR C 134 21.03 17.01 23.27
C THR C 134 21.22 18.44 23.79
N THR C 135 20.45 18.84 24.80
CA THR C 135 20.61 20.15 25.42
C THR C 135 21.22 20.00 26.81
N GLN C 136 21.86 21.07 27.27
CA GLN C 136 22.39 21.12 28.63
C GLN C 136 21.48 21.88 29.57
N GLN C 137 20.33 22.37 29.09
CA GLN C 137 19.32 22.95 29.95
C GLN C 137 18.55 21.83 30.63
N LYS C 138 18.66 21.74 31.95
CA LYS C 138 18.01 20.67 32.69
C LYS C 138 16.51 20.87 32.69
N LEU C 139 15.78 19.88 32.18
CA LEU C 139 14.33 19.94 32.09
C LEU C 139 13.68 19.08 33.16
N ALA C 140 12.38 19.31 33.37
CA ALA C 140 11.65 18.54 34.37
C ALA C 140 11.20 17.18 33.81
N GLY C 141 10.80 17.13 32.55
CA GLY C 141 10.34 15.89 31.97
C GLY C 141 10.00 16.07 30.51
N VAL C 142 9.56 14.98 29.89
CA VAL C 142 9.23 14.95 28.47
C VAL C 142 8.00 14.08 28.26
N THR C 143 7.00 14.60 27.55
CA THR C 143 5.82 13.84 27.16
C THR C 143 5.87 13.65 25.64
N ALA C 144 6.15 12.42 25.22
CA ALA C 144 6.39 12.10 23.81
C ALA C 144 5.24 11.23 23.32
N LEU C 145 4.34 11.81 22.52
CA LEU C 145 3.09 11.17 22.13
C LEU C 145 3.16 10.71 20.68
N SER C 146 2.94 9.41 20.47
CA SER C 146 2.82 8.81 19.13
C SER C 146 3.96 9.25 18.21
N CYS C 147 5.19 9.07 18.68
CA CYS C 147 6.32 9.61 17.94
C CYS C 147 7.44 8.59 17.77
N TRP C 148 8.66 9.07 17.61
CA TRP C 148 9.84 8.24 17.41
C TRP C 148 11.05 9.07 17.79
N LEU C 149 12.20 8.40 17.93
CA LEU C 149 13.43 9.14 18.18
C LEU C 149 14.17 9.38 16.88
N PRO C 150 14.38 10.63 16.48
CA PRO C 150 15.11 10.88 15.23
C PRO C 150 16.61 10.76 15.40
N LEU C 151 17.28 10.48 14.27
CA LEU C 151 18.73 10.40 14.21
C LEU C 151 19.29 9.43 15.25
N ARG C 152 18.64 8.27 15.38
CA ARG C 152 19.01 7.32 16.41
C ARG C 152 20.44 6.81 16.24
N ALA C 153 20.92 6.72 14.99
CA ALA C 153 22.25 6.20 14.75
C ALA C 153 23.35 7.14 15.24
N SER C 154 23.06 8.42 15.41
CA SER C 154 24.05 9.39 15.84
C SER C 154 24.22 9.44 17.36
N PHE C 155 23.62 8.50 18.09
CA PHE C 155 23.75 8.43 19.54
C PHE C 155 24.68 7.28 19.93
N PRO C 156 25.61 7.51 20.85
CA PRO C 156 26.35 6.38 21.43
C PRO C 156 25.40 5.48 22.20
N GLN C 157 25.79 4.21 22.35
CA GLN C 157 24.88 3.25 22.95
C GLN C 157 24.88 3.31 24.47
N GLY C 158 25.95 3.82 25.10
CA GLY C 158 25.96 3.99 26.52
C GLY C 158 25.01 5.10 26.95
N PRO C 159 24.93 5.33 28.25
CA PRO C 159 24.16 6.48 28.75
C PRO C 159 24.68 7.78 28.15
N ILE C 160 23.76 8.72 27.95
CA ILE C 160 24.13 9.97 27.29
C ILE C 160 25.05 10.81 28.18
N GLY C 161 24.83 10.78 29.48
CA GLY C 161 25.50 11.71 30.36
C GLY C 161 24.99 13.12 30.15
N GLY C 162 25.56 14.04 30.92
CA GLY C 162 25.17 15.43 30.79
C GLY C 162 24.03 15.85 31.69
N ALA C 163 23.21 16.80 31.23
CA ALA C 163 22.22 17.43 32.10
C ALA C 163 21.06 16.49 32.40
N ASN C 164 20.40 15.99 31.35
CA ASN C 164 19.15 15.23 31.51
C ASN C 164 19.39 13.74 31.58
N ARG C 165 20.38 13.30 32.36
CA ARG C 165 20.64 11.88 32.56
C ARG C 165 19.43 11.15 33.11
N ASP C 166 18.74 11.77 34.08
CA ASP C 166 17.65 11.13 34.80
C ASP C 166 16.30 11.77 34.47
N ILE C 167 16.17 12.33 33.27
CA ILE C 167 14.91 12.98 32.90
C ILE C 167 13.80 11.94 32.83
N SER C 168 12.64 12.29 33.38
CA SER C 168 11.49 11.41 33.29
C SER C 168 10.83 11.57 31.93
N ILE C 169 10.44 10.44 31.33
CA ILE C 169 9.87 10.42 30.00
C ILE C 169 8.61 9.58 30.02
N LEU C 170 7.50 10.17 29.61
CA LEU C 170 6.26 9.44 29.38
C LEU C 170 6.03 9.38 27.87
N GLN C 171 5.96 8.16 27.34
CA GLN C 171 5.75 7.94 25.92
C GLN C 171 4.43 7.20 25.72
N CYS C 172 3.51 7.83 25.01
CA CYS C 172 2.20 7.27 24.73
C CYS C 172 2.10 6.93 23.25
N HIS C 173 1.39 5.84 22.94
CA HIS C 173 1.24 5.42 21.56
C HIS C 173 -0.05 4.63 21.41
N GLY C 174 -0.70 4.79 20.25
CA GLY C 174 -1.86 3.98 19.92
C GLY C 174 -1.44 2.73 19.15
N ASP C 175 -2.15 1.63 19.43
CA ASP C 175 -1.74 0.36 18.86
C ASP C 175 -2.23 0.15 17.43
N CYS C 176 -3.10 1.02 16.92
CA CYS C 176 -3.56 0.96 15.54
C CYS C 176 -3.11 2.16 14.72
N ASP C 177 -2.04 2.83 15.13
CA ASP C 177 -1.54 3.99 14.41
C ASP C 177 -1.11 3.59 13.01
N PRO C 178 -1.75 4.12 11.96
CA PRO C 178 -1.37 3.77 10.59
C PRO C 178 -0.31 4.67 9.97
N LEU C 179 0.18 5.67 10.70
CA LEU C 179 1.18 6.61 10.19
C LEU C 179 2.51 6.47 10.90
N VAL C 180 2.50 6.45 12.23
CA VAL C 180 3.68 6.10 13.02
C VAL C 180 3.35 4.82 13.77
N PRO C 181 3.65 3.65 13.23
CA PRO C 181 3.22 2.40 13.85
C PRO C 181 3.84 2.20 15.22
N LEU C 182 3.16 1.38 16.03
CA LEU C 182 3.58 1.19 17.42
C LEU C 182 4.97 0.60 17.51
N MET C 183 5.42 -0.13 16.49
CA MET C 183 6.77 -0.66 16.49
C MET C 183 7.81 0.44 16.62
N PHE C 184 7.54 1.60 16.00
CA PHE C 184 8.49 2.71 16.10
C PHE C 184 8.53 3.28 17.51
N GLY C 185 7.39 3.27 18.20
CA GLY C 185 7.38 3.72 19.59
C GLY C 185 8.13 2.75 20.50
N SER C 186 7.80 1.45 20.40
CA SER C 186 8.43 0.47 21.28
C SER C 186 9.93 0.40 21.05
N LEU C 187 10.37 0.51 19.80
CA LEU C 187 11.81 0.58 19.54
C LEU C 187 12.40 1.88 20.04
N THR C 188 11.59 2.95 20.10
CA THR C 188 12.07 4.22 20.64
C THR C 188 12.25 4.13 22.15
N VAL C 189 11.22 3.66 22.86
CA VAL C 189 11.33 3.56 24.31
C VAL C 189 12.40 2.54 24.70
N GLU C 190 12.64 1.55 23.85
CA GLU C 190 13.75 0.64 24.08
C GLU C 190 15.09 1.37 24.00
N LYS C 191 15.27 2.19 22.98
CA LYS C 191 16.51 2.94 22.84
C LYS C 191 16.69 3.95 23.97
N LEU C 192 15.59 4.58 24.40
CA LEU C 192 15.68 5.57 25.47
C LEU C 192 16.15 4.94 26.77
N LYS C 193 15.72 3.71 27.05
CA LYS C 193 16.11 3.02 28.27
C LYS C 193 17.61 2.76 28.34
N THR C 194 18.31 2.78 27.21
CA THR C 194 19.76 2.73 27.20
C THR C 194 20.41 4.10 27.18
N LEU C 195 19.63 5.16 26.97
CA LEU C 195 20.15 6.52 26.87
C LEU C 195 20.04 7.30 28.17
N VAL C 196 18.92 7.15 28.89
CA VAL C 196 18.75 7.78 30.20
C VAL C 196 18.41 6.68 31.19
N ASN C 197 18.26 7.06 32.48
CA ASN C 197 17.90 6.09 33.51
C ASN C 197 16.57 5.45 33.17
N PRO C 198 16.56 4.14 32.89
CA PRO C 198 15.31 3.48 32.48
C PRO C 198 14.26 3.42 33.58
N ALA C 199 14.61 3.72 34.83
CA ALA C 199 13.63 3.71 35.89
C ALA C 199 12.57 4.80 35.70
N ASN C 200 12.96 5.94 35.13
CA ASN C 200 12.08 7.09 34.97
C ASN C 200 11.36 7.10 33.62
N VAL C 201 11.41 6.01 32.87
CA VAL C 201 10.83 5.95 31.53
C VAL C 201 9.61 5.04 31.57
N THR C 202 8.44 5.60 31.26
CA THR C 202 7.19 4.87 31.19
C THR C 202 6.67 4.86 29.75
N PHE C 203 5.99 3.79 29.39
CA PHE C 203 5.47 3.62 28.04
C PHE C 203 4.04 3.10 28.13
N LYS C 204 3.07 3.93 27.71
CA LYS C 204 1.66 3.60 27.83
C LYS C 204 1.05 3.39 26.45
N THR C 205 0.24 2.34 26.34
CA THR C 205 -0.37 1.91 25.09
C THR C 205 -1.88 2.09 25.16
N TYR C 206 -2.47 2.60 24.08
CA TYR C 206 -3.90 2.88 24.05
C TYR C 206 -4.55 2.07 22.94
N GLU C 207 -5.25 1.02 23.34
CA GLU C 207 -5.79 0.04 22.40
C GLU C 207 -6.91 0.66 21.56
N GLY C 208 -6.90 0.37 20.27
CA GLY C 208 -7.87 0.91 19.35
C GLY C 208 -7.62 2.34 18.93
N MET C 209 -6.62 3.01 19.48
CA MET C 209 -6.29 4.37 19.12
C MET C 209 -5.36 4.39 17.92
N MET C 210 -5.65 5.27 16.97
CA MET C 210 -4.82 5.41 15.77
C MET C 210 -3.83 6.53 15.96
N HIS C 211 -3.62 7.36 14.94
CA HIS C 211 -2.70 8.49 15.04
C HIS C 211 -3.46 9.73 15.53
N SER C 212 -3.81 9.69 16.81
CA SER C 212 -4.59 10.76 17.43
C SER C 212 -4.39 10.68 18.94
N SER C 213 -5.33 11.25 19.68
CA SER C 213 -5.31 11.21 21.13
C SER C 213 -6.64 10.66 21.64
N CYS C 214 -6.63 10.24 22.90
CA CYS C 214 -7.82 9.82 23.63
C CYS C 214 -7.87 10.57 24.95
N GLN C 215 -9.00 10.48 25.65
CA GLN C 215 -9.12 11.19 26.91
C GLN C 215 -8.31 10.51 28.01
N GLN C 216 -8.21 9.18 27.98
CA GLN C 216 -7.37 8.50 28.96
C GLN C 216 -5.91 8.86 28.80
N GLU C 217 -5.46 9.09 27.57
CA GLU C 217 -4.09 9.54 27.35
C GLU C 217 -3.86 10.93 27.94
N MET C 218 -4.84 11.83 27.79
CA MET C 218 -4.73 13.15 28.37
C MET C 218 -4.72 13.09 29.90
N MET C 219 -5.55 12.21 30.46
CA MET C 219 -5.55 12.04 31.92
C MET C 219 -4.22 11.51 32.41
N ASP C 220 -3.60 10.61 31.65
CA ASP C 220 -2.29 10.11 32.03
C ASP C 220 -1.23 11.20 31.91
N VAL C 221 -1.36 12.06 30.90
CA VAL C 221 -0.42 13.17 30.74
C VAL C 221 -0.55 14.15 31.90
N LYS C 222 -1.80 14.45 32.31
CA LYS C 222 -2.01 15.35 33.44
C LYS C 222 -1.33 14.83 34.70
N GLN C 223 -1.51 13.53 35.00
CA GLN C 223 -0.88 12.95 36.18
C GLN C 223 0.63 13.04 36.10
N PHE C 224 1.20 12.80 34.92
CA PHE C 224 2.64 12.92 34.74
C PHE C 224 3.11 14.34 35.01
N ILE C 225 2.38 15.32 34.47
CA ILE C 225 2.76 16.72 34.64
C ILE C 225 2.61 17.14 36.09
N ASP C 226 1.55 16.66 36.76
CA ASP C 226 1.31 17.04 38.15
C ASP C 226 2.37 16.48 39.08
N LYS C 227 2.79 15.23 38.85
CA LYS C 227 3.79 14.61 39.72
C LYS C 227 5.13 15.33 39.63
N LEU C 228 5.52 15.73 38.42
CA LEU C 228 6.83 16.31 38.18
C LEU C 228 6.87 17.81 38.38
N LEU C 229 5.74 18.50 38.31
CA LEU C 229 5.66 19.95 38.51
C LEU C 229 4.61 20.24 39.58
N PRO C 230 4.93 19.99 40.85
CA PRO C 230 3.98 20.25 41.93
C PRO C 230 4.00 21.72 42.33
N PRO C 231 2.98 22.19 43.05
CA PRO C 231 2.90 23.61 43.37
C PRO C 231 4.03 24.06 44.29
N ILE C 232 4.28 25.37 44.25
CA ILE C 232 5.34 26.01 45.03
C ILE C 232 6.68 25.31 44.82
N PRO D 12 4.67 -39.22 4.03
CA PRO D 12 5.82 -40.11 3.80
C PRO D 12 6.94 -39.87 4.80
N LEU D 13 8.15 -39.68 4.29
CA LEU D 13 9.30 -39.32 5.10
C LEU D 13 10.05 -38.19 4.38
N PRO D 14 10.51 -37.19 5.10
CA PRO D 14 11.09 -36.02 4.44
C PRO D 14 12.41 -36.34 3.73
N ALA D 15 12.63 -35.69 2.60
CA ALA D 15 13.95 -35.67 2.01
C ALA D 15 14.93 -34.99 2.95
N ILE D 16 16.12 -35.57 3.08
CA ILE D 16 17.08 -35.12 4.08
C ILE D 16 18.44 -34.95 3.42
N VAL D 17 19.09 -33.81 3.67
CA VAL D 17 20.50 -33.63 3.37
C VAL D 17 21.25 -33.84 4.68
N PRO D 18 21.72 -35.06 4.97
CA PRO D 18 22.31 -35.32 6.28
C PRO D 18 23.59 -34.53 6.49
N ALA D 19 23.83 -34.18 7.76
CA ALA D 19 25.06 -33.48 8.11
C ALA D 19 26.24 -34.45 8.01
N ALA D 20 27.43 -33.89 7.77
CA ALA D 20 28.64 -34.70 7.77
C ALA D 20 28.74 -35.46 9.07
N ARG D 21 28.36 -34.77 10.15
CA ARG D 21 28.39 -35.36 11.51
C ARG D 21 27.11 -34.97 12.25
N LYS D 22 26.93 -35.48 13.47
CA LYS D 22 25.74 -35.17 14.24
C LYS D 22 25.46 -33.69 14.11
N ALA D 23 24.24 -33.36 13.71
CA ALA D 23 23.90 -31.99 13.38
C ALA D 23 23.77 -31.14 14.64
N THR D 24 24.32 -29.92 14.59
CA THR D 24 24.11 -28.93 15.63
C THR D 24 23.10 -27.87 15.22
N ALA D 25 22.54 -27.98 14.02
CA ALA D 25 21.55 -27.05 13.52
C ALA D 25 20.70 -27.75 12.48
N ALA D 26 19.58 -27.13 12.12
CA ALA D 26 18.67 -27.71 11.14
C ALA D 26 17.97 -26.62 10.37
N VAL D 27 17.68 -26.91 9.10
CA VAL D 27 16.87 -26.06 8.24
C VAL D 27 15.69 -26.89 7.75
N ILE D 28 14.50 -26.30 7.83
CA ILE D 28 13.27 -26.99 7.44
C ILE D 28 12.62 -26.17 6.33
N PHE D 29 12.63 -26.70 5.11
CA PHE D 29 12.14 -25.99 3.94
C PHE D 29 10.89 -26.69 3.39
N LEU D 30 9.88 -25.90 3.05
CA LEU D 30 8.62 -26.41 2.52
C LEU D 30 8.48 -25.99 1.07
N HIS D 31 8.38 -26.97 0.18
CA HIS D 31 8.24 -26.71 -1.25
C HIS D 31 6.90 -26.03 -1.54
N GLY D 32 6.74 -25.64 -2.81
CA GLY D 32 5.52 -25.00 -3.27
C GLY D 32 4.52 -25.97 -3.87
N LEU D 33 3.49 -25.39 -4.50
CA LEU D 33 2.39 -26.17 -5.04
C LEU D 33 2.89 -27.20 -6.06
N GLY D 34 2.38 -28.42 -5.94
CA GLY D 34 2.67 -29.48 -6.90
C GLY D 34 4.00 -30.18 -6.72
N ASP D 35 4.97 -29.55 -6.06
CA ASP D 35 6.31 -30.11 -5.99
C ASP D 35 6.39 -31.19 -4.92
N THR D 36 7.56 -31.83 -4.84
CA THR D 36 7.96 -32.69 -3.74
C THR D 36 9.12 -32.02 -3.01
N GLY D 37 9.54 -32.64 -1.91
CA GLY D 37 10.69 -32.10 -1.20
C GLY D 37 12.03 -32.40 -1.83
N HIS D 38 12.06 -33.30 -2.82
CA HIS D 38 13.33 -33.78 -3.35
C HIS D 38 14.06 -32.69 -4.13
N GLY D 39 13.37 -32.03 -5.06
CA GLY D 39 14.02 -31.00 -5.85
C GLY D 39 14.68 -29.93 -5.01
N TRP D 40 14.05 -29.56 -3.90
CA TRP D 40 14.63 -28.54 -3.03
C TRP D 40 15.74 -29.09 -2.15
N ALA D 41 15.70 -30.39 -1.84
CA ALA D 41 16.77 -30.99 -1.06
C ALA D 41 18.09 -30.98 -1.83
N GLU D 42 18.04 -31.30 -3.13
CA GLU D 42 19.25 -31.22 -3.94
C GLU D 42 19.77 -29.79 -4.01
N ALA D 43 18.85 -28.82 -4.15
CA ALA D 43 19.26 -27.42 -4.17
C ALA D 43 20.00 -27.03 -2.91
N PHE D 44 19.51 -27.48 -1.75
CA PHE D 44 20.16 -27.11 -0.50
C PHE D 44 21.48 -27.86 -0.31
N ALA D 45 21.61 -29.04 -0.92
CA ALA D 45 22.88 -29.75 -0.86
C ALA D 45 23.98 -28.96 -1.55
N GLY D 46 23.61 -28.09 -2.50
CA GLY D 46 24.58 -27.26 -3.20
C GLY D 46 25.07 -26.05 -2.46
N ILE D 47 24.45 -25.69 -1.33
CA ILE D 47 24.89 -24.56 -0.52
C ILE D 47 25.00 -25.02 0.93
N ARG D 48 25.02 -26.33 1.13
CA ARG D 48 24.95 -26.90 2.48
C ARG D 48 26.19 -26.55 3.29
N SER D 49 26.05 -26.73 4.61
CA SER D 49 27.15 -26.66 5.55
C SER D 49 27.17 -27.94 6.38
N SER D 50 28.38 -28.43 6.67
CA SER D 50 28.54 -29.80 7.16
C SER D 50 27.84 -30.04 8.49
N HIS D 51 27.60 -29.01 9.30
CA HIS D 51 27.00 -29.20 10.61
C HIS D 51 25.49 -29.04 10.60
N ILE D 52 24.89 -28.71 9.47
CA ILE D 52 23.46 -28.40 9.37
C ILE D 52 22.76 -29.56 8.67
N LYS D 53 21.67 -30.03 9.28
CA LYS D 53 20.80 -31.04 8.69
C LYS D 53 19.63 -30.35 8.01
N TYR D 54 19.45 -30.60 6.72
CA TYR D 54 18.39 -29.96 5.95
C TYR D 54 17.25 -30.94 5.74
N ILE D 55 16.04 -30.52 6.11
CA ILE D 55 14.85 -31.36 6.09
C ILE D 55 13.84 -30.74 5.13
N CYS D 56 13.34 -31.54 4.19
CA CYS D 56 12.43 -31.06 3.15
C CYS D 56 11.21 -31.98 3.13
N PRO D 57 10.21 -31.70 3.96
CA PRO D 57 9.02 -32.55 3.98
C PRO D 57 8.29 -32.53 2.65
N HIS D 58 7.52 -33.59 2.42
CA HIS D 58 6.65 -33.69 1.25
C HIS D 58 5.22 -33.37 1.68
N ALA D 59 4.57 -32.49 0.92
CA ALA D 59 3.20 -32.12 1.23
C ALA D 59 2.24 -33.20 0.72
N PRO D 60 1.09 -33.38 1.36
CA PRO D 60 0.12 -34.36 0.89
C PRO D 60 -0.51 -33.90 -0.42
N VAL D 61 -0.94 -34.87 -1.22
CA VAL D 61 -1.74 -34.54 -2.40
C VAL D 61 -3.18 -34.34 -1.96
N ARG D 62 -3.81 -33.29 -2.47
CA ARG D 62 -5.16 -32.92 -2.08
C ARG D 62 -5.77 -32.10 -3.20
N PRO D 63 -7.10 -32.07 -3.30
CA PRO D 63 -7.73 -31.22 -4.32
C PRO D 63 -7.44 -29.75 -4.04
N VAL D 64 -7.15 -29.02 -5.11
CA VAL D 64 -6.85 -27.60 -5.03
C VAL D 64 -7.96 -26.85 -5.76
N THR D 65 -8.68 -26.00 -5.03
CA THR D 65 -9.84 -25.32 -5.60
C THR D 65 -9.46 -24.41 -6.76
N LEU D 66 -8.26 -23.82 -6.71
CA LEU D 66 -7.85 -22.90 -7.77
C LEU D 66 -7.87 -23.56 -9.13
N ASN D 67 -7.31 -24.77 -9.23
CA ASN D 67 -7.31 -25.50 -10.49
C ASN D 67 -8.34 -26.63 -10.48
N MET D 68 -9.58 -26.25 -10.18
CA MET D 68 -10.73 -27.14 -10.35
C MET D 68 -10.62 -28.43 -9.54
N ASN D 69 -10.12 -28.31 -8.31
CA ASN D 69 -10.03 -29.42 -7.37
C ASN D 69 -9.22 -30.60 -7.91
N VAL D 70 -8.39 -30.37 -8.92
CA VAL D 70 -7.43 -31.37 -9.32
C VAL D 70 -6.50 -31.65 -8.16
N ALA D 71 -6.27 -32.92 -7.86
CA ALA D 71 -5.39 -33.29 -6.76
C ALA D 71 -3.93 -33.10 -7.14
N MET D 72 -3.16 -32.56 -6.21
CA MET D 72 -1.72 -32.39 -6.36
C MET D 72 -1.14 -32.01 -5.00
N PRO D 73 0.18 -32.11 -4.83
CA PRO D 73 0.77 -31.73 -3.54
C PRO D 73 0.45 -30.29 -3.17
N SER D 74 -0.08 -30.11 -1.96
CA SER D 74 -0.50 -28.79 -1.49
C SER D 74 -0.54 -28.80 0.03
N TRP D 75 0.16 -27.84 0.65
CA TRP D 75 0.13 -27.72 2.10
C TRP D 75 -1.24 -27.30 2.60
N PHE D 76 -1.96 -26.50 1.83
CA PHE D 76 -3.33 -26.13 2.13
C PHE D 76 -4.01 -25.74 0.81
N ASP D 77 -5.28 -25.37 0.90
CA ASP D 77 -6.04 -25.08 -0.30
C ASP D 77 -5.74 -23.67 -0.81
N ILE D 78 -5.78 -23.52 -2.13
CA ILE D 78 -5.57 -22.25 -2.80
C ILE D 78 -6.87 -21.88 -3.51
N ILE D 79 -7.46 -20.74 -3.12
CA ILE D 79 -8.75 -20.33 -3.66
C ILE D 79 -8.53 -19.26 -4.73
N GLY D 80 -7.53 -18.42 -4.53
CA GLY D 80 -7.22 -17.37 -5.48
C GLY D 80 -5.75 -17.00 -5.43
N LEU D 81 -5.37 -16.04 -6.26
CA LEU D 81 -3.99 -15.57 -6.34
C LEU D 81 -3.83 -14.11 -5.95
N SER D 82 -4.91 -13.42 -5.61
CA SER D 82 -4.86 -12.01 -5.27
C SER D 82 -4.73 -11.83 -3.77
N PRO D 83 -4.20 -10.68 -3.33
CA PRO D 83 -4.24 -10.36 -1.89
C PRO D 83 -5.65 -10.32 -1.33
N ASP D 84 -6.64 -9.96 -2.15
CA ASP D 84 -8.02 -9.85 -1.71
C ASP D 84 -8.77 -11.18 -1.76
N SER D 85 -8.10 -12.26 -2.15
CA SER D 85 -8.75 -13.56 -2.28
C SER D 85 -8.95 -14.22 -0.93
N GLN D 86 -9.93 -15.11 -0.86
CA GLN D 86 -10.15 -15.88 0.35
C GLN D 86 -9.05 -16.92 0.52
N GLU D 87 -8.86 -17.33 1.77
CA GLU D 87 -7.80 -18.27 2.12
C GLU D 87 -8.38 -19.40 2.95
N ASP D 88 -7.86 -20.61 2.73
CA ASP D 88 -8.23 -21.77 3.53
C ASP D 88 -7.77 -21.56 4.97
N GLU D 89 -8.60 -20.89 5.77
CA GLU D 89 -8.20 -20.55 7.14
C GLU D 89 -7.98 -21.79 7.98
N SER D 90 -8.86 -22.79 7.84
CA SER D 90 -8.71 -24.02 8.63
C SER D 90 -7.47 -24.79 8.22
N GLY D 91 -7.24 -24.93 6.91
CA GLY D 91 -6.10 -25.71 6.45
C GLY D 91 -4.76 -25.09 6.81
N ILE D 92 -4.66 -23.77 6.70
CA ILE D 92 -3.42 -23.09 7.05
C ILE D 92 -3.09 -23.32 8.53
N LYS D 93 -4.10 -23.20 9.39
CA LYS D 93 -3.86 -23.41 10.82
C LYS D 93 -3.56 -24.87 11.12
N GLN D 94 -4.25 -25.79 10.45
CA GLN D 94 -3.97 -27.22 10.64
C GLN D 94 -2.55 -27.55 10.19
N ALA D 95 -2.13 -27.03 9.04
CA ALA D 95 -0.79 -27.30 8.54
C ALA D 95 0.27 -26.70 9.45
N ALA D 96 0.01 -25.51 10.00
CA ALA D 96 0.97 -24.89 10.92
C ALA D 96 1.23 -25.76 12.14
N GLU D 97 0.21 -26.48 12.61
CA GLU D 97 0.42 -27.39 13.74
C GLU D 97 1.27 -28.58 13.31
N ASN D 98 1.07 -29.10 12.09
CA ASN D 98 1.90 -30.18 11.59
C ASN D 98 3.36 -29.75 11.51
N ILE D 99 3.62 -28.47 11.28
CA ILE D 99 5.00 -27.98 11.17
C ILE D 99 5.58 -27.73 12.56
N LYS D 100 4.78 -27.19 13.48
CA LYS D 100 5.21 -27.10 14.86
C LYS D 100 5.60 -28.47 15.40
N ALA D 101 4.84 -29.50 15.04
CA ALA D 101 5.16 -30.85 15.49
C ALA D 101 6.43 -31.35 14.84
N LEU D 102 6.61 -31.09 13.54
CA LEU D 102 7.84 -31.49 12.87
C LEU D 102 9.05 -30.77 13.46
N ILE D 103 8.87 -29.52 13.89
CA ILE D 103 9.94 -28.83 14.61
C ILE D 103 10.23 -29.53 15.94
N ASP D 104 9.20 -30.10 16.56
CA ASP D 104 9.36 -30.67 17.90
C ASP D 104 10.20 -31.95 17.88
N GLN D 105 9.98 -32.82 16.89
CA GLN D 105 10.72 -34.07 16.85
C GLN D 105 12.20 -33.85 16.63
N GLU D 106 12.58 -32.77 15.96
CA GLU D 106 13.99 -32.44 15.86
C GLU D 106 14.53 -31.89 17.17
N VAL D 107 13.69 -31.23 17.95
CA VAL D 107 14.11 -30.79 19.29
C VAL D 107 14.27 -32.00 20.20
N LYS D 108 13.32 -32.94 20.16
CA LYS D 108 13.44 -34.16 20.92
C LYS D 108 14.58 -35.03 20.43
N ASN D 109 15.07 -34.81 19.22
CA ASN D 109 16.20 -35.55 18.67
C ASN D 109 17.54 -34.90 18.98
N GLY D 110 17.55 -33.84 19.78
CA GLY D 110 18.78 -33.20 20.21
C GLY D 110 19.13 -31.90 19.54
N ILE D 111 18.21 -31.27 18.83
CA ILE D 111 18.48 -29.99 18.18
C ILE D 111 17.56 -28.92 18.75
N PRO D 112 18.06 -28.01 19.58
CA PRO D 112 17.21 -26.96 20.14
C PRO D 112 16.56 -26.11 19.05
N SER D 113 15.33 -25.67 19.33
CA SER D 113 14.58 -24.93 18.33
C SER D 113 15.27 -23.64 17.91
N ASN D 114 16.06 -23.03 18.80
CA ASN D 114 16.80 -21.83 18.43
C ASN D 114 18.00 -22.13 17.54
N ARG D 115 18.18 -23.40 17.14
CA ARG D 115 19.15 -23.78 16.12
C ARG D 115 18.47 -24.26 14.85
N ILE D 116 17.20 -23.94 14.66
CA ILE D 116 16.41 -24.36 13.52
C ILE D 116 15.96 -23.12 12.75
N ILE D 117 16.17 -23.13 11.44
CA ILE D 117 15.64 -22.10 10.55
C ILE D 117 14.45 -22.69 9.80
N LEU D 118 13.36 -21.94 9.74
CA LEU D 118 12.16 -22.36 9.03
C LEU D 118 12.08 -21.61 7.70
N GLY D 119 11.59 -22.27 6.66
CA GLY D 119 11.56 -21.63 5.36
C GLY D 119 10.74 -22.42 4.37
N GLY D 120 10.56 -21.82 3.20
CA GLY D 120 9.77 -22.45 2.16
C GLY D 120 9.74 -21.61 0.91
N PHE D 121 9.19 -22.21 -0.15
CA PHE D 121 9.01 -21.55 -1.44
C PHE D 121 7.52 -21.48 -1.76
N SER D 122 7.07 -20.31 -2.20
CA SER D 122 5.68 -20.08 -2.64
C SER D 122 4.77 -20.37 -1.45
N GLN D 123 3.76 -21.24 -1.59
CA GLN D 123 2.89 -21.54 -0.45
C GLN D 123 3.65 -22.17 0.70
N GLY D 124 4.78 -22.84 0.40
CA GLY D 124 5.64 -23.32 1.47
C GLY D 124 6.27 -22.19 2.25
N GLY D 125 6.68 -21.11 1.56
CA GLY D 125 7.18 -19.96 2.26
C GLY D 125 6.12 -19.27 3.09
N ALA D 126 4.88 -19.26 2.60
CA ALA D 126 3.77 -18.68 3.35
C ALA D 126 3.55 -19.45 4.64
N LEU D 127 3.47 -20.78 4.55
CA LEU D 127 3.26 -21.61 5.73
C LEU D 127 4.35 -21.38 6.76
N SER D 128 5.61 -21.30 6.31
CA SER D 128 6.71 -21.06 7.24
C SER D 128 6.60 -19.69 7.87
N LEU D 129 6.18 -18.69 7.10
CA LEU D 129 5.99 -17.35 7.66
C LEU D 129 4.90 -17.36 8.73
N TYR D 130 3.75 -17.96 8.41
CA TYR D 130 2.65 -18.01 9.37
C TYR D 130 3.03 -18.81 10.61
N THR D 131 3.73 -19.94 10.41
CA THR D 131 4.09 -20.79 11.54
C THR D 131 5.01 -20.07 12.50
N ALA D 132 6.10 -19.50 11.99
CA ALA D 132 7.07 -18.82 12.86
C ALA D 132 6.41 -17.69 13.65
N LEU D 133 5.46 -16.99 13.04
CA LEU D 133 4.80 -15.88 13.71
C LEU D 133 3.64 -16.30 14.60
N THR D 134 3.38 -17.60 14.75
CA THR D 134 2.35 -18.08 15.66
C THR D 134 2.83 -19.15 16.61
N THR D 135 4.06 -19.63 16.48
CA THR D 135 4.60 -20.62 17.40
C THR D 135 5.29 -19.92 18.56
N GLN D 136 5.32 -20.59 19.70
CA GLN D 136 6.09 -20.12 20.84
C GLN D 136 7.45 -20.81 20.95
N GLN D 137 7.76 -21.71 20.03
CA GLN D 137 9.12 -22.23 19.91
C GLN D 137 10.00 -21.16 19.29
N LYS D 138 11.03 -20.74 20.02
CA LYS D 138 11.92 -19.70 19.53
C LYS D 138 12.85 -20.28 18.47
N LEU D 139 12.77 -19.76 17.25
CA LEU D 139 13.50 -20.27 16.11
C LEU D 139 14.64 -19.33 15.75
N ALA D 140 15.56 -19.85 14.93
CA ALA D 140 16.77 -19.11 14.58
C ALA D 140 16.53 -18.09 13.47
N GLY D 141 15.64 -18.40 12.53
CA GLY D 141 15.39 -17.47 11.43
C GLY D 141 14.35 -18.04 10.48
N VAL D 142 14.08 -17.25 9.44
CA VAL D 142 13.13 -17.63 8.40
C VAL D 142 13.69 -17.18 7.05
N THR D 143 13.63 -18.06 6.06
CA THR D 143 13.94 -17.72 4.67
C THR D 143 12.67 -17.97 3.85
N ALA D 144 12.01 -16.89 3.47
CA ALA D 144 10.72 -16.95 2.78
C ALA D 144 10.92 -16.53 1.33
N LEU D 145 10.77 -17.45 0.40
CA LEU D 145 11.13 -17.24 -1.00
C LEU D 145 9.87 -17.12 -1.85
N SER D 146 9.66 -15.93 -2.44
CA SER D 146 8.58 -15.69 -3.40
C SER D 146 7.22 -16.07 -2.84
N CYS D 147 6.97 -15.70 -1.58
CA CYS D 147 5.76 -16.13 -0.90
C CYS D 147 4.90 -14.95 -0.47
N TRP D 148 4.12 -15.13 0.59
CA TRP D 148 3.28 -14.09 1.15
C TRP D 148 2.96 -14.47 2.58
N LEU D 149 2.40 -13.52 3.32
CA LEU D 149 1.96 -13.79 4.69
C LEU D 149 0.50 -14.20 4.65
N PRO D 150 0.17 -15.47 4.84
CA PRO D 150 -1.23 -15.88 4.81
C PRO D 150 -1.98 -15.40 6.05
N LEU D 151 -3.28 -15.18 5.89
CA LEU D 151 -4.16 -14.77 6.98
C LEU D 151 -3.64 -13.50 7.67
N ARG D 152 -3.22 -12.53 6.87
CA ARG D 152 -2.56 -11.35 7.43
C ARG D 152 -3.51 -10.51 8.27
N ALA D 153 -4.81 -10.54 7.98
CA ALA D 153 -5.76 -9.71 8.71
C ALA D 153 -6.00 -10.22 10.13
N SER D 154 -5.66 -11.48 10.42
CA SER D 154 -5.83 -12.02 11.76
C SER D 154 -4.71 -11.62 12.70
N PHE D 155 -3.67 -10.96 12.20
CA PHE D 155 -2.56 -10.51 13.01
C PHE D 155 -2.84 -9.14 13.61
N PRO D 156 -2.31 -8.86 14.80
CA PRO D 156 -2.51 -7.53 15.40
C PRO D 156 -1.82 -6.46 14.57
N GLN D 157 -2.05 -5.20 14.97
CA GLN D 157 -1.46 -4.07 14.29
C GLN D 157 -0.22 -3.54 15.01
N GLY D 158 0.17 -4.16 16.12
CA GLY D 158 1.42 -3.83 16.78
C GLY D 158 2.38 -5.00 16.72
N PRO D 159 3.46 -4.93 17.50
CA PRO D 159 4.39 -6.06 17.58
C PRO D 159 3.71 -7.31 18.12
N ILE D 160 4.20 -8.47 17.67
CA ILE D 160 3.57 -9.73 18.07
C ILE D 160 3.99 -10.12 19.48
N GLY D 161 5.16 -9.71 19.93
CA GLY D 161 5.58 -10.18 21.23
C GLY D 161 5.90 -11.67 21.19
N GLY D 162 6.06 -12.25 22.37
CA GLY D 162 6.27 -13.68 22.46
C GLY D 162 7.69 -14.09 22.12
N ALA D 163 7.81 -15.33 21.62
CA ALA D 163 9.12 -15.95 21.49
C ALA D 163 9.95 -15.31 20.39
N ASN D 164 9.33 -15.01 19.24
CA ASN D 164 10.06 -14.62 18.04
C ASN D 164 9.90 -13.14 17.71
N ARG D 165 9.97 -12.27 18.73
CA ARG D 165 9.86 -10.84 18.49
C ARG D 165 10.98 -10.33 17.58
N ASP D 166 12.16 -10.92 17.68
CA ASP D 166 13.34 -10.45 16.97
C ASP D 166 13.84 -11.47 15.96
N ILE D 167 12.93 -12.31 15.45
CA ILE D 167 13.33 -13.35 14.52
C ILE D 167 13.82 -12.69 13.24
N SER D 168 15.00 -13.12 12.76
CA SER D 168 15.54 -12.60 11.53
C SER D 168 14.86 -13.25 10.35
N ILE D 169 14.38 -12.44 9.41
CA ILE D 169 13.65 -12.92 8.25
C ILE D 169 14.37 -12.46 6.99
N LEU D 170 14.64 -13.40 6.10
CA LEU D 170 15.12 -13.10 4.75
C LEU D 170 14.00 -13.42 3.78
N GLN D 171 13.52 -12.40 3.07
CA GLN D 171 12.50 -12.56 2.06
C GLN D 171 13.09 -12.24 0.68
N CYS D 172 12.96 -13.18 -0.25
CA CYS D 172 13.44 -13.04 -1.61
C CYS D 172 12.27 -13.18 -2.56
N HIS D 173 12.25 -12.35 -3.60
CA HIS D 173 11.17 -12.37 -4.58
C HIS D 173 11.71 -11.95 -5.93
N GLY D 174 11.15 -12.53 -6.99
CA GLY D 174 11.47 -12.12 -8.34
C GLY D 174 10.53 -11.02 -8.81
N ASP D 175 11.09 -10.06 -9.54
CA ASP D 175 10.29 -8.91 -9.98
C ASP D 175 9.50 -9.20 -11.24
N CYS D 176 9.54 -10.44 -11.75
CA CYS D 176 8.76 -10.84 -12.91
C CYS D 176 7.95 -12.11 -12.61
N ASP D 177 7.57 -12.29 -11.36
CA ASP D 177 6.81 -13.47 -10.94
C ASP D 177 5.37 -13.37 -11.43
N PRO D 178 4.93 -14.24 -12.35
CA PRO D 178 3.54 -14.17 -12.81
C PRO D 178 2.54 -14.93 -11.95
N LEU D 179 3.01 -15.78 -11.04
CA LEU D 179 2.14 -16.55 -10.16
C LEU D 179 1.93 -15.87 -8.81
N VAL D 180 3.01 -15.42 -8.18
CA VAL D 180 2.95 -14.64 -6.95
C VAL D 180 3.66 -13.31 -7.21
N PRO D 181 2.94 -12.27 -7.60
CA PRO D 181 3.61 -11.03 -8.03
C PRO D 181 4.35 -10.36 -6.89
N LEU D 182 5.33 -9.52 -7.28
CA LEU D 182 6.18 -8.86 -6.29
C LEU D 182 5.39 -7.95 -5.37
N MET D 183 4.28 -7.39 -5.87
CA MET D 183 3.38 -6.62 -5.02
C MET D 183 2.97 -7.40 -3.78
N PHE D 184 2.77 -8.72 -3.92
CA PHE D 184 2.34 -9.53 -2.78
C PHE D 184 3.48 -9.76 -1.80
N GLY D 185 4.70 -9.93 -2.31
CA GLY D 185 5.85 -9.99 -1.43
C GLY D 185 6.20 -8.65 -0.82
N SER D 186 6.00 -7.57 -1.59
CA SER D 186 6.21 -6.22 -1.05
C SER D 186 5.20 -5.91 0.04
N LEU D 187 3.91 -6.22 -0.21
CA LEU D 187 2.89 -6.03 0.81
C LEU D 187 3.17 -6.87 2.04
N THR D 188 3.69 -8.09 1.84
CA THR D 188 3.97 -8.97 2.96
C THR D 188 5.06 -8.40 3.86
N VAL D 189 6.18 -7.97 3.26
CA VAL D 189 7.31 -7.56 4.08
C VAL D 189 7.01 -6.25 4.81
N GLU D 190 6.20 -5.36 4.22
CA GLU D 190 5.78 -4.18 4.94
C GLU D 190 4.99 -4.55 6.19
N LYS D 191 4.07 -5.50 6.06
CA LYS D 191 3.34 -5.99 7.23
C LYS D 191 4.28 -6.67 8.21
N LEU D 192 5.28 -7.39 7.71
CA LEU D 192 6.23 -8.06 8.59
C LEU D 192 6.97 -7.06 9.46
N LYS D 193 7.33 -5.90 8.91
CA LYS D 193 8.15 -4.95 9.64
C LYS D 193 7.40 -4.26 10.76
N THR D 194 6.07 -4.29 10.76
CA THR D 194 5.31 -3.83 11.92
C THR D 194 5.01 -4.96 12.91
N LEU D 195 5.32 -6.20 12.57
CA LEU D 195 5.10 -7.34 13.46
C LEU D 195 6.34 -7.72 14.27
N VAL D 196 7.51 -7.75 13.64
CA VAL D 196 8.75 -8.07 14.32
C VAL D 196 9.72 -6.91 14.11
N ASN D 197 10.87 -6.99 14.79
CA ASN D 197 11.87 -5.93 14.72
C ASN D 197 12.33 -5.74 13.28
N PRO D 198 11.99 -4.62 12.66
CA PRO D 198 12.31 -4.44 11.23
C PRO D 198 13.80 -4.42 10.93
N ALA D 199 14.66 -4.37 11.94
CA ALA D 199 16.10 -4.38 11.70
C ALA D 199 16.61 -5.76 11.32
N ASN D 200 15.87 -6.82 11.64
CA ASN D 200 16.23 -8.18 11.28
C ASN D 200 15.53 -8.66 10.03
N VAL D 201 14.70 -7.81 9.42
CA VAL D 201 13.92 -8.17 8.24
C VAL D 201 14.65 -7.64 7.01
N THR D 202 15.08 -8.56 6.14
CA THR D 202 15.78 -8.20 4.91
C THR D 202 14.94 -8.67 3.72
N PHE D 203 14.76 -7.78 2.75
CA PHE D 203 13.98 -8.06 1.56
C PHE D 203 14.88 -7.89 0.34
N LYS D 204 15.01 -8.95 -0.45
CA LYS D 204 15.91 -8.96 -1.61
C LYS D 204 15.10 -9.26 -2.87
N THR D 205 15.33 -8.47 -3.90
CA THR D 205 14.63 -8.61 -5.18
C THR D 205 15.63 -8.99 -6.26
N TYR D 206 15.19 -9.86 -7.16
CA TYR D 206 16.05 -10.38 -8.23
C TYR D 206 15.42 -10.02 -9.56
N GLU D 207 16.13 -9.20 -10.35
CA GLU D 207 15.60 -8.67 -11.59
C GLU D 207 15.64 -9.75 -12.68
N GLY D 208 14.52 -9.91 -13.37
CA GLY D 208 14.40 -10.90 -14.40
C GLY D 208 13.99 -12.28 -13.91
N MET D 209 13.92 -12.50 -12.61
CA MET D 209 13.53 -13.80 -12.08
C MET D 209 12.01 -13.91 -12.02
N MET D 210 11.50 -15.07 -12.44
CA MET D 210 10.07 -15.34 -12.37
C MET D 210 9.77 -16.16 -11.13
N HIS D 211 8.77 -17.04 -11.20
CA HIS D 211 8.40 -17.89 -10.07
C HIS D 211 9.36 -19.09 -10.01
N SER D 212 10.58 -18.80 -9.56
CA SER D 212 11.67 -19.76 -9.67
C SER D 212 12.76 -19.35 -8.69
N SER D 213 13.99 -19.78 -8.95
CA SER D 213 15.14 -19.39 -8.17
C SER D 213 16.27 -18.98 -9.11
N CYS D 214 17.27 -18.29 -8.55
CA CYS D 214 18.48 -17.95 -9.27
C CYS D 214 19.67 -18.35 -8.42
N GLN D 215 20.86 -18.26 -9.03
CA GLN D 215 22.06 -18.62 -8.28
C GLN D 215 22.44 -17.55 -7.26
N GLN D 216 22.10 -16.29 -7.54
CA GLN D 216 22.36 -15.23 -6.57
C GLN D 216 21.48 -15.40 -5.33
N GLU D 217 20.22 -15.79 -5.53
CA GLU D 217 19.32 -16.00 -4.40
C GLU D 217 19.81 -17.14 -3.52
N MET D 218 20.28 -18.24 -4.13
CA MET D 218 20.81 -19.34 -3.33
C MET D 218 22.03 -18.91 -2.53
N MET D 219 22.86 -18.03 -3.10
CA MET D 219 24.01 -17.52 -2.36
C MET D 219 23.56 -16.69 -1.16
N ASP D 220 22.57 -15.82 -1.34
CA ASP D 220 22.09 -14.99 -0.25
C ASP D 220 21.41 -15.82 0.84
N VAL D 221 20.76 -16.92 0.46
CA VAL D 221 20.21 -17.83 1.46
C VAL D 221 21.33 -18.53 2.21
N LYS D 222 22.43 -18.84 1.51
CA LYS D 222 23.57 -19.47 2.16
C LYS D 222 24.21 -18.53 3.17
N GLN D 223 24.44 -17.27 2.77
CA GLN D 223 24.99 -16.29 3.70
C GLN D 223 24.08 -16.13 4.92
N PHE D 224 22.77 -16.05 4.68
CA PHE D 224 21.82 -15.88 5.77
C PHE D 224 21.86 -17.05 6.74
N ILE D 225 21.77 -18.28 6.22
CA ILE D 225 21.76 -19.45 7.07
C ILE D 225 23.09 -19.58 7.82
N ASP D 226 24.20 -19.28 7.16
CA ASP D 226 25.51 -19.38 7.81
C ASP D 226 25.64 -18.34 8.92
N LYS D 227 25.13 -17.13 8.71
CA LYS D 227 25.21 -16.08 9.72
C LYS D 227 24.41 -16.44 10.96
N LEU D 228 23.25 -17.08 10.78
CA LEU D 228 22.36 -17.37 11.89
C LEU D 228 22.62 -18.74 12.52
N LEU D 229 23.22 -19.67 11.79
CA LEU D 229 23.52 -21.02 12.29
C LEU D 229 25.00 -21.31 12.09
N PRO D 230 25.87 -20.65 12.85
CA PRO D 230 27.30 -20.87 12.69
C PRO D 230 27.73 -22.19 13.28
N PRO D 231 28.93 -22.68 12.95
CA PRO D 231 29.42 -23.92 13.56
C PRO D 231 29.50 -23.81 15.08
N ILE D 232 29.29 -24.95 15.74
CA ILE D 232 29.19 -25.05 17.19
C ILE D 232 28.10 -24.15 17.76
N PRO E 12 27.26 37.72 -16.15
CA PRO E 12 25.95 38.12 -15.62
C PRO E 12 25.76 37.73 -14.15
N LEU E 13 24.53 37.91 -13.65
CA LEU E 13 24.19 37.68 -12.25
C LEU E 13 23.99 36.19 -11.98
N PRO E 14 24.86 35.58 -11.18
CA PRO E 14 24.68 34.15 -10.84
C PRO E 14 23.38 33.92 -10.07
N ALA E 15 22.68 32.85 -10.42
CA ALA E 15 21.46 32.49 -9.70
C ALA E 15 21.79 32.10 -8.28
N ILE E 16 20.99 32.60 -7.34
CA ILE E 16 21.27 32.44 -5.91
C ILE E 16 20.01 31.93 -5.21
N VAL E 17 20.19 30.91 -4.37
CA VAL E 17 19.17 30.54 -3.39
C VAL E 17 19.69 30.99 -2.03
N PRO E 18 19.21 32.12 -1.51
CA PRO E 18 19.80 32.67 -0.28
C PRO E 18 19.39 31.89 0.95
N ALA E 19 20.25 31.89 1.95
CA ALA E 19 19.94 31.27 3.23
C ALA E 19 18.89 32.11 3.95
N ALA E 20 17.87 31.46 4.50
CA ALA E 20 16.87 32.18 5.27
C ALA E 20 17.45 32.77 6.55
N ARG E 21 18.51 32.17 7.08
CA ARG E 21 19.20 32.63 8.26
C ARG E 21 20.49 33.34 7.84
N LYS E 22 21.45 33.44 8.77
CA LYS E 22 22.77 33.94 8.45
C LYS E 22 23.59 32.81 7.81
N ALA E 23 24.09 33.06 6.61
CA ALA E 23 24.80 32.03 5.86
C ALA E 23 26.09 31.65 6.58
N THR E 24 26.22 30.36 6.93
CA THR E 24 27.43 29.83 7.52
C THR E 24 28.10 28.79 6.64
N ALA E 25 27.59 28.60 5.42
CA ALA E 25 28.17 27.68 4.45
C ALA E 25 27.61 28.04 3.08
N ALA E 26 28.17 27.42 2.04
CA ALA E 26 27.73 27.68 0.69
C ALA E 26 27.99 26.48 -0.19
N VAL E 27 27.13 26.30 -1.19
CA VAL E 27 27.31 25.27 -2.22
C VAL E 27 27.34 25.97 -3.57
N ILE E 28 28.36 25.67 -4.36
CA ILE E 28 28.52 26.23 -5.69
C ILE E 28 28.36 25.08 -6.69
N PHE E 29 27.34 25.17 -7.54
CA PHE E 29 27.01 24.12 -8.48
C PHE E 29 27.06 24.67 -9.90
N LEU E 30 27.82 23.98 -10.77
CA LEU E 30 28.02 24.42 -12.15
C LEU E 30 27.15 23.57 -13.07
N HIS E 31 26.29 24.24 -13.84
CA HIS E 31 25.38 23.52 -14.73
C HIS E 31 26.16 22.85 -15.86
N GLY E 32 25.45 21.98 -16.58
CA GLY E 32 26.00 21.29 -17.73
C GLY E 32 25.91 22.13 -19.00
N LEU E 33 26.25 21.49 -20.11
CA LEU E 33 26.28 22.18 -21.40
C LEU E 33 24.90 22.71 -21.78
N GLY E 34 24.89 23.90 -22.38
CA GLY E 34 23.67 24.49 -22.91
C GLY E 34 22.71 25.03 -21.89
N ASP E 35 22.98 24.87 -20.59
CA ASP E 35 22.05 25.26 -19.55
C ASP E 35 22.38 26.64 -19.01
N THR E 36 21.46 27.16 -18.21
CA THR E 36 21.67 28.33 -17.38
C THR E 36 21.88 27.86 -15.94
N GLY E 37 21.99 28.81 -15.01
CA GLY E 37 22.04 28.46 -13.62
C GLY E 37 20.69 28.30 -12.95
N HIS E 38 19.63 28.79 -13.59
CA HIS E 38 18.32 28.82 -12.96
C HIS E 38 17.73 27.44 -12.77
N GLY E 39 17.99 26.52 -13.71
CA GLY E 39 17.41 25.19 -13.60
C GLY E 39 17.86 24.46 -12.35
N TRP E 40 19.18 24.42 -12.12
CA TRP E 40 19.71 23.75 -10.95
C TRP E 40 19.48 24.53 -9.67
N ALA E 41 19.23 25.84 -9.77
CA ALA E 41 18.92 26.63 -8.58
C ALA E 41 17.59 26.21 -7.98
N GLU E 42 16.58 25.99 -8.82
CA GLU E 42 15.30 25.50 -8.32
C GLU E 42 15.44 24.09 -7.76
N ALA E 43 16.30 23.27 -8.36
CA ALA E 43 16.54 21.94 -7.84
C ALA E 43 17.07 22.00 -6.41
N PHE E 44 18.15 22.75 -6.20
CA PHE E 44 18.71 22.89 -4.86
C PHE E 44 17.80 23.66 -3.92
N ALA E 45 16.88 24.47 -4.46
CA ALA E 45 15.88 25.09 -3.61
C ALA E 45 14.96 24.06 -2.96
N GLY E 46 14.68 22.96 -3.67
CA GLY E 46 13.82 21.92 -3.13
C GLY E 46 14.45 21.09 -2.03
N ILE E 47 15.75 21.22 -1.81
CA ILE E 47 16.44 20.51 -0.74
C ILE E 47 17.26 21.49 0.08
N ARG E 48 16.85 22.76 0.07
CA ARG E 48 17.64 23.82 0.69
C ARG E 48 17.68 23.67 2.20
N SER E 49 18.82 24.03 2.78
CA SER E 49 18.98 24.15 4.23
C SER E 49 18.95 25.62 4.63
N SER E 50 18.61 25.86 5.90
CA SER E 50 18.38 27.23 6.35
C SER E 50 19.66 28.05 6.40
N HIS E 51 20.81 27.41 6.60
CA HIS E 51 22.07 28.09 6.82
C HIS E 51 22.99 28.07 5.61
N ILE E 52 22.50 27.66 4.44
CA ILE E 52 23.34 27.42 3.28
C ILE E 52 22.93 28.36 2.16
N LYS E 53 23.92 28.90 1.46
CA LYS E 53 23.74 29.75 0.29
C LYS E 53 24.11 28.95 -0.95
N TYR E 54 23.17 28.82 -1.88
CA TYR E 54 23.37 28.02 -3.08
C TYR E 54 23.63 28.95 -4.26
N ILE E 55 24.78 28.76 -4.90
CA ILE E 55 25.24 29.66 -5.97
C ILE E 55 25.40 28.86 -7.25
N CYS E 56 24.65 29.24 -8.28
CA CYS E 56 24.68 28.60 -9.59
C CYS E 56 25.17 29.61 -10.62
N PRO E 57 26.48 29.73 -10.82
CA PRO E 57 26.98 30.69 -11.81
C PRO E 57 26.64 30.26 -13.23
N HIS E 58 26.47 31.26 -14.09
CA HIS E 58 26.16 31.02 -15.50
C HIS E 58 27.45 30.89 -16.30
N ALA E 59 27.45 29.96 -17.24
CA ALA E 59 28.55 29.88 -18.17
C ALA E 59 28.34 30.87 -19.31
N PRO E 60 29.42 31.37 -19.92
CA PRO E 60 29.26 32.23 -21.09
C PRO E 60 28.93 31.44 -22.34
N VAL E 61 28.25 32.10 -23.27
CA VAL E 61 27.90 31.47 -24.54
C VAL E 61 29.14 31.45 -25.44
N ARG E 62 29.43 30.27 -25.99
CA ARG E 62 30.65 30.03 -26.74
C ARG E 62 30.37 28.98 -27.80
N PRO E 63 30.97 29.10 -28.99
CA PRO E 63 30.81 28.04 -30.00
C PRO E 63 31.35 26.71 -29.49
N VAL E 64 30.61 25.64 -29.79
CA VAL E 64 30.92 24.30 -29.30
C VAL E 64 31.24 23.43 -30.50
N THR E 65 32.51 23.03 -30.63
CA THR E 65 32.97 22.33 -31.82
C THR E 65 32.21 21.03 -32.07
N LEU E 66 31.77 20.36 -31.00
CA LEU E 66 31.14 19.04 -31.16
C LEU E 66 29.85 19.13 -31.96
N ASN E 67 29.10 20.22 -31.85
CA ASN E 67 27.80 20.35 -32.50
C ASN E 67 27.82 21.55 -33.44
N MET E 68 28.43 21.37 -34.62
CA MET E 68 28.34 22.33 -35.73
C MET E 68 28.91 23.69 -35.35
N ASN E 69 29.74 23.76 -34.30
CA ASN E 69 30.25 25.01 -33.75
C ASN E 69 29.13 25.94 -33.28
N VAL E 70 27.93 25.39 -33.08
CA VAL E 70 26.80 26.19 -32.64
C VAL E 70 27.11 26.79 -31.27
N ALA E 71 26.76 28.07 -31.10
CA ALA E 71 27.06 28.78 -29.87
C ALA E 71 26.00 28.48 -28.81
N MET E 72 26.45 28.02 -27.65
CA MET E 72 25.56 27.74 -26.51
C MET E 72 26.38 27.88 -25.25
N PRO E 73 25.73 28.06 -24.09
CA PRO E 73 26.47 28.17 -22.83
C PRO E 73 27.37 26.96 -22.61
N SER E 74 28.62 27.23 -22.22
CA SER E 74 29.60 26.18 -22.06
C SER E 74 30.75 26.70 -21.21
N TRP E 75 31.21 25.86 -20.28
CA TRP E 75 32.35 26.24 -19.45
C TRP E 75 33.66 26.15 -20.21
N PHE E 76 33.76 25.21 -21.15
CA PHE E 76 34.87 25.14 -22.08
C PHE E 76 34.34 24.49 -23.37
N ASP E 77 35.25 24.08 -24.25
CA ASP E 77 34.87 23.50 -25.52
C ASP E 77 34.85 21.98 -25.44
N ILE E 78 33.90 21.38 -26.13
CA ILE E 78 33.81 19.93 -26.29
C ILE E 78 33.99 19.60 -27.76
N ILE E 79 34.82 18.59 -28.05
CA ILE E 79 35.14 18.22 -29.42
C ILE E 79 34.65 16.82 -29.75
N GLY E 80 34.77 15.88 -28.81
CA GLY E 80 34.28 14.53 -29.02
C GLY E 80 33.66 13.99 -27.74
N LEU E 81 33.10 12.78 -27.86
CA LEU E 81 32.47 12.11 -26.74
C LEU E 81 33.26 10.92 -26.22
N SER E 82 34.35 10.55 -26.88
CA SER E 82 35.14 9.40 -26.48
C SER E 82 36.15 9.79 -25.40
N PRO E 83 36.62 8.81 -24.62
CA PRO E 83 37.71 9.11 -23.67
C PRO E 83 38.98 9.57 -24.36
N ASP E 84 39.23 9.11 -25.58
CA ASP E 84 40.41 9.52 -26.33
C ASP E 84 40.27 10.89 -26.96
N SER E 85 39.10 11.50 -26.91
CA SER E 85 38.91 12.83 -27.47
C SER E 85 39.87 13.81 -26.83
N GLN E 86 40.23 14.85 -27.59
CA GLN E 86 41.11 15.89 -27.08
C GLN E 86 40.29 16.88 -26.27
N GLU E 87 40.68 17.10 -25.02
CA GLU E 87 40.03 18.06 -24.16
C GLU E 87 40.70 19.42 -24.31
N ASP E 88 39.89 20.48 -24.41
CA ASP E 88 40.40 21.84 -24.47
C ASP E 88 41.24 22.14 -23.24
N GLU E 89 42.56 22.10 -23.39
CA GLU E 89 43.44 22.25 -22.23
C GLU E 89 43.40 23.68 -21.69
N SER E 90 43.58 24.67 -22.55
CA SER E 90 43.62 26.05 -22.08
C SER E 90 42.24 26.54 -21.65
N GLY E 91 41.18 25.99 -22.23
CA GLY E 91 39.84 26.40 -21.83
C GLY E 91 39.45 25.86 -20.47
N ILE E 92 39.83 24.60 -20.19
CA ILE E 92 39.55 24.03 -18.88
C ILE E 92 40.33 24.77 -17.81
N LYS E 93 41.64 24.95 -18.02
CA LYS E 93 42.49 25.61 -17.03
C LYS E 93 42.04 27.04 -16.78
N GLN E 94 41.62 27.75 -17.83
CA GLN E 94 41.17 29.12 -17.64
C GLN E 94 39.84 29.18 -16.92
N ALA E 95 38.93 28.26 -17.24
CA ALA E 95 37.65 28.21 -16.53
C ALA E 95 37.82 27.76 -15.09
N ALA E 96 38.80 26.90 -14.83
CA ALA E 96 39.06 26.47 -13.45
C ALA E 96 39.55 27.65 -12.59
N GLU E 97 40.43 28.48 -13.15
CA GLU E 97 40.88 29.65 -12.41
C GLU E 97 39.74 30.66 -12.23
N ASN E 98 38.77 30.66 -13.15
CA ASN E 98 37.59 31.48 -12.95
C ASN E 98 36.84 31.05 -11.69
N ILE E 99 36.48 29.77 -11.61
CA ILE E 99 35.72 29.26 -10.46
C ILE E 99 36.46 29.51 -9.16
N LYS E 100 37.80 29.44 -9.18
CA LYS E 100 38.57 29.78 -7.99
C LYS E 100 38.29 31.20 -7.54
N ALA E 101 38.03 32.12 -8.49
CA ALA E 101 37.66 33.48 -8.12
C ALA E 101 36.24 33.54 -7.57
N LEU E 102 35.33 32.72 -8.14
CA LEU E 102 33.97 32.66 -7.61
C LEU E 102 33.96 32.13 -6.18
N ILE E 103 34.88 31.23 -5.84
CA ILE E 103 34.98 30.74 -4.47
C ILE E 103 35.44 31.85 -3.53
N ASP E 104 36.38 32.69 -4.00
CA ASP E 104 37.00 33.67 -3.10
C ASP E 104 36.08 34.84 -2.78
N GLN E 105 35.20 35.24 -3.71
CA GLN E 105 34.24 36.28 -3.38
C GLN E 105 33.29 35.84 -2.29
N GLU E 106 33.17 34.53 -2.03
CA GLU E 106 32.34 34.06 -0.93
C GLU E 106 33.09 34.08 0.39
N VAL E 107 34.40 33.79 0.38
CA VAL E 107 35.18 33.96 1.59
C VAL E 107 35.40 35.44 1.91
N LYS E 108 35.23 36.32 0.91
CA LYS E 108 35.24 37.75 1.18
C LYS E 108 34.07 38.14 2.08
N ASN E 109 32.92 37.52 1.87
CA ASN E 109 31.71 37.82 2.63
C ASN E 109 31.56 36.92 3.85
N GLY E 110 32.65 36.32 4.34
CA GLY E 110 32.60 35.60 5.60
C GLY E 110 32.81 34.11 5.49
N ILE E 111 31.99 33.43 4.69
CA ILE E 111 31.96 31.98 4.60
C ILE E 111 33.32 31.43 4.23
N PRO E 112 34.03 30.77 5.15
CA PRO E 112 35.35 30.22 4.81
C PRO E 112 35.24 29.08 3.81
N SER E 113 36.37 28.77 3.17
CA SER E 113 36.37 27.78 2.10
C SER E 113 36.09 26.37 2.63
N ASN E 114 36.48 26.08 3.87
CA ASN E 114 36.25 24.75 4.42
C ASN E 114 34.78 24.47 4.70
N ARG E 115 33.90 25.45 4.52
CA ARG E 115 32.46 25.29 4.62
C ARG E 115 31.80 25.55 3.28
N ILE E 116 32.45 25.12 2.20
CA ILE E 116 31.95 25.30 0.84
C ILE E 116 32.04 23.97 0.11
N ILE E 117 30.95 23.58 -0.55
CA ILE E 117 30.91 22.40 -1.42
C ILE E 117 30.84 22.87 -2.86
N LEU E 118 31.71 22.33 -3.71
CA LEU E 118 31.75 22.66 -5.12
C LEU E 118 31.33 21.46 -5.93
N GLY E 119 30.38 21.64 -6.84
CA GLY E 119 29.89 20.54 -7.63
C GLY E 119 29.35 21.01 -8.97
N GLY E 120 28.82 20.06 -9.73
CA GLY E 120 28.23 20.40 -11.01
C GLY E 120 27.66 19.17 -11.68
N PHE E 121 26.91 19.43 -12.75
CA PHE E 121 26.34 18.37 -13.58
C PHE E 121 27.13 18.28 -14.88
N SER E 122 27.52 17.05 -15.24
CA SER E 122 28.16 16.77 -16.52
C SER E 122 29.40 17.63 -16.72
N GLN E 123 29.33 18.56 -17.67
CA GLN E 123 30.44 19.48 -17.89
C GLN E 123 30.76 20.26 -16.63
N GLY E 124 29.73 20.76 -15.94
CA GLY E 124 29.95 21.48 -14.71
C GLY E 124 30.57 20.61 -13.63
N GLY E 125 30.19 19.32 -13.59
CA GLY E 125 30.81 18.41 -12.65
C GLY E 125 32.25 18.08 -13.01
N ALA E 126 32.56 18.04 -14.30
CA ALA E 126 33.93 17.82 -14.74
C ALA E 126 34.82 18.99 -14.33
N LEU E 127 34.36 20.21 -14.60
CA LEU E 127 35.10 21.40 -14.16
C LEU E 127 35.26 21.40 -12.64
N SER E 128 34.32 20.82 -11.91
CA SER E 128 34.39 20.81 -10.46
C SER E 128 35.48 19.86 -9.97
N LEU E 129 35.53 18.64 -10.53
CA LEU E 129 36.56 17.69 -10.13
C LEU E 129 37.96 18.24 -10.41
N TYR E 130 38.10 19.03 -11.48
CA TYR E 130 39.42 19.57 -11.82
C TYR E 130 39.77 20.74 -10.92
N THR E 131 38.83 21.66 -10.70
CA THR E 131 39.10 22.82 -9.86
C THR E 131 39.50 22.42 -8.45
N ALA E 132 38.75 21.48 -7.86
CA ALA E 132 39.01 21.10 -6.47
C ALA E 132 40.39 20.46 -6.31
N LEU E 133 40.81 19.65 -7.28
CA LEU E 133 42.06 18.92 -7.15
C LEU E 133 43.29 19.76 -7.48
N THR E 134 43.11 20.91 -8.14
CA THR E 134 44.24 21.75 -8.53
C THR E 134 44.24 23.11 -7.83
N THR E 135 43.32 23.33 -6.91
CA THR E 135 43.35 24.52 -6.07
C THR E 135 43.91 24.17 -4.70
N GLN E 136 44.33 25.20 -3.97
CA GLN E 136 44.80 25.02 -2.60
C GLN E 136 43.88 25.70 -1.59
N GLN E 137 42.68 26.13 -2.01
CA GLN E 137 41.63 26.50 -1.09
C GLN E 137 40.94 25.22 -0.62
N LYS E 138 41.16 24.85 0.64
CA LYS E 138 40.59 23.63 1.16
C LYS E 138 39.07 23.77 1.28
N LEU E 139 38.35 22.83 0.67
CA LEU E 139 36.89 22.89 0.62
C LEU E 139 36.27 21.67 1.31
N ALA E 140 34.98 21.77 1.57
CA ALA E 140 34.29 20.72 2.33
C ALA E 140 34.10 19.46 1.50
N GLY E 141 33.72 19.60 0.24
CA GLY E 141 33.50 18.42 -0.59
C GLY E 141 33.10 18.79 -2.00
N VAL E 142 32.90 17.75 -2.80
CA VAL E 142 32.56 17.88 -4.21
C VAL E 142 31.40 16.93 -4.53
N THR E 143 30.37 17.46 -5.17
CA THR E 143 29.24 16.66 -5.68
C THR E 143 29.32 16.63 -7.20
N ALA E 144 29.69 15.48 -7.75
CA ALA E 144 29.95 15.34 -9.18
C ALA E 144 28.89 14.43 -9.80
N LEU E 145 27.98 15.03 -10.57
CA LEU E 145 26.82 14.33 -11.12
C LEU E 145 27.03 14.05 -12.60
N SER E 146 26.94 12.78 -12.99
CA SER E 146 26.92 12.36 -14.39
C SER E 146 28.06 12.99 -15.18
N CYS E 147 29.28 12.82 -14.69
CA CYS E 147 30.42 13.59 -15.17
C CYS E 147 31.61 12.68 -15.48
N TRP E 148 32.77 13.30 -15.57
CA TRP E 148 34.04 12.63 -15.81
C TRP E 148 35.14 13.57 -15.34
N LEU E 149 36.38 13.07 -15.32
CA LEU E 149 37.51 13.90 -14.93
C LEU E 149 38.21 14.41 -16.17
N PRO E 150 38.25 15.72 -16.40
CA PRO E 150 39.00 16.24 -17.54
C PRO E 150 40.51 16.18 -17.28
N LEU E 151 41.26 15.87 -18.33
CA LEU E 151 42.74 15.85 -18.30
C LEU E 151 43.25 14.77 -17.35
N ARG E 152 42.71 13.55 -17.50
CA ARG E 152 43.00 12.48 -16.55
C ARG E 152 44.47 12.09 -16.55
N ALA E 153 45.14 12.18 -17.69
CA ALA E 153 46.53 11.76 -17.79
C ALA E 153 47.52 12.85 -17.39
N SER E 154 47.04 14.04 -17.03
CA SER E 154 47.90 15.13 -16.61
C SER E 154 48.21 15.11 -15.11
N PHE E 155 47.58 14.21 -14.35
CA PHE E 155 47.86 14.27 -12.93
C PHE E 155 48.86 13.18 -12.54
N PRO E 156 49.76 13.48 -11.60
CA PRO E 156 50.81 12.51 -11.25
C PRO E 156 50.23 11.23 -10.67
N GLN E 157 51.05 10.18 -10.69
CA GLN E 157 50.65 8.88 -10.15
C GLN E 157 50.84 8.90 -8.64
N GLY E 158 49.74 8.95 -7.91
CA GLY E 158 49.79 8.99 -6.46
C GLY E 158 49.01 10.16 -5.91
N PRO E 159 48.88 10.21 -4.57
CA PRO E 159 48.08 11.28 -3.95
C PRO E 159 48.62 12.66 -4.29
N ILE E 160 47.72 13.65 -4.27
CA ILE E 160 48.11 15.02 -4.57
C ILE E 160 49.09 15.55 -3.52
N GLY E 161 48.74 15.38 -2.25
CA GLY E 161 49.51 16.01 -1.19
C GLY E 161 49.42 17.51 -1.17
N GLY E 162 48.46 18.09 -1.88
CA GLY E 162 48.29 19.53 -1.91
C GLY E 162 47.58 20.06 -0.68
N ALA E 163 46.27 20.28 -0.80
CA ALA E 163 45.46 20.73 0.33
C ALA E 163 44.26 19.82 0.50
N ASN E 164 43.51 19.60 -0.58
CA ASN E 164 42.35 18.70 -0.56
C ASN E 164 42.73 17.24 -0.76
N ARG E 165 43.83 16.79 -0.15
CA ARG E 165 44.25 15.40 -0.31
C ARG E 165 43.28 14.41 0.34
N ASP E 166 42.38 14.88 1.19
CA ASP E 166 41.40 14.02 1.84
C ASP E 166 39.99 14.59 1.70
N ILE E 167 39.75 15.35 0.64
CA ILE E 167 38.42 15.91 0.41
C ILE E 167 37.42 14.77 0.16
N SER E 168 36.15 15.03 0.49
CA SER E 168 35.09 14.07 0.26
C SER E 168 34.42 14.35 -1.07
N ILE E 169 34.17 13.29 -1.83
CA ILE E 169 33.62 13.41 -3.18
C ILE E 169 32.41 12.49 -3.30
N LEU E 170 31.26 13.06 -3.62
CA LEU E 170 30.08 12.28 -3.99
C LEU E 170 29.93 12.31 -5.51
N GLN E 171 30.00 11.14 -6.14
CA GLN E 171 29.88 11.01 -7.58
C GLN E 171 28.69 10.11 -7.90
N CYS E 172 27.73 10.64 -8.65
CA CYS E 172 26.52 9.93 -9.01
C CYS E 172 26.42 9.86 -10.52
N HIS E 173 26.17 8.66 -11.05
CA HIS E 173 26.03 8.44 -12.48
C HIS E 173 24.78 7.62 -12.77
N GLY E 174 24.16 7.87 -13.91
CA GLY E 174 23.09 7.02 -14.39
C GLY E 174 23.65 5.95 -15.31
N ASP E 175 23.16 4.73 -15.14
CA ASP E 175 23.72 3.60 -15.89
C ASP E 175 23.19 3.48 -17.31
N CYS E 176 22.33 4.41 -17.75
CA CYS E 176 21.87 4.46 -19.13
C CYS E 176 22.20 5.78 -19.80
N ASP E 177 23.21 6.48 -19.32
CA ASP E 177 23.61 7.76 -19.91
C ASP E 177 24.29 7.50 -21.24
N PRO E 178 23.75 8.00 -22.36
CA PRO E 178 24.39 7.77 -23.66
C PRO E 178 25.45 8.81 -24.00
N LEU E 179 25.37 9.98 -23.37
CA LEU E 179 26.34 11.04 -23.63
C LEU E 179 27.60 10.86 -22.79
N VAL E 180 27.43 10.57 -21.50
CA VAL E 180 28.55 10.25 -20.62
C VAL E 180 28.32 8.84 -20.08
N PRO E 181 28.87 7.82 -20.73
CA PRO E 181 28.59 6.44 -20.32
C PRO E 181 29.07 6.16 -18.90
N LEU E 182 28.49 5.11 -18.31
CA LEU E 182 28.78 4.76 -16.92
C LEU E 182 30.25 4.45 -16.72
N MET E 183 30.83 3.63 -17.60
CA MET E 183 32.24 3.25 -17.44
C MET E 183 33.15 4.47 -17.54
N PHE E 184 32.76 5.48 -18.33
CA PHE E 184 33.49 6.74 -18.30
C PHE E 184 33.45 7.36 -16.91
N GLY E 185 32.30 7.25 -16.23
CA GLY E 185 32.22 7.71 -14.86
C GLY E 185 32.86 6.76 -13.86
N SER E 186 32.82 5.46 -14.16
CA SER E 186 33.47 4.49 -13.27
C SER E 186 35.00 4.59 -13.36
N LEU E 187 35.51 5.05 -14.49
CA LEU E 187 36.95 5.23 -14.62
C LEU E 187 37.45 6.40 -13.77
N THR E 188 36.70 7.50 -13.75
CA THR E 188 37.14 8.67 -13.01
C THR E 188 37.00 8.46 -11.51
N VAL E 189 36.05 7.63 -11.07
CA VAL E 189 35.95 7.35 -9.64
C VAL E 189 37.05 6.38 -9.22
N GLU E 190 37.43 5.44 -10.09
CA GLU E 190 38.59 4.61 -9.80
C GLU E 190 39.89 5.39 -9.97
N LYS E 191 39.85 6.52 -10.69
CA LYS E 191 41.00 7.40 -10.76
C LYS E 191 41.04 8.35 -9.57
N LEU E 192 39.89 8.80 -9.10
CA LEU E 192 39.86 9.66 -7.91
C LEU E 192 40.27 8.88 -6.66
N LYS E 193 39.90 7.59 -6.61
CA LYS E 193 40.34 6.75 -5.49
C LYS E 193 41.85 6.65 -5.43
N THR E 194 42.53 6.70 -6.58
CA THR E 194 43.99 6.66 -6.65
C THR E 194 44.63 8.01 -6.38
N LEU E 195 43.89 8.98 -5.83
CA LEU E 195 44.38 10.34 -5.75
C LEU E 195 44.08 10.98 -4.40
N VAL E 196 42.82 10.91 -3.97
CA VAL E 196 42.48 11.35 -2.63
C VAL E 196 42.25 10.10 -1.78
N ASN E 197 41.90 10.29 -0.53
CA ASN E 197 41.64 9.15 0.34
C ASN E 197 40.40 8.40 -0.15
N PRO E 198 40.52 7.13 -0.55
CA PRO E 198 39.36 6.42 -1.12
C PRO E 198 38.22 6.19 -0.14
N ALA E 199 38.43 6.42 1.16
CA ALA E 199 37.35 6.26 2.13
C ALA E 199 36.43 7.46 2.20
N ASN E 200 36.74 8.54 1.49
CA ASN E 200 35.89 9.72 1.42
C ASN E 200 35.27 9.90 0.04
N VAL E 201 35.34 8.90 -0.82
CA VAL E 201 34.78 8.95 -2.15
C VAL E 201 33.67 7.90 -2.25
N THR E 202 32.48 8.34 -2.62
CA THR E 202 31.32 7.46 -2.76
C THR E 202 30.81 7.53 -4.19
N PHE E 203 30.53 6.36 -4.76
CA PHE E 203 29.98 6.26 -6.11
C PHE E 203 28.56 5.70 -6.01
N LYS E 204 27.60 6.44 -6.55
CA LYS E 204 26.20 6.07 -6.51
C LYS E 204 25.67 5.94 -7.93
N THR E 205 25.07 4.79 -8.24
CA THR E 205 24.51 4.52 -9.55
C THR E 205 23.00 4.45 -9.45
N TYR E 206 22.32 4.93 -10.48
CA TYR E 206 20.87 5.00 -10.51
C TYR E 206 20.37 4.25 -11.73
N GLU E 207 19.61 3.17 -11.48
CA GLU E 207 19.17 2.29 -12.55
C GLU E 207 18.19 3.02 -13.46
N GLY E 208 18.39 2.84 -14.77
CA GLY E 208 17.51 3.42 -15.75
C GLY E 208 17.65 4.91 -15.97
N MET E 209 18.53 5.58 -15.24
CA MET E 209 18.72 7.02 -15.41
C MET E 209 19.67 7.28 -16.56
N MET E 210 19.30 8.23 -17.41
CA MET E 210 20.13 8.62 -18.55
C MET E 210 20.85 9.92 -18.21
N HIS E 211 21.06 10.80 -19.19
CA HIS E 211 21.72 12.08 -18.92
C HIS E 211 20.72 13.05 -18.27
N SER E 212 20.25 12.65 -17.10
CA SER E 212 19.23 13.40 -16.37
C SER E 212 19.51 13.23 -14.88
N SER E 213 18.53 13.54 -14.04
CA SER E 213 18.61 13.30 -12.61
C SER E 213 17.32 12.62 -12.17
N CYS E 214 17.37 12.01 -10.99
CA CYS E 214 16.16 11.51 -10.34
C CYS E 214 15.97 12.22 -9.01
N GLN E 215 14.78 12.07 -8.44
CA GLN E 215 14.51 12.66 -7.15
C GLN E 215 15.33 11.97 -6.05
N GLN E 216 15.62 10.68 -6.23
CA GLN E 216 16.42 9.94 -5.25
C GLN E 216 17.86 10.46 -5.22
N GLU E 217 18.43 10.73 -6.40
CA GLU E 217 19.77 11.32 -6.45
C GLU E 217 19.81 12.65 -5.72
N MET E 218 18.76 13.47 -5.88
CA MET E 218 18.69 14.75 -5.18
C MET E 218 18.64 14.54 -3.67
N MET E 219 17.94 13.50 -3.22
CA MET E 219 17.91 13.19 -1.79
C MET E 219 19.28 12.72 -1.30
N ASP E 220 19.96 11.88 -2.09
CA ASP E 220 21.30 11.47 -1.74
C ASP E 220 22.26 12.66 -1.70
N VAL E 221 22.04 13.64 -2.57
CA VAL E 221 22.88 14.84 -2.55
C VAL E 221 22.59 15.67 -1.31
N LYS E 222 21.32 15.76 -0.90
CA LYS E 222 20.99 16.49 0.32
C LYS E 222 21.61 15.82 1.54
N GLN E 223 21.59 14.49 1.60
CA GLN E 223 22.24 13.78 2.70
C GLN E 223 23.73 14.06 2.72
N PHE E 224 24.35 14.17 1.55
CA PHE E 224 25.78 14.45 1.46
C PHE E 224 26.10 15.84 1.99
N ILE E 225 25.27 16.83 1.66
CA ILE E 225 25.52 18.20 2.09
C ILE E 225 25.28 18.36 3.59
N ASP E 226 24.25 17.69 4.11
CA ASP E 226 23.95 17.78 5.54
C ASP E 226 25.07 17.18 6.38
N LYS E 227 25.80 16.21 5.82
CA LYS E 227 26.88 15.59 6.58
C LYS E 227 28.13 16.46 6.62
N LEU E 228 28.43 17.15 5.51
CA LEU E 228 29.62 18.00 5.45
C LEU E 228 29.37 19.44 5.87
N LEU E 229 28.14 19.91 5.79
CA LEU E 229 27.79 21.28 6.18
C LEU E 229 26.63 21.27 7.16
N PRO E 230 26.85 20.75 8.37
CA PRO E 230 25.79 20.79 9.39
C PRO E 230 25.61 22.20 9.90
N PRO E 231 24.46 22.52 10.50
CA PRO E 231 24.24 23.89 10.98
C PRO E 231 25.23 24.26 12.09
N ILE E 232 25.49 25.57 12.15
CA ILE E 232 26.50 26.20 13.03
C ILE E 232 27.74 25.33 13.19
N PRO F 12 0.02 -43.39 -22.44
CA PRO F 12 -1.33 -43.63 -21.91
C PRO F 12 -2.42 -43.58 -22.98
N LEU F 13 -3.30 -44.57 -22.97
CA LEU F 13 -4.44 -44.57 -23.86
C LEU F 13 -5.54 -43.67 -23.29
N PRO F 14 -6.22 -42.90 -24.12
CA PRO F 14 -7.24 -41.96 -23.61
C PRO F 14 -8.31 -42.65 -22.79
N ALA F 15 -8.79 -41.95 -21.77
CA ALA F 15 -9.97 -42.41 -21.04
C ALA F 15 -11.17 -42.30 -21.97
N ILE F 16 -11.84 -43.43 -22.21
CA ILE F 16 -12.94 -43.51 -23.16
C ILE F 16 -14.22 -43.82 -22.41
N VAL F 17 -15.29 -43.10 -22.77
CA VAL F 17 -16.64 -43.49 -22.39
C VAL F 17 -17.29 -44.07 -23.64
N PRO F 18 -17.40 -45.39 -23.77
CA PRO F 18 -17.96 -45.96 -24.99
C PRO F 18 -19.46 -45.73 -25.07
N ALA F 19 -19.96 -45.78 -26.29
CA ALA F 19 -21.40 -45.66 -26.53
C ALA F 19 -22.07 -46.99 -26.21
N ALA F 20 -23.29 -46.91 -25.64
CA ALA F 20 -24.11 -48.11 -25.51
C ALA F 20 -24.38 -48.72 -26.88
N ARG F 21 -24.66 -47.86 -27.86
CA ARG F 21 -24.68 -48.23 -29.25
C ARG F 21 -23.25 -48.43 -29.76
N LYS F 22 -23.13 -48.68 -31.06
CA LYS F 22 -21.86 -48.42 -31.73
C LYS F 22 -21.83 -46.94 -32.08
N ALA F 23 -20.76 -46.26 -31.69
CA ALA F 23 -20.70 -44.81 -31.80
C ALA F 23 -20.85 -44.35 -33.23
N THR F 24 -21.79 -43.42 -33.45
CA THR F 24 -21.92 -42.73 -34.73
C THR F 24 -21.41 -41.30 -34.68
N ALA F 25 -21.08 -40.79 -33.49
CA ALA F 25 -20.46 -39.49 -33.32
C ALA F 25 -19.47 -39.57 -32.17
N ALA F 26 -18.55 -38.60 -32.13
CA ALA F 26 -17.49 -38.61 -31.13
C ALA F 26 -17.31 -37.23 -30.54
N VAL F 27 -16.86 -37.20 -29.28
CA VAL F 27 -16.48 -35.98 -28.59
C VAL F 27 -15.07 -36.18 -28.04
N ILE F 28 -14.15 -35.30 -28.40
CA ILE F 28 -12.78 -35.34 -27.89
C ILE F 28 -12.60 -34.13 -26.99
N PHE F 29 -12.41 -34.38 -25.69
CA PHE F 29 -12.32 -33.34 -24.69
C PHE F 29 -10.95 -33.35 -24.04
N LEU F 30 -10.28 -32.20 -24.03
CA LEU F 30 -8.95 -32.06 -23.45
C LEU F 30 -9.05 -31.45 -22.06
N HIS F 31 -8.44 -32.12 -21.09
CA HIS F 31 -8.49 -31.65 -19.70
C HIS F 31 -7.62 -30.41 -19.53
N GLY F 32 -7.65 -29.87 -18.32
CA GLY F 32 -6.89 -28.68 -17.98
C GLY F 32 -5.52 -29.00 -17.40
N LEU F 33 -4.93 -27.99 -16.78
CA LEU F 33 -3.56 -28.10 -16.29
C LEU F 33 -3.46 -29.06 -15.13
N GLY F 34 -2.56 -30.03 -15.24
CA GLY F 34 -2.27 -30.95 -14.15
C GLY F 34 -3.25 -32.06 -13.93
N ASP F 35 -4.25 -32.21 -14.80
CA ASP F 35 -5.26 -33.24 -14.65
C ASP F 35 -4.94 -34.42 -15.56
N THR F 36 -5.84 -35.39 -15.57
CA THR F 36 -5.89 -36.45 -16.56
C THR F 36 -7.25 -36.43 -17.24
N GLY F 37 -7.45 -37.34 -18.18
CA GLY F 37 -8.75 -37.45 -18.80
C GLY F 37 -9.81 -38.14 -17.96
N HIS F 38 -9.39 -38.83 -16.89
CA HIS F 38 -10.33 -39.61 -16.08
C HIS F 38 -11.35 -38.72 -15.40
N GLY F 39 -10.93 -37.54 -14.94
CA GLY F 39 -11.86 -36.66 -14.25
C GLY F 39 -12.97 -36.16 -15.15
N TRP F 40 -12.64 -35.77 -16.38
CA TRP F 40 -13.63 -35.23 -17.29
C TRP F 40 -14.43 -36.32 -17.99
N ALA F 41 -13.81 -37.49 -18.23
CA ALA F 41 -14.57 -38.62 -18.75
C ALA F 41 -15.73 -38.96 -17.83
N GLU F 42 -15.49 -38.97 -16.51
CA GLU F 42 -16.56 -39.25 -15.58
C GLU F 42 -17.63 -38.17 -15.60
N ALA F 43 -17.25 -36.93 -15.91
CA ALA F 43 -18.25 -35.86 -15.99
C ALA F 43 -19.09 -35.99 -17.26
N PHE F 44 -18.55 -36.62 -18.30
CA PHE F 44 -19.30 -36.81 -19.54
C PHE F 44 -20.14 -38.09 -19.53
N ALA F 45 -19.91 -38.98 -18.56
CA ALA F 45 -20.82 -40.11 -18.39
C ALA F 45 -22.16 -39.66 -17.81
N GLY F 46 -22.17 -38.55 -17.07
CA GLY F 46 -23.40 -38.02 -16.51
C GLY F 46 -24.27 -37.28 -17.49
N ILE F 47 -23.79 -37.04 -18.70
CA ILE F 47 -24.57 -36.39 -19.74
C ILE F 47 -24.46 -37.23 -21.00
N ARG F 48 -24.17 -38.51 -20.82
CA ARG F 48 -23.89 -39.44 -21.91
C ARG F 48 -25.08 -39.53 -22.87
N SER F 49 -24.77 -39.84 -24.13
CA SER F 49 -25.76 -40.17 -25.13
C SER F 49 -25.44 -41.54 -25.73
N SER F 50 -26.48 -42.28 -26.09
CA SER F 50 -26.32 -43.68 -26.47
C SER F 50 -25.44 -43.86 -27.69
N HIS F 51 -25.36 -42.86 -28.56
CA HIS F 51 -24.69 -43.00 -29.85
C HIS F 51 -23.38 -42.22 -29.95
N ILE F 52 -22.85 -41.74 -28.83
CA ILE F 52 -21.72 -40.83 -28.84
C ILE F 52 -20.55 -41.46 -28.10
N LYS F 53 -19.36 -41.39 -28.70
CA LYS F 53 -18.11 -41.82 -28.07
C LYS F 53 -17.41 -40.61 -27.47
N TYR F 54 -17.03 -40.71 -26.21
CA TYR F 54 -16.37 -39.64 -25.49
C TYR F 54 -14.91 -40.01 -25.26
N ILE F 55 -14.00 -39.19 -25.78
CA ILE F 55 -12.57 -39.48 -25.78
C ILE F 55 -11.86 -38.36 -25.04
N CYS F 56 -11.22 -38.69 -23.92
CA CYS F 56 -10.49 -37.74 -23.08
C CYS F 56 -9.03 -38.16 -23.01
N PRO F 57 -8.19 -37.71 -23.94
CA PRO F 57 -6.78 -38.09 -23.91
C PRO F 57 -6.04 -37.44 -22.76
N HIS F 58 -4.89 -38.02 -22.43
CA HIS F 58 -4.04 -37.55 -21.35
C HIS F 58 -2.85 -36.77 -21.91
N ALA F 59 -2.54 -35.65 -21.26
CA ALA F 59 -1.41 -34.83 -21.64
C ALA F 59 -0.12 -35.40 -21.05
N PRO F 60 1.01 -35.24 -21.73
CA PRO F 60 2.28 -35.72 -21.17
C PRO F 60 2.69 -34.90 -19.96
N VAL F 61 3.46 -35.54 -19.07
CA VAL F 61 3.97 -34.89 -17.88
C VAL F 61 5.25 -34.15 -18.27
N ARG F 62 5.20 -32.82 -18.18
CA ARG F 62 6.29 -31.95 -18.58
C ARG F 62 6.51 -30.89 -17.51
N PRO F 63 7.70 -30.27 -17.49
CA PRO F 63 7.90 -29.14 -16.58
C PRO F 63 7.12 -27.91 -17.04
N VAL F 64 6.58 -27.17 -16.09
CA VAL F 64 5.79 -25.97 -16.35
C VAL F 64 6.59 -24.79 -15.84
N THR F 65 7.02 -23.93 -16.77
CA THR F 65 7.84 -22.78 -16.41
C THR F 65 7.12 -21.86 -15.43
N LEU F 66 5.79 -21.77 -15.53
CA LEU F 66 5.03 -20.88 -14.65
C LEU F 66 5.22 -21.21 -13.18
N ASN F 67 5.48 -22.48 -12.86
CA ASN F 67 5.51 -22.95 -11.47
C ASN F 67 6.82 -23.69 -11.21
N MET F 68 7.91 -22.95 -11.06
CA MET F 68 9.19 -23.46 -10.58
C MET F 68 9.75 -24.56 -11.49
N ASN F 69 9.21 -24.69 -12.70
CA ASN F 69 9.50 -25.80 -13.62
C ASN F 69 9.14 -27.15 -13.02
N VAL F 70 8.25 -27.16 -12.03
CA VAL F 70 7.74 -28.41 -11.49
C VAL F 70 6.98 -29.16 -12.57
N ALA F 71 7.15 -30.48 -12.62
CA ALA F 71 6.56 -31.30 -13.66
C ALA F 71 5.13 -31.69 -13.30
N MET F 72 4.24 -31.60 -14.28
CA MET F 72 2.86 -32.03 -14.14
C MET F 72 2.26 -32.19 -15.53
N PRO F 73 1.11 -32.85 -15.64
CA PRO F 73 0.43 -32.91 -16.95
C PRO F 73 0.17 -31.52 -17.52
N SER F 74 0.58 -31.32 -18.76
CA SER F 74 0.45 -30.02 -19.42
C SER F 74 0.50 -30.22 -20.92
N TRP F 75 -0.53 -29.72 -21.62
CA TRP F 75 -0.57 -29.85 -23.06
C TRP F 75 0.57 -29.08 -23.72
N PHE F 76 0.88 -27.90 -23.20
CA PHE F 76 2.03 -27.13 -23.64
C PHE F 76 2.58 -26.38 -22.44
N ASP F 77 3.62 -25.59 -22.67
CA ASP F 77 4.21 -24.82 -21.59
C ASP F 77 3.41 -23.57 -21.31
N ILE F 78 3.24 -23.26 -20.02
CA ILE F 78 2.59 -22.05 -19.56
C ILE F 78 3.66 -21.14 -18.96
N ILE F 79 3.78 -19.94 -19.48
CA ILE F 79 4.81 -19.00 -19.03
C ILE F 79 4.23 -17.90 -18.15
N GLY F 80 3.05 -17.39 -18.48
CA GLY F 80 2.44 -16.35 -17.70
C GLY F 80 0.93 -16.47 -17.69
N LEU F 81 0.29 -15.52 -17.00
CA LEU F 81 -1.15 -15.45 -16.92
C LEU F 81 -1.72 -14.16 -17.49
N SER F 82 -0.88 -13.25 -17.96
CA SER F 82 -1.28 -11.98 -18.54
C SER F 82 -1.58 -12.14 -20.02
N PRO F 83 -2.40 -11.24 -20.59
CA PRO F 83 -2.57 -11.25 -22.06
C PRO F 83 -1.32 -10.83 -22.81
N ASP F 84 -0.32 -10.28 -22.12
CA ASP F 84 0.94 -9.86 -22.72
C ASP F 84 2.06 -10.88 -22.55
N SER F 85 1.78 -12.01 -21.90
CA SER F 85 2.82 -13.00 -21.63
C SER F 85 3.19 -13.76 -22.90
N GLN F 86 4.44 -14.18 -22.97
CA GLN F 86 4.90 -15.01 -24.07
C GLN F 86 4.27 -16.39 -23.98
N GLU F 87 3.92 -16.96 -25.12
CA GLU F 87 3.29 -18.26 -25.18
C GLU F 87 4.22 -19.28 -25.83
N ASP F 88 3.97 -20.55 -25.53
CA ASP F 88 4.76 -21.66 -26.09
C ASP F 88 4.20 -21.99 -27.47
N GLU F 89 4.55 -21.13 -28.44
CA GLU F 89 4.04 -21.32 -29.80
C GLU F 89 4.46 -22.68 -30.36
N SER F 90 5.72 -23.07 -30.14
CA SER F 90 6.19 -24.35 -30.67
C SER F 90 5.47 -25.51 -29.99
N GLY F 91 5.22 -25.41 -28.69
CA GLY F 91 4.53 -26.50 -28.00
C GLY F 91 3.06 -26.56 -28.35
N ILE F 92 2.42 -25.40 -28.49
CA ILE F 92 1.00 -25.36 -28.86
C ILE F 92 0.79 -26.00 -30.23
N LYS F 93 1.58 -25.57 -31.22
CA LYS F 93 1.44 -26.10 -32.56
C LYS F 93 1.71 -27.60 -32.60
N GLN F 94 2.74 -28.04 -31.89
CA GLN F 94 3.02 -29.47 -31.82
C GLN F 94 1.90 -30.22 -31.12
N ALA F 95 1.30 -29.61 -30.09
CA ALA F 95 0.15 -30.23 -29.44
C ALA F 95 -1.05 -30.27 -30.38
N ALA F 96 -1.23 -29.22 -31.18
CA ALA F 96 -2.32 -29.22 -32.16
C ALA F 96 -2.16 -30.36 -33.16
N GLU F 97 -0.92 -30.62 -33.59
CA GLU F 97 -0.68 -31.71 -34.53
C GLU F 97 -1.04 -33.06 -33.91
N ASN F 98 -0.72 -33.25 -32.63
CA ASN F 98 -1.07 -34.50 -31.97
C ASN F 98 -2.58 -34.61 -31.77
N ILE F 99 -3.28 -33.49 -31.63
CA ILE F 99 -4.73 -33.53 -31.53
C ILE F 99 -5.36 -33.86 -32.88
N LYS F 100 -4.85 -33.23 -33.94
CA LYS F 100 -5.33 -33.56 -35.28
C LYS F 100 -5.11 -35.04 -35.60
N ALA F 101 -3.97 -35.60 -35.18
CA ALA F 101 -3.70 -37.01 -35.41
C ALA F 101 -4.64 -37.90 -34.63
N LEU F 102 -5.17 -37.42 -33.50
CA LEU F 102 -6.15 -38.18 -32.75
C LEU F 102 -7.52 -38.15 -33.41
N ILE F 103 -7.89 -37.01 -34.00
CA ILE F 103 -9.13 -36.91 -34.75
C ILE F 103 -9.10 -37.84 -35.96
N ASP F 104 -7.96 -37.90 -36.65
CA ASP F 104 -7.88 -38.66 -37.89
C ASP F 104 -7.96 -40.16 -37.64
N GLN F 105 -7.36 -40.65 -36.56
CA GLN F 105 -7.49 -42.06 -36.25
C GLN F 105 -8.92 -42.45 -35.88
N GLU F 106 -9.76 -41.47 -35.54
CA GLU F 106 -11.16 -41.76 -35.30
C GLU F 106 -12.02 -41.68 -36.55
N VAL F 107 -11.53 -41.03 -37.62
CA VAL F 107 -12.24 -41.11 -38.88
C VAL F 107 -11.87 -42.40 -39.62
N LYS F 108 -10.66 -42.91 -39.39
CA LYS F 108 -10.26 -44.21 -39.92
C LYS F 108 -10.89 -45.37 -39.16
N ASN F 109 -11.77 -45.08 -38.21
CA ASN F 109 -12.52 -46.09 -37.49
C ASN F 109 -14.01 -46.03 -37.78
N GLY F 110 -14.46 -45.10 -38.62
CA GLY F 110 -15.84 -45.07 -39.04
C GLY F 110 -16.55 -43.75 -38.89
N ILE F 111 -16.17 -42.95 -37.90
CA ILE F 111 -16.86 -41.71 -37.56
C ILE F 111 -16.25 -40.58 -38.40
N PRO F 112 -16.96 -40.03 -39.38
CA PRO F 112 -16.40 -38.92 -40.16
C PRO F 112 -16.14 -37.71 -39.28
N SER F 113 -15.25 -36.84 -39.77
CA SER F 113 -14.79 -35.72 -38.96
C SER F 113 -15.93 -34.77 -38.61
N ASN F 114 -16.83 -34.50 -39.56
CA ASN F 114 -17.95 -33.59 -39.32
C ASN F 114 -18.94 -34.12 -38.29
N ARG F 115 -18.69 -35.31 -37.72
CA ARG F 115 -19.48 -35.85 -36.63
C ARG F 115 -18.70 -35.87 -35.33
N ILE F 116 -17.74 -34.97 -35.18
CA ILE F 116 -16.82 -34.96 -34.04
C ILE F 116 -16.77 -33.55 -33.46
N ILE F 117 -17.03 -33.44 -32.16
CA ILE F 117 -16.91 -32.19 -31.42
C ILE F 117 -15.60 -32.20 -30.66
N LEU F 118 -14.80 -31.15 -30.81
CA LEU F 118 -13.54 -31.01 -30.09
C LEU F 118 -13.73 -29.98 -28.98
N GLY F 119 -13.53 -30.42 -27.72
CA GLY F 119 -13.75 -29.57 -26.58
C GLY F 119 -12.58 -29.61 -25.62
N GLY F 120 -12.63 -28.73 -24.62
CA GLY F 120 -11.56 -28.67 -23.65
C GLY F 120 -11.85 -27.70 -22.54
N PHE F 121 -11.11 -27.87 -21.45
CA PHE F 121 -11.20 -27.01 -20.28
C PHE F 121 -9.86 -26.32 -20.05
N SER F 122 -9.90 -25.00 -19.90
CA SER F 122 -8.73 -24.20 -19.50
C SER F 122 -7.63 -24.38 -20.53
N GLN F 123 -6.46 -24.91 -20.16
CA GLN F 123 -5.37 -25.11 -21.12
C GLN F 123 -5.77 -26.06 -22.25
N GLY F 124 -6.70 -26.97 -21.97
CA GLY F 124 -7.22 -27.86 -23.01
C GLY F 124 -8.20 -27.16 -23.92
N GLY F 125 -9.04 -26.29 -23.36
CA GLY F 125 -9.96 -25.53 -24.18
C GLY F 125 -9.25 -24.60 -25.15
N ALA F 126 -8.18 -23.96 -24.70
CA ALA F 126 -7.38 -23.13 -25.60
C ALA F 126 -6.81 -23.96 -26.74
N LEU F 127 -6.35 -25.18 -26.44
CA LEU F 127 -5.86 -26.06 -27.49
C LEU F 127 -6.98 -26.46 -28.45
N SER F 128 -8.21 -26.57 -27.95
CA SER F 128 -9.33 -26.93 -28.81
C SER F 128 -9.61 -25.84 -29.83
N LEU F 129 -9.70 -24.58 -29.37
CA LEU F 129 -9.97 -23.47 -30.29
C LEU F 129 -8.89 -23.37 -31.35
N TYR F 130 -7.62 -23.31 -30.94
CA TYR F 130 -6.54 -23.20 -31.90
C TYR F 130 -6.54 -24.37 -32.87
N THR F 131 -6.66 -25.59 -32.34
CA THR F 131 -6.68 -26.77 -33.21
C THR F 131 -7.82 -26.69 -34.22
N ALA F 132 -9.02 -26.36 -33.75
CA ALA F 132 -10.18 -26.30 -34.64
C ALA F 132 -10.01 -25.21 -35.70
N LEU F 133 -9.40 -24.09 -35.33
CA LEU F 133 -9.25 -22.96 -36.25
C LEU F 133 -8.08 -23.12 -37.21
N THR F 134 -7.28 -24.18 -37.09
CA THR F 134 -6.12 -24.36 -37.96
C THR F 134 -6.09 -25.70 -38.70
N THR F 135 -6.99 -26.63 -38.39
CA THR F 135 -7.01 -27.90 -39.11
C THR F 135 -7.99 -27.83 -40.28
N GLN F 136 -7.68 -28.60 -41.32
CA GLN F 136 -8.53 -28.69 -42.50
C GLN F 136 -9.61 -29.75 -42.36
N GLN F 137 -9.61 -30.51 -41.27
CA GLN F 137 -10.69 -31.43 -40.99
C GLN F 137 -11.92 -30.66 -40.51
N LYS F 138 -13.05 -30.85 -41.18
CA LYS F 138 -14.27 -30.16 -40.80
C LYS F 138 -14.88 -30.83 -39.57
N LEU F 139 -15.12 -30.05 -38.53
CA LEU F 139 -15.63 -30.54 -37.27
C LEU F 139 -17.06 -30.07 -37.05
N ALA F 140 -17.77 -30.80 -36.19
CA ALA F 140 -19.15 -30.45 -35.87
C ALA F 140 -19.23 -29.23 -34.97
N GLY F 141 -18.27 -29.05 -34.07
CA GLY F 141 -18.30 -27.90 -33.19
C GLY F 141 -17.22 -28.00 -32.13
N VAL F 142 -17.19 -26.96 -31.29
CA VAL F 142 -16.20 -26.82 -30.23
C VAL F 142 -16.92 -26.46 -28.92
N THR F 143 -16.48 -27.07 -27.82
CA THR F 143 -16.92 -26.69 -26.48
C THR F 143 -15.70 -26.20 -25.72
N ALA F 144 -15.60 -24.88 -25.54
CA ALA F 144 -14.43 -24.25 -24.95
C ALA F 144 -14.82 -23.67 -23.59
N LEU F 145 -14.31 -24.28 -22.52
CA LEU F 145 -14.72 -23.95 -21.16
C LEU F 145 -13.61 -23.22 -20.44
N SER F 146 -13.91 -22.03 -19.92
CA SER F 146 -13.02 -21.25 -19.06
C SER F 146 -11.61 -21.18 -19.65
N CYS F 147 -11.54 -20.84 -20.93
CA CYS F 147 -10.28 -20.90 -21.66
C CYS F 147 -10.00 -19.54 -22.31
N TRP F 148 -9.20 -19.56 -23.36
CA TRP F 148 -8.83 -18.35 -24.08
C TRP F 148 -8.39 -18.76 -25.48
N LEU F 149 -8.03 -17.76 -26.28
CA LEU F 149 -7.52 -18.01 -27.62
C LEU F 149 -6.01 -17.90 -27.59
N PRO F 150 -5.27 -19.00 -27.72
CA PRO F 150 -3.81 -18.91 -27.75
C PRO F 150 -3.31 -18.45 -29.12
N LEU F 151 -2.19 -17.73 -29.10
CA LEU F 151 -1.56 -17.21 -30.32
C LEU F 151 -2.53 -16.34 -31.12
N ARG F 152 -3.32 -15.54 -30.41
CA ARG F 152 -4.32 -14.71 -31.08
C ARG F 152 -3.67 -13.70 -32.03
N ALA F 153 -2.41 -13.32 -31.79
CA ALA F 153 -1.74 -12.35 -32.64
C ALA F 153 -1.31 -12.93 -33.99
N SER F 154 -1.31 -14.25 -34.15
CA SER F 154 -0.98 -14.90 -35.41
C SER F 154 -2.21 -15.23 -36.26
N PHE F 155 -3.37 -14.64 -35.94
CA PHE F 155 -4.57 -14.82 -36.74
C PHE F 155 -4.85 -13.57 -37.56
N PRO F 156 -5.37 -13.73 -38.78
CA PRO F 156 -5.73 -12.55 -39.60
C PRO F 156 -6.86 -11.76 -38.96
N GLN F 157 -7.15 -10.61 -39.55
CA GLN F 157 -8.11 -9.66 -39.00
C GLN F 157 -9.53 -9.86 -39.53
N GLY F 158 -9.75 -10.85 -40.39
CA GLY F 158 -11.08 -11.16 -40.86
C GLY F 158 -11.38 -12.63 -40.67
N PRO F 159 -12.22 -13.19 -41.54
CA PRO F 159 -12.53 -14.62 -41.44
C PRO F 159 -11.33 -15.48 -41.82
N ILE F 160 -11.28 -16.68 -41.23
CA ILE F 160 -10.14 -17.56 -41.45
C ILE F 160 -10.23 -18.26 -42.79
N GLY F 161 -11.43 -18.71 -43.18
CA GLY F 161 -11.59 -19.48 -44.40
C GLY F 161 -11.05 -20.88 -44.27
N GLY F 162 -11.75 -21.85 -44.88
CA GLY F 162 -11.35 -23.24 -44.81
C GLY F 162 -12.47 -24.11 -44.28
N ALA F 163 -12.08 -25.18 -43.58
CA ALA F 163 -13.05 -26.18 -43.16
C ALA F 163 -14.13 -25.59 -42.25
N ASN F 164 -13.74 -24.74 -41.31
CA ASN F 164 -14.59 -24.36 -40.19
C ASN F 164 -14.92 -22.87 -40.19
N ARG F 165 -15.28 -22.31 -41.35
CA ARG F 165 -15.73 -20.92 -41.38
C ARG F 165 -17.00 -20.73 -40.56
N ASP F 166 -17.85 -21.75 -40.50
CA ASP F 166 -19.15 -21.66 -39.83
C ASP F 166 -19.27 -22.65 -38.69
N ILE F 167 -18.15 -22.98 -38.04
CA ILE F 167 -18.17 -23.96 -36.96
C ILE F 167 -18.92 -23.38 -35.77
N SER F 168 -19.81 -24.18 -35.18
CA SER F 168 -20.51 -23.76 -33.97
C SER F 168 -19.56 -23.83 -32.79
N ILE F 169 -19.57 -22.79 -31.96
CA ILE F 169 -18.68 -22.70 -30.80
C ILE F 169 -19.51 -22.33 -29.58
N LEU F 170 -19.39 -23.12 -28.53
CA LEU F 170 -19.97 -22.81 -27.23
C LEU F 170 -18.84 -22.48 -26.27
N GLN F 171 -18.84 -21.26 -25.74
CA GLN F 171 -17.84 -20.82 -24.77
C GLN F 171 -18.50 -20.62 -23.42
N CYS F 172 -17.92 -21.23 -22.39
CA CYS F 172 -18.44 -21.15 -21.03
C CYS F 172 -17.38 -20.56 -20.12
N HIS F 173 -17.82 -19.85 -19.08
CA HIS F 173 -16.90 -19.17 -18.19
C HIS F 173 -17.63 -18.76 -16.92
N GLY F 174 -16.93 -18.82 -15.78
CA GLY F 174 -17.47 -18.33 -14.53
C GLY F 174 -17.03 -16.90 -14.27
N ASP F 175 -17.95 -16.10 -13.75
CA ASP F 175 -17.65 -14.70 -13.50
C ASP F 175 -16.74 -14.47 -12.29
N CYS F 176 -16.37 -15.54 -11.58
CA CYS F 176 -15.47 -15.45 -10.44
C CYS F 176 -14.21 -16.27 -10.65
N ASP F 177 -13.83 -16.48 -11.91
CA ASP F 177 -12.67 -17.30 -12.23
C ASP F 177 -11.39 -16.59 -11.79
N PRO F 178 -10.64 -17.13 -10.84
CA PRO F 178 -9.42 -16.46 -10.37
C PRO F 178 -8.17 -16.77 -11.16
N LEU F 179 -8.17 -17.81 -12.00
CA LEU F 179 -7.01 -18.19 -12.77
C LEU F 179 -7.07 -17.70 -14.21
N VAL F 180 -8.23 -17.78 -14.84
CA VAL F 180 -8.48 -17.21 -16.16
C VAL F 180 -9.62 -16.23 -16.04
N PRO F 181 -9.32 -14.92 -15.98
CA PRO F 181 -10.38 -13.93 -15.71
C PRO F 181 -11.48 -13.97 -16.76
N LEU F 182 -12.70 -13.64 -16.31
CA LEU F 182 -13.83 -13.53 -17.24
C LEU F 182 -13.51 -12.61 -18.40
N MET F 183 -12.67 -11.59 -18.16
CA MET F 183 -12.23 -10.70 -19.23
C MET F 183 -11.57 -11.47 -20.36
N PHE F 184 -10.79 -12.51 -20.03
CA PHE F 184 -10.09 -13.27 -21.06
C PHE F 184 -11.08 -14.00 -21.96
N GLY F 185 -12.06 -14.68 -21.36
CA GLY F 185 -13.07 -15.35 -22.16
C GLY F 185 -13.91 -14.38 -22.96
N SER F 186 -14.29 -13.26 -22.35
CA SER F 186 -15.07 -12.24 -23.06
C SER F 186 -14.26 -11.66 -24.21
N LEU F 187 -12.98 -11.39 -24.00
CA LEU F 187 -12.12 -10.93 -25.08
C LEU F 187 -11.94 -11.99 -26.15
N THR F 188 -11.98 -13.27 -25.75
CA THR F 188 -11.81 -14.35 -26.72
C THR F 188 -13.03 -14.50 -27.61
N VAL F 189 -14.23 -14.44 -27.02
CA VAL F 189 -15.45 -14.61 -27.81
C VAL F 189 -15.61 -13.46 -28.79
N GLU F 190 -15.17 -12.25 -28.43
CA GLU F 190 -15.25 -11.12 -29.36
C GLU F 190 -14.29 -11.31 -30.52
N LYS F 191 -13.12 -11.88 -30.26
CA LYS F 191 -12.20 -12.24 -31.33
C LYS F 191 -12.80 -13.33 -32.21
N LEU F 192 -13.35 -14.37 -31.59
CA LEU F 192 -13.88 -15.51 -32.35
C LEU F 192 -14.94 -15.07 -33.35
N LYS F 193 -15.80 -14.13 -32.95
CA LYS F 193 -16.80 -13.59 -33.87
C LYS F 193 -16.18 -12.88 -35.06
N THR F 194 -14.87 -12.66 -35.07
CA THR F 194 -14.17 -12.11 -36.22
C THR F 194 -13.60 -13.21 -37.11
N LEU F 195 -13.23 -14.34 -36.54
CA LEU F 195 -12.66 -15.45 -37.32
C LEU F 195 -13.71 -16.32 -37.99
N VAL F 196 -14.82 -16.59 -37.32
CA VAL F 196 -15.86 -17.48 -37.84
C VAL F 196 -17.21 -16.78 -37.75
N ASN F 197 -18.22 -17.43 -38.32
CA ASN F 197 -19.59 -16.94 -38.37
C ASN F 197 -20.11 -16.63 -36.97
N PRO F 198 -20.30 -15.36 -36.62
CA PRO F 198 -20.69 -15.02 -35.24
C PRO F 198 -22.10 -15.46 -34.85
N ALA F 199 -22.94 -15.82 -35.81
CA ALA F 199 -24.27 -16.32 -35.46
C ALA F 199 -24.23 -17.71 -34.85
N ASN F 200 -23.09 -18.39 -34.89
CA ASN F 200 -22.93 -19.72 -34.33
C ASN F 200 -21.97 -19.74 -33.14
N VAL F 201 -21.77 -18.60 -32.48
CA VAL F 201 -20.84 -18.47 -31.38
C VAL F 201 -21.63 -18.06 -30.14
N THR F 202 -21.81 -19.00 -29.21
CA THR F 202 -22.60 -18.79 -28.02
C THR F 202 -21.69 -18.63 -26.81
N PHE F 203 -21.89 -17.56 -26.05
CA PHE F 203 -21.10 -17.26 -24.86
C PHE F 203 -22.01 -17.30 -23.64
N LYS F 204 -21.62 -18.12 -22.65
CA LYS F 204 -22.43 -18.33 -21.46
C LYS F 204 -21.59 -18.14 -20.21
N THR F 205 -22.08 -17.33 -19.29
CA THR F 205 -21.41 -17.06 -18.02
C THR F 205 -22.24 -17.61 -16.87
N TYR F 206 -21.57 -18.11 -15.84
CA TYR F 206 -22.23 -18.76 -14.71
C TYR F 206 -21.85 -18.02 -13.44
N GLU F 207 -22.86 -17.45 -12.77
CA GLU F 207 -22.62 -16.58 -11.63
C GLU F 207 -22.11 -17.37 -10.43
N GLY F 208 -21.02 -16.90 -9.84
CA GLY F 208 -20.43 -17.52 -8.67
C GLY F 208 -19.40 -18.60 -8.98
N MET F 209 -19.41 -19.15 -10.19
CA MET F 209 -18.47 -20.21 -10.54
C MET F 209 -17.07 -19.65 -10.72
N MET F 210 -16.09 -20.39 -10.22
CA MET F 210 -14.69 -19.97 -10.34
C MET F 210 -14.03 -20.71 -11.50
N HIS F 211 -12.79 -21.17 -11.31
CA HIS F 211 -12.12 -21.98 -12.32
C HIS F 211 -12.53 -23.43 -12.08
N SER F 212 -13.76 -23.73 -12.48
CA SER F 212 -14.40 -24.97 -12.06
C SER F 212 -15.51 -25.32 -13.04
N SER F 213 -16.43 -26.18 -12.60
CA SER F 213 -17.64 -26.50 -13.34
C SER F 213 -18.84 -26.33 -12.43
N CYS F 214 -20.01 -26.26 -13.05
CA CYS F 214 -21.28 -26.34 -12.34
C CYS F 214 -22.21 -27.23 -13.16
N GLN F 215 -23.32 -27.64 -12.56
CA GLN F 215 -24.19 -28.59 -13.24
C GLN F 215 -24.92 -27.93 -14.41
N GLN F 216 -25.28 -26.65 -14.28
CA GLN F 216 -25.94 -25.97 -15.39
C GLN F 216 -25.01 -25.85 -16.59
N GLU F 217 -23.72 -25.68 -16.34
CA GLU F 217 -22.74 -25.71 -17.42
C GLU F 217 -22.78 -27.05 -18.14
N MET F 218 -22.80 -28.15 -17.36
CA MET F 218 -22.84 -29.48 -17.96
C MET F 218 -24.16 -29.70 -18.71
N MET F 219 -25.26 -29.15 -18.19
CA MET F 219 -26.52 -29.20 -18.92
C MET F 219 -26.39 -28.47 -20.25
N ASP F 220 -25.78 -27.28 -20.23
CA ASP F 220 -25.65 -26.49 -21.45
C ASP F 220 -24.71 -27.15 -22.45
N VAL F 221 -23.68 -27.84 -21.98
CA VAL F 221 -22.83 -28.60 -22.90
C VAL F 221 -23.61 -29.77 -23.48
N LYS F 222 -24.41 -30.44 -22.65
CA LYS F 222 -25.17 -31.60 -23.12
C LYS F 222 -26.22 -31.20 -24.14
N GLN F 223 -26.91 -30.08 -23.91
CA GLN F 223 -27.84 -29.56 -24.92
C GLN F 223 -27.10 -29.21 -26.21
N PHE F 224 -25.88 -28.70 -26.08
CA PHE F 224 -25.08 -28.35 -27.25
C PHE F 224 -24.65 -29.59 -28.03
N ILE F 225 -24.26 -30.65 -27.31
CA ILE F 225 -23.81 -31.86 -27.98
C ILE F 225 -24.98 -32.59 -28.62
N ASP F 226 -26.13 -32.62 -27.94
CA ASP F 226 -27.31 -33.31 -28.48
C ASP F 226 -27.83 -32.60 -29.73
N LYS F 227 -27.69 -31.27 -29.80
CA LYS F 227 -28.21 -30.53 -30.95
C LYS F 227 -27.26 -30.61 -32.14
N LEU F 228 -25.96 -30.52 -31.89
CA LEU F 228 -24.99 -30.54 -32.98
C LEU F 228 -24.70 -31.94 -33.48
N LEU F 229 -24.94 -32.96 -32.66
CA LEU F 229 -24.72 -34.36 -33.02
C LEU F 229 -25.97 -35.17 -32.73
N PRO F 230 -27.01 -35.03 -33.56
CA PRO F 230 -28.24 -35.80 -33.36
C PRO F 230 -28.02 -37.26 -33.72
N PRO F 231 -28.96 -38.14 -33.36
CA PRO F 231 -28.79 -39.57 -33.67
C PRO F 231 -28.93 -39.87 -35.16
N ILE F 232 -28.27 -40.96 -35.57
CA ILE F 232 -28.22 -41.41 -36.97
C ILE F 232 -28.01 -40.25 -37.94
C1 PLM G . -24.41 -0.96 31.75
O1 PLM G . -25.36 -0.75 30.97
O2 PLM G . -23.32 -0.36 31.68
C2 PLM G . -24.59 -2.01 32.83
C3 PLM G . -23.40 -2.89 33.05
C4 PLM G . -23.78 -4.26 33.57
C5 PLM G . -24.74 -5.02 32.68
C6 PLM G . -25.05 -6.42 33.15
C7 PLM G . -24.90 -7.49 32.09
C8 PLM G . -25.92 -8.59 32.19
C9 PLM G . -25.99 -9.48 30.96
CA PLM G . -26.23 -10.93 31.26
CB PLM G . -27.14 -11.63 30.27
CC PLM G . -26.41 -12.34 29.17
CD PLM G . -27.31 -12.97 28.13
CE PLM G . -26.59 -13.54 26.93
CF PLM G . -27.46 -13.74 25.72
CG PLM G . -26.88 -14.72 24.72
C1 PLM H . 4.38 13.58 11.26
O1 PLM H . 3.53 14.09 12.05
O2 PLM H . 5.32 14.29 10.82
C2 PLM H . 4.26 12.12 10.83
C3 PLM H . 5.52 11.69 10.08
C4 PLM H . 6.02 10.33 10.56
C5 PLM H . 7.45 10.12 10.04
C6 PLM H . 8.09 8.86 10.63
C7 PLM H . 9.59 9.11 10.82
C8 PLM H . 10.45 8.05 10.14
C9 PLM H . 10.42 6.75 10.95
CA PLM H . 11.58 6.69 11.94
CB PLM H . 11.57 5.31 12.61
CC PLM H . 12.42 5.29 13.87
CD PLM H . 12.02 4.08 14.71
CE PLM H . 13.25 3.41 15.32
CF PLM H . 13.56 4.04 16.68
CG PLM H . 14.51 3.13 17.46
CL CL I . 1.24 32.88 32.80
#